data_1CZJ
# 
_entry.id   1CZJ 
# 
_audit_conform.dict_name       mmcif_pdbx.dic 
_audit_conform.dict_version    5.398 
_audit_conform.dict_location   http://mmcif.pdb.org/dictionaries/ascii/mmcif_pdbx.dic 
# 
loop_
_database_2.database_id 
_database_2.database_code 
_database_2.pdbx_database_accession 
_database_2.pdbx_DOI 
PDB   1CZJ         pdb_00001czj 10.2210/pdb1czj/pdb 
WWPDB D_1000172613 ?            ?                   
# 
loop_
_pdbx_audit_revision_history.ordinal 
_pdbx_audit_revision_history.data_content_type 
_pdbx_audit_revision_history.major_revision 
_pdbx_audit_revision_history.minor_revision 
_pdbx_audit_revision_history.revision_date 
1 'Structure model' 1 0 1996-07-11 
2 'Structure model' 1 1 2008-03-24 
3 'Structure model' 1 2 2011-07-13 
4 'Structure model' 1 3 2024-06-05 
5 'Structure model' 1 4 2024-11-06 
# 
_pdbx_audit_revision_details.ordinal             1 
_pdbx_audit_revision_details.revision_ordinal    1 
_pdbx_audit_revision_details.data_content_type   'Structure model' 
_pdbx_audit_revision_details.provider            repository 
_pdbx_audit_revision_details.type                'Initial release' 
_pdbx_audit_revision_details.description         ? 
_pdbx_audit_revision_details.details             ? 
# 
loop_
_pdbx_audit_revision_group.ordinal 
_pdbx_audit_revision_group.revision_ordinal 
_pdbx_audit_revision_group.data_content_type 
_pdbx_audit_revision_group.group 
1 2 'Structure model' 'Version format compliance' 
2 3 'Structure model' 'Derived calculations'      
3 3 'Structure model' 'Version format compliance' 
4 4 'Structure model' 'Data collection'           
5 4 'Structure model' 'Database references'       
6 4 'Structure model' 'Derived calculations'      
7 4 'Structure model' Other                       
8 5 'Structure model' 'Structure summary'         
# 
loop_
_pdbx_audit_revision_category.ordinal 
_pdbx_audit_revision_category.revision_ordinal 
_pdbx_audit_revision_category.data_content_type 
_pdbx_audit_revision_category.category 
1  4 'Structure model' chem_comp_atom            
2  4 'Structure model' chem_comp_bond            
3  4 'Structure model' database_2                
4  4 'Structure model' pdbx_database_status      
5  4 'Structure model' pdbx_struct_conn_angle    
6  4 'Structure model' struct_conn               
7  4 'Structure model' struct_conn_type          
8  4 'Structure model' struct_site               
9  5 'Structure model' pdbx_entry_details        
10 5 'Structure model' pdbx_modification_feature 
# 
loop_
_pdbx_audit_revision_item.ordinal 
_pdbx_audit_revision_item.revision_ordinal 
_pdbx_audit_revision_item.data_content_type 
_pdbx_audit_revision_item.item 
1  4 'Structure model' '_database_2.pdbx_DOI'                        
2  4 'Structure model' '_database_2.pdbx_database_accession'         
3  4 'Structure model' '_pdbx_database_status.process_site'          
4  4 'Structure model' '_pdbx_struct_conn_angle.ptnr1_auth_seq_id'   
5  4 'Structure model' '_pdbx_struct_conn_angle.ptnr1_label_asym_id' 
6  4 'Structure model' '_pdbx_struct_conn_angle.ptnr1_label_seq_id'  
7  4 'Structure model' '_pdbx_struct_conn_angle.ptnr2_auth_seq_id'   
8  4 'Structure model' '_pdbx_struct_conn_angle.ptnr2_label_asym_id' 
9  4 'Structure model' '_pdbx_struct_conn_angle.ptnr3_auth_seq_id'   
10 4 'Structure model' '_pdbx_struct_conn_angle.ptnr3_label_asym_id' 
11 4 'Structure model' '_pdbx_struct_conn_angle.ptnr3_label_seq_id'  
12 4 'Structure model' '_pdbx_struct_conn_angle.value'               
13 4 'Structure model' '_struct_conn.conn_type_id'                   
14 4 'Structure model' '_struct_conn.id'                             
15 4 'Structure model' '_struct_conn.pdbx_dist_value'                
16 4 'Structure model' '_struct_conn.pdbx_leaving_atom_flag'         
17 4 'Structure model' '_struct_conn.ptnr1_auth_comp_id'             
18 4 'Structure model' '_struct_conn.ptnr1_auth_seq_id'              
19 4 'Structure model' '_struct_conn.ptnr1_label_asym_id'            
20 4 'Structure model' '_struct_conn.ptnr1_label_atom_id'            
21 4 'Structure model' '_struct_conn.ptnr1_label_comp_id'            
22 4 'Structure model' '_struct_conn.ptnr1_label_seq_id'             
23 4 'Structure model' '_struct_conn.ptnr2_auth_comp_id'             
24 4 'Structure model' '_struct_conn.ptnr2_auth_seq_id'              
25 4 'Structure model' '_struct_conn.ptnr2_label_asym_id'            
26 4 'Structure model' '_struct_conn.ptnr2_label_atom_id'            
27 4 'Structure model' '_struct_conn.ptnr2_label_comp_id'            
28 4 'Structure model' '_struct_conn.ptnr2_label_seq_id'             
29 4 'Structure model' '_struct_conn_type.id'                        
30 4 'Structure model' '_struct_site.pdbx_auth_asym_id'              
31 4 'Structure model' '_struct_site.pdbx_auth_comp_id'              
32 4 'Structure model' '_struct_site.pdbx_auth_seq_id'               
# 
_pdbx_database_status.status_code                     REL 
_pdbx_database_status.entry_id                        1CZJ 
_pdbx_database_status.recvd_initial_deposition_date   1996-01-12 
_pdbx_database_status.deposit_site                    ? 
_pdbx_database_status.process_site                    BNL 
_pdbx_database_status.status_code_sf                  REL 
_pdbx_database_status.status_code_mr                  ? 
_pdbx_database_status.SG_entry                        ? 
_pdbx_database_status.pdb_format_compatible           Y 
_pdbx_database_status.status_code_cs                  ? 
_pdbx_database_status.status_code_nmr_data            ? 
_pdbx_database_status.methods_development_category    ? 
# 
loop_
_audit_author.name 
_audit_author.pdbx_ordinal 
'Czjzek, M.' 1 
'Haser, R.'  2 
# 
loop_
_citation.id 
_citation.title 
_citation.journal_abbrev 
_citation.journal_volume 
_citation.page_first 
_citation.page_last 
_citation.year 
_citation.journal_id_ASTM 
_citation.country 
_citation.journal_id_ISSN 
_citation.journal_id_CSD 
_citation.book_publisher 
_citation.pdbx_database_id_PubMed 
_citation.pdbx_database_id_DOI 
primary 'Crystal structure of a dimeric octaheme cytochrome c3 (M(r) 26,000) from Desulfovibrio desulfuricans Norway.' Structure 4 
395 404 1996 STRUE6 UK 0969-2126 2005 ? 8740362 '10.1016/S0969-2126(96)00045-7' 
1       'Molecular and Structural Basis of Electron Transfer in Tetra-and Octa-Heme Cytochromes'                       Biochimie 
76 546 ?   1994 BICMBE FR 0300-9084 0466 ? ?       ?                               
# 
loop_
_citation_author.citation_id 
_citation_author.name 
_citation_author.ordinal 
_citation_author.identifier_ORCID 
primary 'Czjzek, M.'      1 ? 
primary 'Guerlesquin, F.' 2 ? 
primary 'Bruschi, M.'     3 ? 
primary 'Haser, R.'       4 ? 
1       'Czjzek, M.'      5 ? 
1       'Payan, F.'       6 ? 
1       'Haser, R.'       7 ? 
# 
loop_
_entity.id 
_entity.type 
_entity.src_method 
_entity.pdbx_description 
_entity.formula_weight 
_entity.pdbx_number_of_molecules 
_entity.pdbx_ec 
_entity.pdbx_mutation 
_entity.pdbx_fragment 
_entity.details 
1 polymer     nat 'CYTOCHROME C3'                   12540.961 1  ? ? ? ? 
2 non-polymer syn 'SULFATE ION'                     96.063    1  ? ? ? ? 
3 non-polymer syn 'PROTOPORPHYRIN IX CONTAINING FE' 616.487   4  ? ? ? ? 
4 water       nat water                             18.015    66 ? ? ? ? 
# 
_entity_poly.entity_id                      1 
_entity_poly.type                           'polypeptide(L)' 
_entity_poly.nstd_linkage                   no 
_entity_poly.nstd_monomer                   no 
_entity_poly.pdbx_seq_one_letter_code       
;ETFEIPESVTMSPKQFEGYTPKKGDVTFNHASHMDIACQQCHHTVPDTYTIESCMTEGCHDNIKERTEISSVYRTFHTTK
DSEKSCVGCHRELKRQGPSDAPLACNSCHVQ
;
_entity_poly.pdbx_seq_one_letter_code_can   
;ETFEIPESVTMSPKQFEGYTPKKGDVTFNHASHMDIACQQCHHTVPDTYTIESCMTEGCHDNIKERTEISSVYRTFHTTK
DSEKSCVGCHRELKRQGPSDAPLACNSCHVQ
;
_entity_poly.pdbx_strand_id                 A 
_entity_poly.pdbx_target_identifier         ? 
# 
loop_
_pdbx_entity_nonpoly.entity_id 
_pdbx_entity_nonpoly.name 
_pdbx_entity_nonpoly.comp_id 
2 'SULFATE ION'                     SO4 
3 'PROTOPORPHYRIN IX CONTAINING FE' HEM 
4 water                             HOH 
# 
loop_
_entity_poly_seq.entity_id 
_entity_poly_seq.num 
_entity_poly_seq.mon_id 
_entity_poly_seq.hetero 
1 1   GLU n 
1 2   THR n 
1 3   PHE n 
1 4   GLU n 
1 5   ILE n 
1 6   PRO n 
1 7   GLU n 
1 8   SER n 
1 9   VAL n 
1 10  THR n 
1 11  MET n 
1 12  SER n 
1 13  PRO n 
1 14  LYS n 
1 15  GLN n 
1 16  PHE n 
1 17  GLU n 
1 18  GLY n 
1 19  TYR n 
1 20  THR n 
1 21  PRO n 
1 22  LYS n 
1 23  LYS n 
1 24  GLY n 
1 25  ASP n 
1 26  VAL n 
1 27  THR n 
1 28  PHE n 
1 29  ASN n 
1 30  HIS n 
1 31  ALA n 
1 32  SER n 
1 33  HIS n 
1 34  MET n 
1 35  ASP n 
1 36  ILE n 
1 37  ALA n 
1 38  CYS n 
1 39  GLN n 
1 40  GLN n 
1 41  CYS n 
1 42  HIS n 
1 43  HIS n 
1 44  THR n 
1 45  VAL n 
1 46  PRO n 
1 47  ASP n 
1 48  THR n 
1 49  TYR n 
1 50  THR n 
1 51  ILE n 
1 52  GLU n 
1 53  SER n 
1 54  CYS n 
1 55  MET n 
1 56  THR n 
1 57  GLU n 
1 58  GLY n 
1 59  CYS n 
1 60  HIS n 
1 61  ASP n 
1 62  ASN n 
1 63  ILE n 
1 64  LYS n 
1 65  GLU n 
1 66  ARG n 
1 67  THR n 
1 68  GLU n 
1 69  ILE n 
1 70  SER n 
1 71  SER n 
1 72  VAL n 
1 73  TYR n 
1 74  ARG n 
1 75  THR n 
1 76  PHE n 
1 77  HIS n 
1 78  THR n 
1 79  THR n 
1 80  LYS n 
1 81  ASP n 
1 82  SER n 
1 83  GLU n 
1 84  LYS n 
1 85  SER n 
1 86  CYS n 
1 87  VAL n 
1 88  GLY n 
1 89  CYS n 
1 90  HIS n 
1 91  ARG n 
1 92  GLU n 
1 93  LEU n 
1 94  LYS n 
1 95  ARG n 
1 96  GLN n 
1 97  GLY n 
1 98  PRO n 
1 99  SER n 
1 100 ASP n 
1 101 ALA n 
1 102 PRO n 
1 103 LEU n 
1 104 ALA n 
1 105 CYS n 
1 106 ASN n 
1 107 SER n 
1 108 CYS n 
1 109 HIS n 
1 110 VAL n 
1 111 GLN n 
# 
_entity_src_nat.entity_id                  1 
_entity_src_nat.pdbx_src_id                1 
_entity_src_nat.pdbx_alt_source_flag       sample 
_entity_src_nat.pdbx_beg_seq_num           ? 
_entity_src_nat.pdbx_end_seq_num           ? 
_entity_src_nat.common_name                ? 
_entity_src_nat.pdbx_organism_scientific   'Desulfomicrobium norvegicum' 
_entity_src_nat.pdbx_ncbi_taxonomy_id      52561 
_entity_src_nat.genus                      Desulfomicrobium 
_entity_src_nat.species                    ? 
_entity_src_nat.strain                     'Norway 4' 
_entity_src_nat.tissue                     ? 
_entity_src_nat.tissue_fraction            ? 
_entity_src_nat.pdbx_secretion             ? 
_entity_src_nat.pdbx_fragment              ? 
_entity_src_nat.pdbx_variant               ? 
_entity_src_nat.pdbx_cell_line             ? 
_entity_src_nat.pdbx_atcc                  ? 
_entity_src_nat.pdbx_cellular_location     ? 
_entity_src_nat.pdbx_organ                 ? 
_entity_src_nat.pdbx_organelle             ? 
_entity_src_nat.pdbx_cell                  ? 
_entity_src_nat.pdbx_plasmid_name          ? 
_entity_src_nat.pdbx_plasmid_details       ? 
_entity_src_nat.details                    'SULFATE REDUCING BACTERIA' 
# 
loop_
_chem_comp.id 
_chem_comp.type 
_chem_comp.mon_nstd_flag 
_chem_comp.name 
_chem_comp.pdbx_synonyms 
_chem_comp.formula 
_chem_comp.formula_weight 
ALA 'L-peptide linking' y ALANINE                           ?    'C3 H7 N O2'       89.093  
ARG 'L-peptide linking' y ARGININE                          ?    'C6 H15 N4 O2 1'   175.209 
ASN 'L-peptide linking' y ASPARAGINE                        ?    'C4 H8 N2 O3'      132.118 
ASP 'L-peptide linking' y 'ASPARTIC ACID'                   ?    'C4 H7 N O4'       133.103 
CYS 'L-peptide linking' y CYSTEINE                          ?    'C3 H7 N O2 S'     121.158 
GLN 'L-peptide linking' y GLUTAMINE                         ?    'C5 H10 N2 O3'     146.144 
GLU 'L-peptide linking' y 'GLUTAMIC ACID'                   ?    'C5 H9 N O4'       147.129 
GLY 'peptide linking'   y GLYCINE                           ?    'C2 H5 N O2'       75.067  
HEM non-polymer         . 'PROTOPORPHYRIN IX CONTAINING FE' HEME 'C34 H32 Fe N4 O4' 616.487 
HIS 'L-peptide linking' y HISTIDINE                         ?    'C6 H10 N3 O2 1'   156.162 
HOH non-polymer         . WATER                             ?    'H2 O'             18.015  
ILE 'L-peptide linking' y ISOLEUCINE                        ?    'C6 H13 N O2'      131.173 
LEU 'L-peptide linking' y LEUCINE                           ?    'C6 H13 N O2'      131.173 
LYS 'L-peptide linking' y LYSINE                            ?    'C6 H15 N2 O2 1'   147.195 
MET 'L-peptide linking' y METHIONINE                        ?    'C5 H11 N O2 S'    149.211 
PHE 'L-peptide linking' y PHENYLALANINE                     ?    'C9 H11 N O2'      165.189 
PRO 'L-peptide linking' y PROLINE                           ?    'C5 H9 N O2'       115.130 
SER 'L-peptide linking' y SERINE                            ?    'C3 H7 N O3'       105.093 
SO4 non-polymer         . 'SULFATE ION'                     ?    'O4 S -2'          96.063  
THR 'L-peptide linking' y THREONINE                         ?    'C4 H9 N O3'       119.119 
TYR 'L-peptide linking' y TYROSINE                          ?    'C9 H11 N O3'      181.189 
VAL 'L-peptide linking' y VALINE                            ?    'C5 H11 N O2'      117.146 
# 
loop_
_pdbx_poly_seq_scheme.asym_id 
_pdbx_poly_seq_scheme.entity_id 
_pdbx_poly_seq_scheme.seq_id 
_pdbx_poly_seq_scheme.mon_id 
_pdbx_poly_seq_scheme.ndb_seq_num 
_pdbx_poly_seq_scheme.pdb_seq_num 
_pdbx_poly_seq_scheme.auth_seq_num 
_pdbx_poly_seq_scheme.pdb_mon_id 
_pdbx_poly_seq_scheme.auth_mon_id 
_pdbx_poly_seq_scheme.pdb_strand_id 
_pdbx_poly_seq_scheme.pdb_ins_code 
_pdbx_poly_seq_scheme.hetero 
A 1 1   GLU 1   1   ?   ?   ?   A . n 
A 1 2   THR 2   2   2   THR THR A . n 
A 1 3   PHE 3   3   3   PHE PHE A . n 
A 1 4   GLU 4   4   4   GLU GLU A . n 
A 1 5   ILE 5   5   5   ILE ILE A . n 
A 1 6   PRO 6   6   6   PRO PRO A . n 
A 1 7   GLU 7   7   7   GLU GLU A . n 
A 1 8   SER 8   8   8   SER SER A . n 
A 1 9   VAL 9   9   9   VAL VAL A . n 
A 1 10  THR 10  10  10  THR THR A . n 
A 1 11  MET 11  11  11  MET MET A . n 
A 1 12  SER 12  12  12  SER SER A . n 
A 1 13  PRO 13  13  13  PRO PRO A . n 
A 1 14  LYS 14  14  14  LYS LYS A . n 
A 1 15  GLN 15  15  15  GLN GLN A . n 
A 1 16  PHE 16  16  16  PHE PHE A . n 
A 1 17  GLU 17  17  17  GLU GLU A . n 
A 1 18  GLY 18  18  18  GLY GLY A . n 
A 1 19  TYR 19  19  19  TYR TYR A . n 
A 1 20  THR 20  20  20  THR THR A . n 
A 1 21  PRO 21  21  21  PRO PRO A . n 
A 1 22  LYS 22  22  22  LYS LYS A . n 
A 1 23  LYS 23  23  23  LYS LYS A . n 
A 1 24  GLY 24  24  24  GLY GLY A . n 
A 1 25  ASP 25  25  25  ASP ASP A . n 
A 1 26  VAL 26  26  26  VAL VAL A . n 
A 1 27  THR 27  27  27  THR THR A . n 
A 1 28  PHE 28  28  28  PHE PHE A . n 
A 1 29  ASN 29  29  29  ASN ASN A . n 
A 1 30  HIS 30  30  30  HIS HIS A . n 
A 1 31  ALA 31  31  31  ALA ALA A . n 
A 1 32  SER 32  32  32  SER SER A . n 
A 1 33  HIS 33  33  33  HIS HIS A . n 
A 1 34  MET 34  34  34  MET MET A . n 
A 1 35  ASP 35  35  35  ASP ASP A . n 
A 1 36  ILE 36  36  36  ILE ILE A . n 
A 1 37  ALA 37  37  37  ALA ALA A . n 
A 1 38  CYS 38  38  38  CYS CYS A . n 
A 1 39  GLN 39  39  39  GLN GLN A . n 
A 1 40  GLN 40  40  40  GLN GLN A . n 
A 1 41  CYS 41  41  41  CYS CYS A . n 
A 1 42  HIS 42  42  42  HIS HIS A . n 
A 1 43  HIS 43  43  43  HIS HIS A . n 
A 1 44  THR 44  44  44  THR THR A . n 
A 1 45  VAL 45  45  45  VAL VAL A . n 
A 1 46  PRO 46  46  46  PRO PRO A . n 
A 1 47  ASP 47  47  47  ASP ASP A . n 
A 1 48  THR 48  48  48  THR THR A . n 
A 1 49  TYR 49  49  49  TYR TYR A . n 
A 1 50  THR 50  50  50  THR THR A . n 
A 1 51  ILE 51  51  51  ILE ILE A . n 
A 1 52  GLU 52  52  52  GLU GLU A . n 
A 1 53  SER 53  53  53  SER SER A . n 
A 1 54  CYS 54  54  54  CYS CYS A . n 
A 1 55  MET 55  55  55  MET MET A . n 
A 1 56  THR 56  56  56  THR THR A . n 
A 1 57  GLU 57  57  57  GLU GLU A . n 
A 1 58  GLY 58  58  58  GLY GLY A . n 
A 1 59  CYS 59  59  59  CYS CYS A . n 
A 1 60  HIS 60  60  60  HIS HIS A . n 
A 1 61  ASP 61  61  61  ASP ASP A . n 
A 1 62  ASN 62  62  62  ASN ASN A . n 
A 1 63  ILE 63  63  63  ILE ILE A . n 
A 1 64  LYS 64  64  64  LYS LYS A . n 
A 1 65  GLU 65  65  65  GLU GLU A . n 
A 1 66  ARG 66  66  66  ARG ARG A . n 
A 1 67  THR 67  67  67  THR THR A . n 
A 1 68  GLU 68  68  68  GLU GLU A . n 
A 1 69  ILE 69  69  69  ILE ILE A . n 
A 1 70  SER 70  70  70  SER SER A . n 
A 1 71  SER 71  71  71  SER SER A . n 
A 1 72  VAL 72  72  72  VAL VAL A . n 
A 1 73  TYR 73  73  73  TYR TYR A . n 
A 1 74  ARG 74  74  74  ARG ARG A . n 
A 1 75  THR 75  75  75  THR THR A . n 
A 1 76  PHE 76  76  76  PHE PHE A . n 
A 1 77  HIS 77  77  77  HIS HIS A . n 
A 1 78  THR 78  78  78  THR THR A . n 
A 1 79  THR 79  79  79  THR THR A . n 
A 1 80  LYS 80  80  80  LYS LYS A . n 
A 1 81  ASP 81  81  81  ASP ASP A . n 
A 1 82  SER 82  82  82  SER SER A . n 
A 1 83  GLU 83  83  83  GLU GLU A . n 
A 1 84  LYS 84  84  84  LYS LYS A . n 
A 1 85  SER 85  85  85  SER SER A . n 
A 1 86  CYS 86  86  86  CYS CYS A . n 
A 1 87  VAL 87  87  87  VAL VAL A . n 
A 1 88  GLY 88  88  88  GLY GLY A . n 
A 1 89  CYS 89  89  89  CYS CYS A . n 
A 1 90  HIS 90  90  90  HIS HIS A . n 
A 1 91  ARG 91  91  91  ARG ARG A . n 
A 1 92  GLU 92  92  92  GLU GLU A . n 
A 1 93  LEU 93  93  93  LEU LEU A . n 
A 1 94  LYS 94  94  94  LYS LYS A . n 
A 1 95  ARG 95  95  95  ARG ARG A . n 
A 1 96  GLN 96  96  96  GLN GLN A . n 
A 1 97  GLY 97  97  97  GLY GLY A . n 
A 1 98  PRO 98  98  98  PRO PRO A . n 
A 1 99  SER 99  99  99  SER SER A . n 
A 1 100 ASP 100 100 100 ASP ASP A . n 
A 1 101 ALA 101 101 101 ALA ALA A . n 
A 1 102 PRO 102 102 102 PRO PRO A . n 
A 1 103 LEU 103 103 103 LEU LEU A . n 
A 1 104 ALA 104 104 104 ALA ALA A . n 
A 1 105 CYS 105 105 105 CYS CYS A . n 
A 1 106 ASN 106 106 106 ASN ASN A . n 
A 1 107 SER 107 107 107 SER SER A . n 
A 1 108 CYS 108 108 108 CYS CYS A . n 
A 1 109 HIS 109 109 109 HIS HIS A . n 
A 1 110 VAL 110 110 110 VAL VAL A . n 
A 1 111 GLN 111 111 111 GLN GLN A . n 
# 
loop_
_pdbx_nonpoly_scheme.asym_id 
_pdbx_nonpoly_scheme.entity_id 
_pdbx_nonpoly_scheme.mon_id 
_pdbx_nonpoly_scheme.ndb_seq_num 
_pdbx_nonpoly_scheme.pdb_seq_num 
_pdbx_nonpoly_scheme.auth_seq_num 
_pdbx_nonpoly_scheme.pdb_mon_id 
_pdbx_nonpoly_scheme.auth_mon_id 
_pdbx_nonpoly_scheme.pdb_strand_id 
_pdbx_nonpoly_scheme.pdb_ins_code 
B 2 SO4 1  200 200 SO4 SO4 A . 
C 3 HEM 1  119 119 HEM HEM A . 
D 3 HEM 1  120 120 HEM HEM A . 
E 3 HEM 1  121 121 HEM HEM A . 
F 3 HEM 1  122 122 HEM HEM A . 
G 4 HOH 1  201 201 HOH HOH A . 
G 4 HOH 2  202 202 HOH HOH A . 
G 4 HOH 3  203 203 HOH HOH A . 
G 4 HOH 4  204 204 HOH HOH A . 
G 4 HOH 5  205 205 HOH HOH A . 
G 4 HOH 6  206 206 HOH HOH A . 
G 4 HOH 7  207 207 HOH HOH A . 
G 4 HOH 8  208 208 HOH HOH A . 
G 4 HOH 9  209 209 HOH HOH A . 
G 4 HOH 10 210 210 HOH HOH A . 
G 4 HOH 11 211 211 HOH HOH A . 
G 4 HOH 12 212 212 HOH HOH A . 
G 4 HOH 13 213 213 HOH HOH A . 
G 4 HOH 14 214 214 HOH HOH A . 
G 4 HOH 15 215 215 HOH HOH A . 
G 4 HOH 16 216 216 HOH HOH A . 
G 4 HOH 17 217 217 HOH HOH A . 
G 4 HOH 18 218 218 HOH HOH A . 
G 4 HOH 19 219 219 HOH HOH A . 
G 4 HOH 20 220 220 HOH HOH A . 
G 4 HOH 21 221 221 HOH HOH A . 
G 4 HOH 22 222 222 HOH HOH A . 
G 4 HOH 23 223 223 HOH HOH A . 
G 4 HOH 24 224 224 HOH HOH A . 
G 4 HOH 25 225 225 HOH HOH A . 
G 4 HOH 26 226 226 HOH HOH A . 
G 4 HOH 27 227 227 HOH HOH A . 
G 4 HOH 28 228 228 HOH HOH A . 
G 4 HOH 29 229 229 HOH HOH A . 
G 4 HOH 30 230 230 HOH HOH A . 
G 4 HOH 31 231 231 HOH HOH A . 
G 4 HOH 32 232 232 HOH HOH A . 
G 4 HOH 33 233 233 HOH HOH A . 
G 4 HOH 34 234 234 HOH HOH A . 
G 4 HOH 35 235 235 HOH HOH A . 
G 4 HOH 36 236 236 HOH HOH A . 
G 4 HOH 37 237 237 HOH HOH A . 
G 4 HOH 38 238 238 HOH HOH A . 
G 4 HOH 39 239 239 HOH HOH A . 
G 4 HOH 40 240 240 HOH HOH A . 
G 4 HOH 41 241 241 HOH HOH A . 
G 4 HOH 42 242 242 HOH HOH A . 
G 4 HOH 43 243 243 HOH HOH A . 
G 4 HOH 44 244 244 HOH HOH A . 
G 4 HOH 45 245 245 HOH HOH A . 
G 4 HOH 46 246 246 HOH HOH A . 
G 4 HOH 47 247 247 HOH HOH A . 
G 4 HOH 48 248 248 HOH HOH A . 
G 4 HOH 49 249 249 HOH HOH A . 
G 4 HOH 50 250 250 HOH HOH A . 
G 4 HOH 51 251 251 HOH HOH A . 
G 4 HOH 52 252 252 HOH HOH A . 
G 4 HOH 53 253 253 HOH HOH A . 
G 4 HOH 54 254 254 HOH HOH A . 
G 4 HOH 55 255 255 HOH HOH A . 
G 4 HOH 56 256 256 HOH HOH A . 
G 4 HOH 57 257 257 HOH HOH A . 
G 4 HOH 58 258 258 HOH HOH A . 
G 4 HOH 59 259 259 HOH HOH A . 
G 4 HOH 60 260 260 HOH HOH A . 
G 4 HOH 61 261 261 HOH HOH A . 
G 4 HOH 62 262 262 HOH HOH A . 
G 4 HOH 63 263 263 HOH HOH A . 
G 4 HOH 64 264 264 HOH HOH A . 
G 4 HOH 65 265 265 HOH HOH A . 
G 4 HOH 66 266 266 HOH HOH A . 
# 
loop_
_software.name 
_software.classification 
_software.version 
_software.citation_id 
_software.pdbx_ordinal 
X-PLOR 'model building' 3.1 ? 1 
X-PLOR refinement       3.1 ? 2 
XDS    'data reduction' .   ? 3 
X-PLOR phasing          3.1 ? 4 
# 
_cell.entry_id           1CZJ 
_cell.length_a           73.710 
_cell.length_b           73.710 
_cell.length_c           57.250 
_cell.angle_alpha        90.00 
_cell.angle_beta         90.00 
_cell.angle_gamma        120.00 
_cell.Z_PDB              6 
_cell.pdbx_unique_axis   ? 
# 
_symmetry.entry_id                         1CZJ 
_symmetry.space_group_name_H-M             'P 31 2 1' 
_symmetry.pdbx_full_space_group_name_H-M   ? 
_symmetry.cell_setting                     ? 
_symmetry.Int_Tables_number                152 
# 
_exptl.entry_id          1CZJ 
_exptl.method            'X-RAY DIFFRACTION' 
_exptl.crystals_number   ? 
# 
_exptl_crystal.id                    1 
_exptl_crystal.density_meas          ? 
_exptl_crystal.density_Matthews      3.58 
_exptl_crystal.density_percent_sol   59. 
_exptl_crystal.description           ? 
# 
_exptl_crystal_grow.crystal_id      1 
_exptl_crystal_grow.method          ? 
_exptl_crystal_grow.temp            ? 
_exptl_crystal_grow.temp_details    ? 
_exptl_crystal_grow.pH              8.0 
_exptl_crystal_grow.pdbx_pH_range   ? 
_exptl_crystal_grow.pdbx_details    'THE CRYSTALS WERE GROWN AT 20 DEGREES C. DATA WAS COLLECTED AT AT 4 DEGREES C., pH 8.0' 
# 
_diffrn.id                     1 
_diffrn.ambient_temp           277 
_diffrn.ambient_temp_details   ? 
_diffrn.crystal_id             1 
# 
_diffrn_detector.diffrn_id              1 
_diffrn_detector.detector               'IMAGE PLATE' 
_diffrn_detector.type                   MARRESEARCH 
_diffrn_detector.pdbx_collection_date   1995-02-13 
_diffrn_detector.details                ? 
# 
_diffrn_radiation.diffrn_id                        1 
_diffrn_radiation.wavelength_id                    1 
_diffrn_radiation.pdbx_monochromatic_or_laue_m_l   M 
_diffrn_radiation.monochromator                    ? 
_diffrn_radiation.pdbx_diffrn_protocol             ? 
_diffrn_radiation.pdbx_scattering_type             x-ray 
# 
_diffrn_radiation_wavelength.id           1 
_diffrn_radiation_wavelength.wavelength   1.5418 
_diffrn_radiation_wavelength.wt           1.0 
# 
_diffrn_source.diffrn_id                   1 
_diffrn_source.source                      ? 
_diffrn_source.type                        ? 
_diffrn_source.pdbx_synchrotron_site       ? 
_diffrn_source.pdbx_synchrotron_beamline   ? 
_diffrn_source.pdbx_wavelength             1.5418 
_diffrn_source.pdbx_wavelength_list        ? 
# 
_reflns.entry_id                     1CZJ 
_reflns.observed_criterion_sigma_I   1. 
_reflns.observed_criterion_sigma_F   ? 
_reflns.d_resolution_low             30.0 
_reflns.d_resolution_high            2.16 
_reflns.number_obs                   9198 
_reflns.number_all                   ? 
_reflns.percent_possible_obs         92.4 
_reflns.pdbx_Rmerge_I_obs            0.0890000 
_reflns.pdbx_Rsym_value              ? 
_reflns.pdbx_netI_over_sigmaI        ? 
_reflns.B_iso_Wilson_estimate        ? 
_reflns.pdbx_redundancy              3.07 
_reflns.pdbx_ordinal                 1 
_reflns.pdbx_diffrn_id               1 
# 
_refine.entry_id                                 1CZJ 
_refine.ls_number_reflns_obs                     8455 
_refine.ls_number_reflns_all                     ? 
_refine.pdbx_ls_sigma_I                          ? 
_refine.pdbx_ls_sigma_F                          2.0 
_refine.pdbx_data_cutoff_high_absF               ? 
_refine.pdbx_data_cutoff_low_absF                ? 
_refine.pdbx_data_cutoff_high_rms_absF           ? 
_refine.ls_d_res_low                             12. 
_refine.ls_d_res_high                            2.16 
_refine.ls_percent_reflns_obs                    93.0 
_refine.ls_R_factor_obs                          0.2040000 
_refine.ls_R_factor_all                          ? 
_refine.ls_R_factor_R_work                       0.2040000 
_refine.ls_R_factor_R_free                       0.2630000 
_refine.ls_R_factor_R_free_error                 ? 
_refine.ls_R_factor_R_free_error_details         ? 
_refine.ls_percent_reflns_R_free                 10.00 
_refine.ls_number_reflns_R_free                  ? 
_refine.ls_number_parameters                     ? 
_refine.ls_number_restraints                     ? 
_refine.occupancy_min                            ? 
_refine.occupancy_max                            ? 
_refine.B_iso_mean                               26.1 
_refine.aniso_B[1][1]                            ? 
_refine.aniso_B[2][2]                            ? 
_refine.aniso_B[3][3]                            ? 
_refine.aniso_B[1][2]                            ? 
_refine.aniso_B[1][3]                            ? 
_refine.aniso_B[2][3]                            ? 
_refine.solvent_model_details                    ? 
_refine.solvent_model_param_ksol                 ? 
_refine.solvent_model_param_bsol                 ? 
_refine.pdbx_ls_cross_valid_method               ? 
_refine.details                                  ? 
_refine.pdbx_starting_model                      ? 
_refine.pdbx_method_to_determine_struct          ? 
_refine.pdbx_isotropic_thermal_model             ? 
_refine.pdbx_stereochemistry_target_values       ? 
_refine.pdbx_stereochem_target_val_spec_case     ? 
_refine.pdbx_R_Free_selection_details            ? 
_refine.pdbx_overall_ESU_R                       ? 
_refine.pdbx_overall_ESU_R_Free                  ? 
_refine.overall_SU_ML                            ? 
_refine.overall_SU_B                             ? 
_refine.pdbx_refine_id                           'X-RAY DIFFRACTION' 
_refine.pdbx_diffrn_id                           1 
_refine.pdbx_TLS_residual_ADP_flag               ? 
_refine.correlation_coeff_Fo_to_Fc               ? 
_refine.correlation_coeff_Fo_to_Fc_free          ? 
_refine.pdbx_solvent_vdw_probe_radii             ? 
_refine.pdbx_solvent_ion_probe_radii             ? 
_refine.pdbx_solvent_shrinkage_radii             ? 
_refine.pdbx_overall_phase_error                 ? 
_refine.overall_SU_R_Cruickshank_DPI             ? 
_refine.pdbx_overall_SU_R_free_Cruickshank_DPI   ? 
_refine.pdbx_overall_SU_R_Blow_DPI               ? 
_refine.pdbx_overall_SU_R_free_Blow_DPI          ? 
# 
_refine_analyze.entry_id                        1CZJ 
_refine_analyze.Luzzati_coordinate_error_obs    0.2 
_refine_analyze.Luzzati_sigma_a_obs             ? 
_refine_analyze.Luzzati_d_res_low_obs           ? 
_refine_analyze.Luzzati_coordinate_error_free   ? 
_refine_analyze.Luzzati_sigma_a_free            ? 
_refine_analyze.Luzzati_d_res_low_free          ? 
_refine_analyze.number_disordered_residues      ? 
_refine_analyze.occupancy_sum_hydrogen          ? 
_refine_analyze.occupancy_sum_non_hydrogen      ? 
_refine_analyze.pdbx_refine_id                  'X-RAY DIFFRACTION' 
# 
_refine_hist.pdbx_refine_id                   'X-RAY DIFFRACTION' 
_refine_hist.cycle_id                         LAST 
_refine_hist.pdbx_number_atoms_protein        862 
_refine_hist.pdbx_number_atoms_nucleic_acid   0 
_refine_hist.pdbx_number_atoms_ligand         177 
_refine_hist.number_atoms_solvent             66 
_refine_hist.number_atoms_total               1105 
_refine_hist.d_res_high                       2.16 
_refine_hist.d_res_low                        12. 
# 
loop_
_refine_ls_restr.type 
_refine_ls_restr.dev_ideal 
_refine_ls_restr.dev_ideal_target 
_refine_ls_restr.weight 
_refine_ls_restr.number 
_refine_ls_restr.pdbx_refine_id 
_refine_ls_restr.pdbx_restraint_function 
x_bond_d                0.008 ? ? ? 'X-RAY DIFFRACTION' ? 
x_bond_d_na             ?     ? ? ? 'X-RAY DIFFRACTION' ? 
x_bond_d_prot           ?     ? ? ? 'X-RAY DIFFRACTION' ? 
x_angle_d               ?     ? ? ? 'X-RAY DIFFRACTION' ? 
x_angle_d_na            ?     ? ? ? 'X-RAY DIFFRACTION' ? 
x_angle_d_prot          ?     ? ? ? 'X-RAY DIFFRACTION' ? 
x_angle_deg             1.746 ? ? ? 'X-RAY DIFFRACTION' ? 
x_angle_deg_na          ?     ? ? ? 'X-RAY DIFFRACTION' ? 
x_angle_deg_prot        ?     ? ? ? 'X-RAY DIFFRACTION' ? 
x_dihedral_angle_d      26.04 ? ? ? 'X-RAY DIFFRACTION' ? 
x_dihedral_angle_d_na   ?     ? ? ? 'X-RAY DIFFRACTION' ? 
x_dihedral_angle_d_prot ?     ? ? ? 'X-RAY DIFFRACTION' ? 
x_improper_angle_d      2.200 ? ? ? 'X-RAY DIFFRACTION' ? 
x_improper_angle_d_na   ?     ? ? ? 'X-RAY DIFFRACTION' ? 
x_improper_angle_d_prot ?     ? ? ? 'X-RAY DIFFRACTION' ? 
x_mcbond_it             ?     ? ? ? 'X-RAY DIFFRACTION' ? 
x_mcangle_it            ?     ? ? ? 'X-RAY DIFFRACTION' ? 
x_scbond_it             ?     ? ? ? 'X-RAY DIFFRACTION' ? 
x_scangle_it            ?     ? ? ? 'X-RAY DIFFRACTION' ? 
# 
_struct.entry_id                  1CZJ 
_struct.title                     'CYTOCHROME C OF CLASS III (AMBLER) 26 KD' 
_struct.pdbx_model_details        ? 
_struct.pdbx_CASP_flag            ? 
_struct.pdbx_model_type_details   ? 
# 
_struct_keywords.entry_id        1CZJ 
_struct_keywords.pdbx_keywords   'ELECTRON TRANSPORT' 
_struct_keywords.text            'OCTAHEME CYTOCHROME, ELECTRON TRANSPORT' 
# 
loop_
_struct_asym.id 
_struct_asym.pdbx_blank_PDB_chainid_flag 
_struct_asym.pdbx_modified 
_struct_asym.entity_id 
_struct_asym.details 
A N N 1 ? 
B N N 2 ? 
C N N 3 ? 
D N N 3 ? 
E N N 3 ? 
F N N 3 ? 
G N N 4 ? 
# 
_struct_ref.id                         1 
_struct_ref.db_name                    UNP 
_struct_ref.db_code                    CYC32_DESDN 
_struct_ref.entity_id                  1 
_struct_ref.pdbx_db_accession          P38554 
_struct_ref.pdbx_align_begin           1 
_struct_ref.pdbx_seq_one_letter_code   
;ETFEIPESVTMSPKQFEGYTPKKGDVTFNHASHMDIACQQCHHTVPDTYTIESCMTEGCHDNIKERTEISSVYRTFHTTK
DSEKSCVGCHRELKRQGPSDAPLACNSCHVQ
;
_struct_ref.pdbx_db_isoform            ? 
# 
_struct_ref_seq.align_id                      1 
_struct_ref_seq.ref_id                        1 
_struct_ref_seq.pdbx_PDB_id_code              1CZJ 
_struct_ref_seq.pdbx_strand_id                A 
_struct_ref_seq.seq_align_beg                 1 
_struct_ref_seq.pdbx_seq_align_beg_ins_code   ? 
_struct_ref_seq.seq_align_end                 111 
_struct_ref_seq.pdbx_seq_align_end_ins_code   ? 
_struct_ref_seq.pdbx_db_accession             P38554 
_struct_ref_seq.db_align_beg                  1 
_struct_ref_seq.pdbx_db_align_beg_ins_code    ? 
_struct_ref_seq.db_align_end                  111 
_struct_ref_seq.pdbx_db_align_end_ins_code    ? 
_struct_ref_seq.pdbx_auth_seq_align_beg       1 
_struct_ref_seq.pdbx_auth_seq_align_end       111 
# 
_pdbx_struct_assembly.id                   1 
_pdbx_struct_assembly.details              author_and_software_defined_assembly 
_pdbx_struct_assembly.method_details       PISA,PQS 
_pdbx_struct_assembly.oligomeric_details   dimeric 
_pdbx_struct_assembly.oligomeric_count     2 
# 
loop_
_pdbx_struct_assembly_prop.biol_id 
_pdbx_struct_assembly_prop.type 
_pdbx_struct_assembly_prop.value 
_pdbx_struct_assembly_prop.details 
1 'ABSA (A^2)' 11280 ? 
1 MORE         -217  ? 
1 'SSA (A^2)'  11970 ? 
# 
_pdbx_struct_assembly_gen.assembly_id       1 
_pdbx_struct_assembly_gen.oper_expression   1,2 
_pdbx_struct_assembly_gen.asym_id_list      A,B,C,D,E,F,G 
# 
loop_
_pdbx_struct_oper_list.id 
_pdbx_struct_oper_list.type 
_pdbx_struct_oper_list.name 
_pdbx_struct_oper_list.symmetry_operation 
_pdbx_struct_oper_list.matrix[1][1] 
_pdbx_struct_oper_list.matrix[1][2] 
_pdbx_struct_oper_list.matrix[1][3] 
_pdbx_struct_oper_list.vector[1] 
_pdbx_struct_oper_list.matrix[2][1] 
_pdbx_struct_oper_list.matrix[2][2] 
_pdbx_struct_oper_list.matrix[2][3] 
_pdbx_struct_oper_list.vector[2] 
_pdbx_struct_oper_list.matrix[3][1] 
_pdbx_struct_oper_list.matrix[3][2] 
_pdbx_struct_oper_list.matrix[3][3] 
_pdbx_struct_oper_list.vector[3] 
1 'identity operation'         1_555 x,y,z  1.0000000000  0.0000000000 0.0000000000  0.0000000000  0.0000000000 1.0000000000 0.0000000000  0.0000000000  0.0000000000  0.0000000000  1.0000000000  0.0000000000   
2 'crystal symmetry operation' 4_555 y,x,-z -0.8774927351 0.4783062598 -0.0350659625 14.7906771381 0.4783062598 0.8674556020 -0.1369083653 -5.8357670110 -0.0350659625 -0.1369083653 -0.9899628669 -27.9278941652 
# 
_struct_biol.id   1 
# 
loop_
_struct_conf.conf_type_id 
_struct_conf.id 
_struct_conf.pdbx_PDB_helix_id 
_struct_conf.beg_label_comp_id 
_struct_conf.beg_label_asym_id 
_struct_conf.beg_label_seq_id 
_struct_conf.pdbx_beg_PDB_ins_code 
_struct_conf.end_label_comp_id 
_struct_conf.end_label_asym_id 
_struct_conf.end_label_seq_id 
_struct_conf.pdbx_end_PDB_ins_code 
_struct_conf.beg_auth_comp_id 
_struct_conf.beg_auth_asym_id 
_struct_conf.beg_auth_seq_id 
_struct_conf.end_auth_comp_id 
_struct_conf.end_auth_asym_id 
_struct_conf.end_auth_seq_id 
_struct_conf.pdbx_PDB_helix_class 
_struct_conf.details 
_struct_conf.pdbx_PDB_helix_length 
HELX_P HELX_P1 1 ALA A 31  ? HIS A 33  ? ALA A 31  HIS A 33  5 ? 3  
HELX_P HELX_P2 2 CYS A 38  ? CYS A 41  ? CYS A 38  CYS A 41  1 ? 4  
HELX_P HELX_P3 3 VAL A 45  ? THR A 48  ? VAL A 45  THR A 48  1 ? 4  
HELX_P HELX_P4 4 VAL A 72  ? HIS A 77  ? VAL A 72  HIS A 77  1 ? 6  
HELX_P HELX_P5 5 CYS A 86  ? GLN A 96  ? CYS A 86  GLN A 96  1 ? 11 
HELX_P HELX_P6 6 CYS A 105 ? CYS A 108 ? CYS A 105 CYS A 108 1 ? 4  
# 
_struct_conf_type.id          HELX_P 
_struct_conf_type.criteria    ? 
_struct_conf_type.reference   ? 
# 
loop_
_struct_conn.id 
_struct_conn.conn_type_id 
_struct_conn.pdbx_leaving_atom_flag 
_struct_conn.pdbx_PDB_id 
_struct_conn.ptnr1_label_asym_id 
_struct_conn.ptnr1_label_comp_id 
_struct_conn.ptnr1_label_seq_id 
_struct_conn.ptnr1_label_atom_id 
_struct_conn.pdbx_ptnr1_label_alt_id 
_struct_conn.pdbx_ptnr1_PDB_ins_code 
_struct_conn.pdbx_ptnr1_standard_comp_id 
_struct_conn.ptnr1_symmetry 
_struct_conn.ptnr2_label_asym_id 
_struct_conn.ptnr2_label_comp_id 
_struct_conn.ptnr2_label_seq_id 
_struct_conn.ptnr2_label_atom_id 
_struct_conn.pdbx_ptnr2_label_alt_id 
_struct_conn.pdbx_ptnr2_PDB_ins_code 
_struct_conn.ptnr1_auth_asym_id 
_struct_conn.ptnr1_auth_comp_id 
_struct_conn.ptnr1_auth_seq_id 
_struct_conn.ptnr2_auth_asym_id 
_struct_conn.ptnr2_auth_comp_id 
_struct_conn.ptnr2_auth_seq_id 
_struct_conn.ptnr2_symmetry 
_struct_conn.pdbx_ptnr3_label_atom_id 
_struct_conn.pdbx_ptnr3_label_seq_id 
_struct_conn.pdbx_ptnr3_label_comp_id 
_struct_conn.pdbx_ptnr3_label_asym_id 
_struct_conn.pdbx_ptnr3_label_alt_id 
_struct_conn.pdbx_ptnr3_PDB_ins_code 
_struct_conn.details 
_struct_conn.pdbx_dist_value 
_struct_conn.pdbx_value_order 
_struct_conn.pdbx_role 
covale1 covale none ? A CYS 38  SG  ? ? ? 1_555 C HEM . CAB ? ? A CYS 38  A HEM 119 1_555 ? ? ? ? ? ? ? 1.822 ? ? 
covale2 covale none ? A CYS 41  SG  ? ? ? 1_555 C HEM . CAC ? ? A CYS 41  A HEM 119 1_555 ? ? ? ? ? ? ? 1.829 ? ? 
covale3 covale none ? A CYS 54  SG  ? ? ? 1_555 D HEM . CAB ? ? A CYS 54  A HEM 120 1_555 ? ? ? ? ? ? ? 1.823 ? ? 
covale4 covale none ? A CYS 59  SG  ? ? ? 1_555 D HEM . CAC ? ? A CYS 59  A HEM 120 1_555 ? ? ? ? ? ? ? 1.824 ? ? 
covale5 covale none ? A CYS 86  SG  ? ? ? 1_555 E HEM . CAB ? ? A CYS 86  A HEM 121 1_555 ? ? ? ? ? ? ? 1.831 ? ? 
covale6 covale none ? A CYS 89  SG  ? ? ? 1_555 E HEM . CAC ? ? A CYS 89  A HEM 121 1_555 ? ? ? ? ? ? ? 1.825 ? ? 
covale7 covale none ? A CYS 105 SG  ? ? ? 1_555 F HEM . CAB ? ? A CYS 105 A HEM 122 1_555 ? ? ? ? ? ? ? 1.820 ? ? 
covale8 covale none ? A CYS 108 SG  ? ? ? 1_555 F HEM . CAC ? ? A CYS 108 A HEM 122 1_555 ? ? ? ? ? ? ? 1.838 ? ? 
metalc1 metalc ?    ? A HIS 30  NE2 ? ? ? 1_555 C HEM . FE  ? ? A HIS 30  A HEM 119 1_555 ? ? ? ? ? ? ? 1.952 ? ? 
metalc2 metalc ?    ? A HIS 33  NE2 ? ? ? 1_555 E HEM . FE  ? ? A HIS 33  A HEM 121 1_555 ? ? ? ? ? ? ? 2.026 ? ? 
metalc3 metalc ?    ? A HIS 42  NE2 ? ? ? 1_555 C HEM . FE  ? ? A HIS 42  A HEM 119 1_555 ? ? ? ? ? ? ? 2.008 ? ? 
metalc4 metalc ?    ? A HIS 43  NE2 ? ? ? 1_555 D HEM . FE  ? ? A HIS 43  A HEM 120 1_555 ? ? ? ? ? ? ? 2.005 ? ? 
metalc5 metalc ?    ? A HIS 60  NE2 ? ? ? 1_555 D HEM . FE  ? ? A HIS 60  A HEM 120 1_555 ? ? ? ? ? ? ? 2.003 ? ? 
metalc6 metalc ?    ? A HIS 77  NE2 ? ? ? 1_555 F HEM . FE  ? ? A HIS 77  A HEM 122 1_555 ? ? ? ? ? ? ? 1.970 ? ? 
metalc7 metalc ?    ? A HIS 90  NE2 ? ? ? 1_555 E HEM . FE  ? ? A HIS 90  A HEM 121 1_555 ? ? ? ? ? ? ? 2.010 ? ? 
metalc8 metalc ?    ? A HIS 109 NE2 ? ? ? 1_555 F HEM . FE  ? ? A HIS 109 A HEM 122 1_555 ? ? ? ? ? ? ? 1.965 ? ? 
# 
loop_
_struct_conn_type.id 
_struct_conn_type.criteria 
_struct_conn_type.reference 
covale ? ? 
metalc ? ? 
# 
loop_
_pdbx_struct_conn_angle.id 
_pdbx_struct_conn_angle.ptnr1_label_atom_id 
_pdbx_struct_conn_angle.ptnr1_label_alt_id 
_pdbx_struct_conn_angle.ptnr1_label_asym_id 
_pdbx_struct_conn_angle.ptnr1_label_comp_id 
_pdbx_struct_conn_angle.ptnr1_label_seq_id 
_pdbx_struct_conn_angle.ptnr1_auth_atom_id 
_pdbx_struct_conn_angle.ptnr1_auth_asym_id 
_pdbx_struct_conn_angle.ptnr1_auth_comp_id 
_pdbx_struct_conn_angle.ptnr1_auth_seq_id 
_pdbx_struct_conn_angle.ptnr1_PDB_ins_code 
_pdbx_struct_conn_angle.ptnr1_symmetry 
_pdbx_struct_conn_angle.ptnr2_label_atom_id 
_pdbx_struct_conn_angle.ptnr2_label_alt_id 
_pdbx_struct_conn_angle.ptnr2_label_asym_id 
_pdbx_struct_conn_angle.ptnr2_label_comp_id 
_pdbx_struct_conn_angle.ptnr2_label_seq_id 
_pdbx_struct_conn_angle.ptnr2_auth_atom_id 
_pdbx_struct_conn_angle.ptnr2_auth_asym_id 
_pdbx_struct_conn_angle.ptnr2_auth_comp_id 
_pdbx_struct_conn_angle.ptnr2_auth_seq_id 
_pdbx_struct_conn_angle.ptnr2_PDB_ins_code 
_pdbx_struct_conn_angle.ptnr2_symmetry 
_pdbx_struct_conn_angle.ptnr3_label_atom_id 
_pdbx_struct_conn_angle.ptnr3_label_alt_id 
_pdbx_struct_conn_angle.ptnr3_label_asym_id 
_pdbx_struct_conn_angle.ptnr3_label_comp_id 
_pdbx_struct_conn_angle.ptnr3_label_seq_id 
_pdbx_struct_conn_angle.ptnr3_auth_atom_id 
_pdbx_struct_conn_angle.ptnr3_auth_asym_id 
_pdbx_struct_conn_angle.ptnr3_auth_comp_id 
_pdbx_struct_conn_angle.ptnr3_auth_seq_id 
_pdbx_struct_conn_angle.ptnr3_PDB_ins_code 
_pdbx_struct_conn_angle.ptnr3_symmetry 
_pdbx_struct_conn_angle.value 
_pdbx_struct_conn_angle.value_esd 
1  NE2 ? A HIS 30 ? A HIS 30  ? 1_555 FE ? C HEM . ? A HEM 119 ? 1_555 NA  ? C HEM .   ? A HEM 119 ? 1_555 91.8  ? 
2  NE2 ? A HIS 30 ? A HIS 30  ? 1_555 FE ? C HEM . ? A HEM 119 ? 1_555 NB  ? C HEM .   ? A HEM 119 ? 1_555 90.1  ? 
3  NA  ? C HEM .  ? A HEM 119 ? 1_555 FE ? C HEM . ? A HEM 119 ? 1_555 NB  ? C HEM .   ? A HEM 119 ? 1_555 91.6  ? 
4  NE2 ? A HIS 30 ? A HIS 30  ? 1_555 FE ? C HEM . ? A HEM 119 ? 1_555 NC  ? C HEM .   ? A HEM 119 ? 1_555 89.8  ? 
5  NA  ? C HEM .  ? A HEM 119 ? 1_555 FE ? C HEM . ? A HEM 119 ? 1_555 NC  ? C HEM .   ? A HEM 119 ? 1_555 178.4 ? 
6  NB  ? C HEM .  ? A HEM 119 ? 1_555 FE ? C HEM . ? A HEM 119 ? 1_555 NC  ? C HEM .   ? A HEM 119 ? 1_555 88.6  ? 
7  NE2 ? A HIS 30 ? A HIS 30  ? 1_555 FE ? C HEM . ? A HEM 119 ? 1_555 ND  ? C HEM .   ? A HEM 119 ? 1_555 92.8  ? 
8  NA  ? C HEM .  ? A HEM 119 ? 1_555 FE ? C HEM . ? A HEM 119 ? 1_555 ND  ? C HEM .   ? A HEM 119 ? 1_555 87.8  ? 
9  NB  ? C HEM .  ? A HEM 119 ? 1_555 FE ? C HEM . ? A HEM 119 ? 1_555 ND  ? C HEM .   ? A HEM 119 ? 1_555 177.1 ? 
10 NC  ? C HEM .  ? A HEM 119 ? 1_555 FE ? C HEM . ? A HEM 119 ? 1_555 ND  ? C HEM .   ? A HEM 119 ? 1_555 91.9  ? 
11 NE2 ? A HIS 30 ? A HIS 30  ? 1_555 FE ? C HEM . ? A HEM 119 ? 1_555 NE2 ? A HIS 42  ? A HIS 42  ? 1_555 175.7 ? 
12 NA  ? C HEM .  ? A HEM 119 ? 1_555 FE ? C HEM . ? A HEM 119 ? 1_555 NE2 ? A HIS 42  ? A HIS 42  ? 1_555 90.8  ? 
13 NB  ? C HEM .  ? A HEM 119 ? 1_555 FE ? C HEM . ? A HEM 119 ? 1_555 NE2 ? A HIS 42  ? A HIS 42  ? 1_555 93.2  ? 
14 NC  ? C HEM .  ? A HEM 119 ? 1_555 FE ? C HEM . ? A HEM 119 ? 1_555 NE2 ? A HIS 42  ? A HIS 42  ? 1_555 87.6  ? 
15 ND  ? C HEM .  ? A HEM 119 ? 1_555 FE ? C HEM . ? A HEM 119 ? 1_555 NE2 ? A HIS 42  ? A HIS 42  ? 1_555 83.9  ? 
16 NE2 ? A HIS 33 ? A HIS 33  ? 1_555 FE ? E HEM . ? A HEM 121 ? 1_555 NA  ? E HEM .   ? A HEM 121 ? 1_555 88.9  ? 
17 NE2 ? A HIS 33 ? A HIS 33  ? 1_555 FE ? E HEM . ? A HEM 121 ? 1_555 NB  ? E HEM .   ? A HEM 121 ? 1_555 91.0  ? 
18 NA  ? E HEM .  ? A HEM 121 ? 1_555 FE ? E HEM . ? A HEM 121 ? 1_555 NB  ? E HEM .   ? A HEM 121 ? 1_555 89.0  ? 
19 NE2 ? A HIS 33 ? A HIS 33  ? 1_555 FE ? E HEM . ? A HEM 121 ? 1_555 NC  ? E HEM .   ? A HEM 121 ? 1_555 90.2  ? 
20 NA  ? E HEM .  ? A HEM 121 ? 1_555 FE ? E HEM . ? A HEM 121 ? 1_555 NC  ? E HEM .   ? A HEM 121 ? 1_555 178.0 ? 
21 NB  ? E HEM .  ? A HEM 121 ? 1_555 FE ? E HEM . ? A HEM 121 ? 1_555 NC  ? E HEM .   ? A HEM 121 ? 1_555 89.2  ? 
22 NE2 ? A HIS 33 ? A HIS 33  ? 1_555 FE ? E HEM . ? A HEM 121 ? 1_555 ND  ? E HEM .   ? A HEM 121 ? 1_555 84.2  ? 
23 NA  ? E HEM .  ? A HEM 121 ? 1_555 FE ? E HEM . ? A HEM 121 ? 1_555 ND  ? E HEM .   ? A HEM 121 ? 1_555 89.7  ? 
24 NB  ? E HEM .  ? A HEM 121 ? 1_555 FE ? E HEM . ? A HEM 121 ? 1_555 ND  ? E HEM .   ? A HEM 121 ? 1_555 175.0 ? 
25 NC  ? E HEM .  ? A HEM 121 ? 1_555 FE ? E HEM . ? A HEM 121 ? 1_555 ND  ? E HEM .   ? A HEM 121 ? 1_555 91.9  ? 
26 NE2 ? A HIS 33 ? A HIS 33  ? 1_555 FE ? E HEM . ? A HEM 121 ? 1_555 NE2 ? A HIS 90  ? A HIS 90  ? 1_555 171.7 ? 
27 NA  ? E HEM .  ? A HEM 121 ? 1_555 FE ? E HEM . ? A HEM 121 ? 1_555 NE2 ? A HIS 90  ? A HIS 90  ? 1_555 86.9  ? 
28 NB  ? E HEM .  ? A HEM 121 ? 1_555 FE ? E HEM . ? A HEM 121 ? 1_555 NE2 ? A HIS 90  ? A HIS 90  ? 1_555 96.2  ? 
29 NC  ? E HEM .  ? A HEM 121 ? 1_555 FE ? E HEM . ? A HEM 121 ? 1_555 NE2 ? A HIS 90  ? A HIS 90  ? 1_555 94.2  ? 
30 ND  ? E HEM .  ? A HEM 121 ? 1_555 FE ? E HEM . ? A HEM 121 ? 1_555 NE2 ? A HIS 90  ? A HIS 90  ? 1_555 88.6  ? 
31 NE2 ? A HIS 43 ? A HIS 43  ? 1_555 FE ? D HEM . ? A HEM 120 ? 1_555 NA  ? D HEM .   ? A HEM 120 ? 1_555 94.4  ? 
32 NE2 ? A HIS 43 ? A HIS 43  ? 1_555 FE ? D HEM . ? A HEM 120 ? 1_555 NB  ? D HEM .   ? A HEM 120 ? 1_555 96.4  ? 
33 NA  ? D HEM .  ? A HEM 120 ? 1_555 FE ? D HEM . ? A HEM 120 ? 1_555 NB  ? D HEM .   ? A HEM 120 ? 1_555 87.9  ? 
34 NE2 ? A HIS 43 ? A HIS 43  ? 1_555 FE ? D HEM . ? A HEM 120 ? 1_555 NC  ? D HEM .   ? A HEM 120 ? 1_555 88.7  ? 
35 NA  ? D HEM .  ? A HEM 120 ? 1_555 FE ? D HEM . ? A HEM 120 ? 1_555 NC  ? D HEM .   ? A HEM 120 ? 1_555 177.0 ? 
36 NB  ? D HEM .  ? A HEM 120 ? 1_555 FE ? D HEM . ? A HEM 120 ? 1_555 NC  ? D HEM .   ? A HEM 120 ? 1_555 91.7  ? 
37 NE2 ? A HIS 43 ? A HIS 43  ? 1_555 FE ? D HEM . ? A HEM 120 ? 1_555 ND  ? D HEM .   ? A HEM 120 ? 1_555 88.2  ? 
38 NA  ? D HEM .  ? A HEM 120 ? 1_555 FE ? D HEM . ? A HEM 120 ? 1_555 ND  ? D HEM .   ? A HEM 120 ? 1_555 90.8  ? 
39 NB  ? D HEM .  ? A HEM 120 ? 1_555 FE ? D HEM . ? A HEM 120 ? 1_555 ND  ? D HEM .   ? A HEM 120 ? 1_555 175.2 ? 
40 NC  ? D HEM .  ? A HEM 120 ? 1_555 FE ? D HEM . ? A HEM 120 ? 1_555 ND  ? D HEM .   ? A HEM 120 ? 1_555 89.3  ? 
41 NE2 ? A HIS 43 ? A HIS 43  ? 1_555 FE ? D HEM . ? A HEM 120 ? 1_555 NE2 ? A HIS 60  ? A HIS 60  ? 1_555 174.8 ? 
42 NA  ? D HEM .  ? A HEM 120 ? 1_555 FE ? D HEM . ? A HEM 120 ? 1_555 NE2 ? A HIS 60  ? A HIS 60  ? 1_555 88.0  ? 
43 NB  ? D HEM .  ? A HEM 120 ? 1_555 FE ? D HEM . ? A HEM 120 ? 1_555 NE2 ? A HIS 60  ? A HIS 60  ? 1_555 88.3  ? 
44 NC  ? D HEM .  ? A HEM 120 ? 1_555 FE ? D HEM . ? A HEM 120 ? 1_555 NE2 ? A HIS 60  ? A HIS 60  ? 1_555 89.0  ? 
45 ND  ? D HEM .  ? A HEM 120 ? 1_555 FE ? D HEM . ? A HEM 120 ? 1_555 NE2 ? A HIS 60  ? A HIS 60  ? 1_555 87.1  ? 
46 NE2 ? A HIS 77 ? A HIS 77  ? 1_555 FE ? F HEM . ? A HEM 122 ? 1_555 NA  ? F HEM .   ? A HEM 122 ? 1_555 88.3  ? 
47 NE2 ? A HIS 77 ? A HIS 77  ? 1_555 FE ? F HEM . ? A HEM 122 ? 1_555 NB  ? F HEM .   ? A HEM 122 ? 1_555 97.5  ? 
48 NA  ? F HEM .  ? A HEM 122 ? 1_555 FE ? F HEM . ? A HEM 122 ? 1_555 NB  ? F HEM .   ? A HEM 122 ? 1_555 91.3  ? 
49 NE2 ? A HIS 77 ? A HIS 77  ? 1_555 FE ? F HEM . ? A HEM 122 ? 1_555 NC  ? F HEM .   ? A HEM 122 ? 1_555 91.1  ? 
50 NA  ? F HEM .  ? A HEM 122 ? 1_555 FE ? F HEM . ? A HEM 122 ? 1_555 NC  ? F HEM .   ? A HEM 122 ? 1_555 178.9 ? 
51 NB  ? F HEM .  ? A HEM 122 ? 1_555 FE ? F HEM . ? A HEM 122 ? 1_555 NC  ? F HEM .   ? A HEM 122 ? 1_555 89.7  ? 
52 NE2 ? A HIS 77 ? A HIS 77  ? 1_555 FE ? F HEM . ? A HEM 122 ? 1_555 ND  ? F HEM .   ? A HEM 122 ? 1_555 85.9  ? 
53 NA  ? F HEM .  ? A HEM 122 ? 1_555 FE ? F HEM . ? A HEM 122 ? 1_555 ND  ? F HEM .   ? A HEM 122 ? 1_555 88.1  ? 
54 NB  ? F HEM .  ? A HEM 122 ? 1_555 FE ? F HEM . ? A HEM 122 ? 1_555 ND  ? F HEM .   ? A HEM 122 ? 1_555 176.5 ? 
55 NC  ? F HEM .  ? A HEM 122 ? 1_555 FE ? F HEM . ? A HEM 122 ? 1_555 ND  ? F HEM .   ? A HEM 122 ? 1_555 90.9  ? 
56 NE2 ? A HIS 77 ? A HIS 77  ? 1_555 FE ? F HEM . ? A HEM 122 ? 1_555 NE2 ? A HIS 109 ? A HIS 109 ? 1_555 176.7 ? 
57 NA  ? F HEM .  ? A HEM 122 ? 1_555 FE ? F HEM . ? A HEM 122 ? 1_555 NE2 ? A HIS 109 ? A HIS 109 ? 1_555 90.3  ? 
58 NB  ? F HEM .  ? A HEM 122 ? 1_555 FE ? F HEM . ? A HEM 122 ? 1_555 NE2 ? A HIS 109 ? A HIS 109 ? 1_555 85.5  ? 
59 NC  ? F HEM .  ? A HEM 122 ? 1_555 FE ? F HEM . ? A HEM 122 ? 1_555 NE2 ? A HIS 109 ? A HIS 109 ? 1_555 90.2  ? 
60 ND  ? F HEM .  ? A HEM 122 ? 1_555 FE ? F HEM . ? A HEM 122 ? 1_555 NE2 ? A HIS 109 ? A HIS 109 ? 1_555 91.1  ? 
# 
loop_
_pdbx_modification_feature.ordinal 
_pdbx_modification_feature.label_comp_id 
_pdbx_modification_feature.label_asym_id 
_pdbx_modification_feature.label_seq_id 
_pdbx_modification_feature.label_alt_id 
_pdbx_modification_feature.modified_residue_label_comp_id 
_pdbx_modification_feature.modified_residue_label_asym_id 
_pdbx_modification_feature.modified_residue_label_seq_id 
_pdbx_modification_feature.modified_residue_label_alt_id 
_pdbx_modification_feature.auth_comp_id 
_pdbx_modification_feature.auth_asym_id 
_pdbx_modification_feature.auth_seq_id 
_pdbx_modification_feature.PDB_ins_code 
_pdbx_modification_feature.symmetry 
_pdbx_modification_feature.modified_residue_auth_comp_id 
_pdbx_modification_feature.modified_residue_auth_asym_id 
_pdbx_modification_feature.modified_residue_auth_seq_id 
_pdbx_modification_feature.modified_residue_PDB_ins_code 
_pdbx_modification_feature.modified_residue_symmetry 
_pdbx_modification_feature.comp_id_linking_atom 
_pdbx_modification_feature.modified_residue_id_linking_atom 
_pdbx_modification_feature.modified_residue_id 
_pdbx_modification_feature.ref_pcm_id 
_pdbx_modification_feature.ref_comp_id 
_pdbx_modification_feature.type 
_pdbx_modification_feature.category 
1 HEM C . ? CYS A 38  ? HEM A 119 ? 1_555 CYS A 38  ? 1_555 CAB SG CYS 2 HEM None Heme/heme-like 
2 HEM C . ? CYS A 41  ? HEM A 119 ? 1_555 CYS A 41  ? 1_555 CAC SG CYS 3 HEM None Heme/heme-like 
3 HEM D . ? CYS A 54  ? HEM A 120 ? 1_555 CYS A 54  ? 1_555 CAB SG CYS 2 HEM None Heme/heme-like 
4 HEM D . ? CYS A 59  ? HEM A 120 ? 1_555 CYS A 59  ? 1_555 CAC SG CYS 3 HEM None Heme/heme-like 
5 HEM E . ? CYS A 86  ? HEM A 121 ? 1_555 CYS A 86  ? 1_555 CAB SG CYS 2 HEM None Heme/heme-like 
6 HEM E . ? CYS A 89  ? HEM A 121 ? 1_555 CYS A 89  ? 1_555 CAC SG CYS 3 HEM None Heme/heme-like 
7 HEM F . ? CYS A 105 ? HEM A 122 ? 1_555 CYS A 105 ? 1_555 CAB SG CYS 2 HEM None Heme/heme-like 
8 HEM F . ? CYS A 108 ? HEM A 122 ? 1_555 CYS A 108 ? 1_555 CAC SG CYS 3 HEM None Heme/heme-like 
# 
_struct_sheet.id               A 
_struct_sheet.type             ? 
_struct_sheet.number_strands   2 
_struct_sheet.details          ? 
# 
_struct_sheet_order.sheet_id     A 
_struct_sheet_order.range_id_1   1 
_struct_sheet_order.range_id_2   2 
_struct_sheet_order.offset       ? 
_struct_sheet_order.sense        anti-parallel 
# 
loop_
_struct_sheet_range.sheet_id 
_struct_sheet_range.id 
_struct_sheet_range.beg_label_comp_id 
_struct_sheet_range.beg_label_asym_id 
_struct_sheet_range.beg_label_seq_id 
_struct_sheet_range.pdbx_beg_PDB_ins_code 
_struct_sheet_range.end_label_comp_id 
_struct_sheet_range.end_label_asym_id 
_struct_sheet_range.end_label_seq_id 
_struct_sheet_range.pdbx_end_PDB_ins_code 
_struct_sheet_range.beg_auth_comp_id 
_struct_sheet_range.beg_auth_asym_id 
_struct_sheet_range.beg_auth_seq_id 
_struct_sheet_range.end_auth_comp_id 
_struct_sheet_range.end_auth_asym_id 
_struct_sheet_range.end_auth_seq_id 
A 1 SER A 8  ? MET A 11 ? SER A 8  MET A 11 
A 2 VAL A 26 ? ASN A 29 ? VAL A 26 ASN A 29 
# 
_pdbx_struct_sheet_hbond.sheet_id                A 
_pdbx_struct_sheet_hbond.range_id_1              1 
_pdbx_struct_sheet_hbond.range_id_2              2 
_pdbx_struct_sheet_hbond.range_1_label_atom_id   O 
_pdbx_struct_sheet_hbond.range_1_label_comp_id   VAL 
_pdbx_struct_sheet_hbond.range_1_label_asym_id   A 
_pdbx_struct_sheet_hbond.range_1_label_seq_id    9 
_pdbx_struct_sheet_hbond.range_1_PDB_ins_code    ? 
_pdbx_struct_sheet_hbond.range_1_auth_atom_id    O 
_pdbx_struct_sheet_hbond.range_1_auth_comp_id    VAL 
_pdbx_struct_sheet_hbond.range_1_auth_asym_id    A 
_pdbx_struct_sheet_hbond.range_1_auth_seq_id     9 
_pdbx_struct_sheet_hbond.range_2_label_atom_id   N 
_pdbx_struct_sheet_hbond.range_2_label_comp_id   PHE 
_pdbx_struct_sheet_hbond.range_2_label_asym_id   A 
_pdbx_struct_sheet_hbond.range_2_label_seq_id    28 
_pdbx_struct_sheet_hbond.range_2_PDB_ins_code    ? 
_pdbx_struct_sheet_hbond.range_2_auth_atom_id    N 
_pdbx_struct_sheet_hbond.range_2_auth_comp_id    PHE 
_pdbx_struct_sheet_hbond.range_2_auth_asym_id    A 
_pdbx_struct_sheet_hbond.range_2_auth_seq_id     28 
# 
loop_
_struct_site.id 
_struct_site.pdbx_evidence_code 
_struct_site.pdbx_auth_asym_id 
_struct_site.pdbx_auth_comp_id 
_struct_site.pdbx_auth_seq_id 
_struct_site.pdbx_auth_ins_code 
_struct_site.pdbx_num_residues 
_struct_site.details 
AC1 Software A SO4 200 ? 5  'BINDING SITE FOR RESIDUE SO4 A 200' 
AC2 Software A HEM 119 ? 14 'BINDING SITE FOR RESIDUE HEM A 119' 
AC3 Software A HEM 120 ? 12 'BINDING SITE FOR RESIDUE HEM A 120' 
AC4 Software A HEM 121 ? 19 'BINDING SITE FOR RESIDUE HEM A 121' 
AC5 Software A HEM 122 ? 18 'BINDING SITE FOR RESIDUE HEM A 122' 
# 
loop_
_struct_site_gen.id 
_struct_site_gen.site_id 
_struct_site_gen.pdbx_num_res 
_struct_site_gen.label_comp_id 
_struct_site_gen.label_asym_id 
_struct_site_gen.label_seq_id 
_struct_site_gen.pdbx_auth_ins_code 
_struct_site_gen.auth_comp_id 
_struct_site_gen.auth_asym_id 
_struct_site_gen.auth_seq_id 
_struct_site_gen.label_atom_id 
_struct_site_gen.label_alt_id 
_struct_site_gen.symmetry 
_struct_site_gen.details 
1  AC1 5  PRO A 6   ? PRO A 6   . ? 2_665 ? 
2  AC1 5  GLU A 7   ? GLU A 7   . ? 2_665 ? 
3  AC1 5  SER A 8   ? SER A 8   . ? 2_665 ? 
4  AC1 5  ARG A 91  ? ARG A 91  . ? 1_555 ? 
5  AC1 5  ARG A 95  ? ARG A 95  . ? 1_555 ? 
6  AC2 14 THR A 2   ? THR A 2   . ? 4_555 ? 
7  AC2 14 PHE A 3   ? PHE A 3   . ? 1_555 ? 
8  AC2 14 VAL A 9   ? VAL A 9   . ? 1_555 ? 
9  AC2 14 PHE A 28  ? PHE A 28  . ? 1_555 ? 
10 AC2 14 HIS A 30  ? HIS A 30  . ? 1_555 ? 
11 AC2 14 HIS A 33  ? HIS A 33  . ? 1_555 ? 
12 AC2 14 ILE A 36  ? ILE A 36  . ? 1_555 ? 
13 AC2 14 CYS A 38  ? CYS A 38  . ? 1_555 ? 
14 AC2 14 CYS A 41  ? CYS A 41  . ? 1_555 ? 
15 AC2 14 HIS A 42  ? HIS A 42  . ? 1_555 ? 
16 AC2 14 ILE A 51  ? ILE A 51  . ? 1_555 ? 
17 AC2 14 SER A 53  ? SER A 53  . ? 1_555 ? 
18 AC2 14 CYS A 54  ? CYS A 54  . ? 1_555 ? 
19 AC2 14 HEM E .   ? HEM A 121 . ? 1_555 ? 
20 AC3 12 CYS A 41  ? CYS A 41  . ? 1_555 ? 
21 AC3 12 HIS A 43  ? HIS A 43  . ? 1_555 ? 
22 AC3 12 THR A 44  ? THR A 44  . ? 1_555 ? 
23 AC3 12 GLU A 52  ? GLU A 52  . ? 1_555 ? 
24 AC3 12 SER A 53  ? SER A 53  . ? 1_555 ? 
25 AC3 12 CYS A 54  ? CYS A 54  . ? 1_555 ? 
26 AC3 12 CYS A 59  ? CYS A 59  . ? 1_555 ? 
27 AC3 12 HIS A 60  ? HIS A 60  . ? 1_555 ? 
28 AC3 12 ARG A 74  ? ARG A 74  . ? 1_555 ? 
29 AC3 12 THR A 75  ? THR A 75  . ? 1_555 ? 
30 AC3 12 PHE A 76  ? PHE A 76  . ? 1_555 ? 
31 AC3 12 LYS A 84  ? LYS A 84  . ? 1_555 ? 
32 AC4 19 VAL A 26  ? VAL A 26  . ? 1_555 ? 
33 AC4 19 PHE A 28  ? PHE A 28  . ? 1_555 ? 
34 AC4 19 ASN A 29  ? ASN A 29  . ? 1_555 ? 
35 AC4 19 SER A 32  ? SER A 32  . ? 1_555 ? 
36 AC4 19 HIS A 33  ? HIS A 33  . ? 1_555 ? 
37 AC4 19 GLN A 40  ? GLN A 40  . ? 1_555 ? 
38 AC4 19 GLU A 83  ? GLU A 83  . ? 1_555 ? 
39 AC4 19 SER A 85  ? SER A 85  . ? 1_555 ? 
40 AC4 19 CYS A 86  ? CYS A 86  . ? 1_555 ? 
41 AC4 19 CYS A 89  ? CYS A 89  . ? 1_555 ? 
42 AC4 19 HIS A 90  ? HIS A 90  . ? 1_555 ? 
43 AC4 19 LEU A 93  ? LEU A 93  . ? 1_555 ? 
44 AC4 19 ASP A 100 ? ASP A 100 . ? 1_555 ? 
45 AC4 19 PRO A 102 ? PRO A 102 . ? 1_555 ? 
46 AC4 19 CYS A 105 ? CYS A 105 . ? 3_564 ? 
47 AC4 19 ASN A 106 ? ASN A 106 . ? 3_564 ? 
48 AC4 19 HEM C .   ? HEM A 119 . ? 1_555 ? 
49 AC4 19 HOH G .   ? HOH A 201 . ? 1_555 ? 
50 AC4 19 HOH G .   ? HOH A 227 . ? 1_555 ? 
51 AC5 18 MET A 11  ? MET A 11  . ? 1_555 ? 
52 AC5 18 PRO A 13  ? PRO A 13  . ? 1_555 ? 
53 AC5 18 TYR A 19  ? TYR A 19  . ? 1_555 ? 
54 AC5 18 PRO A 21  ? PRO A 21  . ? 1_555 ? 
55 AC5 18 LYS A 22  ? LYS A 22  . ? 1_555 ? 
56 AC5 18 LYS A 23  ? LYS A 23  . ? 1_555 ? 
57 AC5 18 VAL A 26  ? VAL A 26  . ? 1_555 ? 
58 AC5 18 ASN A 29  ? ASN A 29  . ? 2_665 ? 
59 AC5 18 PHE A 76  ? PHE A 76  . ? 1_555 ? 
60 AC5 18 HIS A 77  ? HIS A 77  . ? 1_555 ? 
61 AC5 18 CYS A 86  ? CYS A 86  . ? 1_555 ? 
62 AC5 18 HIS A 90  ? HIS A 90  . ? 1_555 ? 
63 AC5 18 LEU A 103 ? LEU A 103 . ? 1_555 ? 
64 AC5 18 ALA A 104 ? ALA A 104 . ? 1_555 ? 
65 AC5 18 CYS A 105 ? CYS A 105 . ? 1_555 ? 
66 AC5 18 CYS A 108 ? CYS A 108 . ? 1_555 ? 
67 AC5 18 HIS A 109 ? HIS A 109 . ? 1_555 ? 
68 AC5 18 HOH G .   ? HOH A 216 . ? 1_555 ? 
# 
_pdbx_entry_details.entry_id                   1CZJ 
_pdbx_entry_details.compound_details           ? 
_pdbx_entry_details.source_details             ? 
_pdbx_entry_details.nonpolymer_details         ? 
_pdbx_entry_details.sequence_details           ? 
_pdbx_entry_details.has_ligand_of_interest     ? 
_pdbx_entry_details.has_protein_modification   Y 
# 
loop_
_pdbx_validate_torsion.id 
_pdbx_validate_torsion.PDB_model_num 
_pdbx_validate_torsion.auth_comp_id 
_pdbx_validate_torsion.auth_asym_id 
_pdbx_validate_torsion.auth_seq_id 
_pdbx_validate_torsion.PDB_ins_code 
_pdbx_validate_torsion.label_alt_id 
_pdbx_validate_torsion.phi 
_pdbx_validate_torsion.psi 
1 1 MET A 55  ? ? -91.85  33.24   
2 1 CYS A 59  ? ? -105.01 -118.33 
3 1 HIS A 60  ? ? -100.98 64.28   
4 1 VAL A 110 ? ? -122.33 -74.63  
# 
_pdbx_unobs_or_zero_occ_residues.id               1 
_pdbx_unobs_or_zero_occ_residues.PDB_model_num    1 
_pdbx_unobs_or_zero_occ_residues.polymer_flag     Y 
_pdbx_unobs_or_zero_occ_residues.occupancy_flag   1 
_pdbx_unobs_or_zero_occ_residues.auth_asym_id     A 
_pdbx_unobs_or_zero_occ_residues.auth_comp_id     GLU 
_pdbx_unobs_or_zero_occ_residues.auth_seq_id      1 
_pdbx_unobs_or_zero_occ_residues.PDB_ins_code     ? 
_pdbx_unobs_or_zero_occ_residues.label_asym_id    A 
_pdbx_unobs_or_zero_occ_residues.label_comp_id    GLU 
_pdbx_unobs_or_zero_occ_residues.label_seq_id     1 
# 
loop_
_chem_comp_atom.comp_id 
_chem_comp_atom.atom_id 
_chem_comp_atom.type_symbol 
_chem_comp_atom.pdbx_aromatic_flag 
_chem_comp_atom.pdbx_stereo_config 
_chem_comp_atom.pdbx_ordinal 
ALA N    N  N N 1   
ALA CA   C  N S 2   
ALA C    C  N N 3   
ALA O    O  N N 4   
ALA CB   C  N N 5   
ALA OXT  O  N N 6   
ALA H    H  N N 7   
ALA H2   H  N N 8   
ALA HA   H  N N 9   
ALA HB1  H  N N 10  
ALA HB2  H  N N 11  
ALA HB3  H  N N 12  
ALA HXT  H  N N 13  
ARG N    N  N N 14  
ARG CA   C  N S 15  
ARG C    C  N N 16  
ARG O    O  N N 17  
ARG CB   C  N N 18  
ARG CG   C  N N 19  
ARG CD   C  N N 20  
ARG NE   N  N N 21  
ARG CZ   C  N N 22  
ARG NH1  N  N N 23  
ARG NH2  N  N N 24  
ARG OXT  O  N N 25  
ARG H    H  N N 26  
ARG H2   H  N N 27  
ARG HA   H  N N 28  
ARG HB2  H  N N 29  
ARG HB3  H  N N 30  
ARG HG2  H  N N 31  
ARG HG3  H  N N 32  
ARG HD2  H  N N 33  
ARG HD3  H  N N 34  
ARG HE   H  N N 35  
ARG HH11 H  N N 36  
ARG HH12 H  N N 37  
ARG HH21 H  N N 38  
ARG HH22 H  N N 39  
ARG HXT  H  N N 40  
ASN N    N  N N 41  
ASN CA   C  N S 42  
ASN C    C  N N 43  
ASN O    O  N N 44  
ASN CB   C  N N 45  
ASN CG   C  N N 46  
ASN OD1  O  N N 47  
ASN ND2  N  N N 48  
ASN OXT  O  N N 49  
ASN H    H  N N 50  
ASN H2   H  N N 51  
ASN HA   H  N N 52  
ASN HB2  H  N N 53  
ASN HB3  H  N N 54  
ASN HD21 H  N N 55  
ASN HD22 H  N N 56  
ASN HXT  H  N N 57  
ASP N    N  N N 58  
ASP CA   C  N S 59  
ASP C    C  N N 60  
ASP O    O  N N 61  
ASP CB   C  N N 62  
ASP CG   C  N N 63  
ASP OD1  O  N N 64  
ASP OD2  O  N N 65  
ASP OXT  O  N N 66  
ASP H    H  N N 67  
ASP H2   H  N N 68  
ASP HA   H  N N 69  
ASP HB2  H  N N 70  
ASP HB3  H  N N 71  
ASP HD2  H  N N 72  
ASP HXT  H  N N 73  
CYS N    N  N N 74  
CYS CA   C  N R 75  
CYS C    C  N N 76  
CYS O    O  N N 77  
CYS CB   C  N N 78  
CYS SG   S  N N 79  
CYS OXT  O  N N 80  
CYS H    H  N N 81  
CYS H2   H  N N 82  
CYS HA   H  N N 83  
CYS HB2  H  N N 84  
CYS HB3  H  N N 85  
CYS HG   H  N N 86  
CYS HXT  H  N N 87  
GLN N    N  N N 88  
GLN CA   C  N S 89  
GLN C    C  N N 90  
GLN O    O  N N 91  
GLN CB   C  N N 92  
GLN CG   C  N N 93  
GLN CD   C  N N 94  
GLN OE1  O  N N 95  
GLN NE2  N  N N 96  
GLN OXT  O  N N 97  
GLN H    H  N N 98  
GLN H2   H  N N 99  
GLN HA   H  N N 100 
GLN HB2  H  N N 101 
GLN HB3  H  N N 102 
GLN HG2  H  N N 103 
GLN HG3  H  N N 104 
GLN HE21 H  N N 105 
GLN HE22 H  N N 106 
GLN HXT  H  N N 107 
GLU N    N  N N 108 
GLU CA   C  N S 109 
GLU C    C  N N 110 
GLU O    O  N N 111 
GLU CB   C  N N 112 
GLU CG   C  N N 113 
GLU CD   C  N N 114 
GLU OE1  O  N N 115 
GLU OE2  O  N N 116 
GLU OXT  O  N N 117 
GLU H    H  N N 118 
GLU H2   H  N N 119 
GLU HA   H  N N 120 
GLU HB2  H  N N 121 
GLU HB3  H  N N 122 
GLU HG2  H  N N 123 
GLU HG3  H  N N 124 
GLU HE2  H  N N 125 
GLU HXT  H  N N 126 
GLY N    N  N N 127 
GLY CA   C  N N 128 
GLY C    C  N N 129 
GLY O    O  N N 130 
GLY OXT  O  N N 131 
GLY H    H  N N 132 
GLY H2   H  N N 133 
GLY HA2  H  N N 134 
GLY HA3  H  N N 135 
GLY HXT  H  N N 136 
HEM CHA  C  N N 137 
HEM CHB  C  N N 138 
HEM CHC  C  N N 139 
HEM CHD  C  N N 140 
HEM C1A  C  Y N 141 
HEM C2A  C  Y N 142 
HEM C3A  C  Y N 143 
HEM C4A  C  Y N 144 
HEM CMA  C  N N 145 
HEM CAA  C  N N 146 
HEM CBA  C  N N 147 
HEM CGA  C  N N 148 
HEM O1A  O  N N 149 
HEM O2A  O  N N 150 
HEM C1B  C  N N 151 
HEM C2B  C  N N 152 
HEM C3B  C  N N 153 
HEM C4B  C  N N 154 
HEM CMB  C  N N 155 
HEM CAB  C  N N 156 
HEM CBB  C  N N 157 
HEM C1C  C  Y N 158 
HEM C2C  C  Y N 159 
HEM C3C  C  Y N 160 
HEM C4C  C  Y N 161 
HEM CMC  C  N N 162 
HEM CAC  C  N N 163 
HEM CBC  C  N N 164 
HEM C1D  C  N N 165 
HEM C2D  C  N N 166 
HEM C3D  C  N N 167 
HEM C4D  C  N N 168 
HEM CMD  C  N N 169 
HEM CAD  C  N N 170 
HEM CBD  C  N N 171 
HEM CGD  C  N N 172 
HEM O1D  O  N N 173 
HEM O2D  O  N N 174 
HEM NA   N  Y N 175 
HEM NB   N  N N 176 
HEM NC   N  Y N 177 
HEM ND   N  N N 178 
HEM FE   FE N N 179 
HEM HHB  H  N N 180 
HEM HHC  H  N N 181 
HEM HHD  H  N N 182 
HEM HMA  H  N N 183 
HEM HMAA H  N N 184 
HEM HMAB H  N N 185 
HEM HAA  H  N N 186 
HEM HAAA H  N N 187 
HEM HBA  H  N N 188 
HEM HBAA H  N N 189 
HEM HMB  H  N N 190 
HEM HMBA H  N N 191 
HEM HMBB H  N N 192 
HEM HAB  H  N N 193 
HEM HBB  H  N N 194 
HEM HBBA H  N N 195 
HEM HMC  H  N N 196 
HEM HMCA H  N N 197 
HEM HMCB H  N N 198 
HEM HAC  H  N N 199 
HEM HBC  H  N N 200 
HEM HBCA H  N N 201 
HEM HMD  H  N N 202 
HEM HMDA H  N N 203 
HEM HMDB H  N N 204 
HEM HAD  H  N N 205 
HEM HADA H  N N 206 
HEM HBD  H  N N 207 
HEM HBDA H  N N 208 
HEM H2A  H  N N 209 
HEM H2D  H  N N 210 
HEM HHA  H  N N 211 
HIS N    N  N N 212 
HIS CA   C  N S 213 
HIS C    C  N N 214 
HIS O    O  N N 215 
HIS CB   C  N N 216 
HIS CG   C  Y N 217 
HIS ND1  N  Y N 218 
HIS CD2  C  Y N 219 
HIS CE1  C  Y N 220 
HIS NE2  N  Y N 221 
HIS OXT  O  N N 222 
HIS H    H  N N 223 
HIS H2   H  N N 224 
HIS HA   H  N N 225 
HIS HB2  H  N N 226 
HIS HB3  H  N N 227 
HIS HD1  H  N N 228 
HIS HD2  H  N N 229 
HIS HE1  H  N N 230 
HIS HE2  H  N N 231 
HIS HXT  H  N N 232 
HOH O    O  N N 233 
HOH H1   H  N N 234 
HOH H2   H  N N 235 
ILE N    N  N N 236 
ILE CA   C  N S 237 
ILE C    C  N N 238 
ILE O    O  N N 239 
ILE CB   C  N S 240 
ILE CG1  C  N N 241 
ILE CG2  C  N N 242 
ILE CD1  C  N N 243 
ILE OXT  O  N N 244 
ILE H    H  N N 245 
ILE H2   H  N N 246 
ILE HA   H  N N 247 
ILE HB   H  N N 248 
ILE HG12 H  N N 249 
ILE HG13 H  N N 250 
ILE HG21 H  N N 251 
ILE HG22 H  N N 252 
ILE HG23 H  N N 253 
ILE HD11 H  N N 254 
ILE HD12 H  N N 255 
ILE HD13 H  N N 256 
ILE HXT  H  N N 257 
LEU N    N  N N 258 
LEU CA   C  N S 259 
LEU C    C  N N 260 
LEU O    O  N N 261 
LEU CB   C  N N 262 
LEU CG   C  N N 263 
LEU CD1  C  N N 264 
LEU CD2  C  N N 265 
LEU OXT  O  N N 266 
LEU H    H  N N 267 
LEU H2   H  N N 268 
LEU HA   H  N N 269 
LEU HB2  H  N N 270 
LEU HB3  H  N N 271 
LEU HG   H  N N 272 
LEU HD11 H  N N 273 
LEU HD12 H  N N 274 
LEU HD13 H  N N 275 
LEU HD21 H  N N 276 
LEU HD22 H  N N 277 
LEU HD23 H  N N 278 
LEU HXT  H  N N 279 
LYS N    N  N N 280 
LYS CA   C  N S 281 
LYS C    C  N N 282 
LYS O    O  N N 283 
LYS CB   C  N N 284 
LYS CG   C  N N 285 
LYS CD   C  N N 286 
LYS CE   C  N N 287 
LYS NZ   N  N N 288 
LYS OXT  O  N N 289 
LYS H    H  N N 290 
LYS H2   H  N N 291 
LYS HA   H  N N 292 
LYS HB2  H  N N 293 
LYS HB3  H  N N 294 
LYS HG2  H  N N 295 
LYS HG3  H  N N 296 
LYS HD2  H  N N 297 
LYS HD3  H  N N 298 
LYS HE2  H  N N 299 
LYS HE3  H  N N 300 
LYS HZ1  H  N N 301 
LYS HZ2  H  N N 302 
LYS HZ3  H  N N 303 
LYS HXT  H  N N 304 
MET N    N  N N 305 
MET CA   C  N S 306 
MET C    C  N N 307 
MET O    O  N N 308 
MET CB   C  N N 309 
MET CG   C  N N 310 
MET SD   S  N N 311 
MET CE   C  N N 312 
MET OXT  O  N N 313 
MET H    H  N N 314 
MET H2   H  N N 315 
MET HA   H  N N 316 
MET HB2  H  N N 317 
MET HB3  H  N N 318 
MET HG2  H  N N 319 
MET HG3  H  N N 320 
MET HE1  H  N N 321 
MET HE2  H  N N 322 
MET HE3  H  N N 323 
MET HXT  H  N N 324 
PHE N    N  N N 325 
PHE CA   C  N S 326 
PHE C    C  N N 327 
PHE O    O  N N 328 
PHE CB   C  N N 329 
PHE CG   C  Y N 330 
PHE CD1  C  Y N 331 
PHE CD2  C  Y N 332 
PHE CE1  C  Y N 333 
PHE CE2  C  Y N 334 
PHE CZ   C  Y N 335 
PHE OXT  O  N N 336 
PHE H    H  N N 337 
PHE H2   H  N N 338 
PHE HA   H  N N 339 
PHE HB2  H  N N 340 
PHE HB3  H  N N 341 
PHE HD1  H  N N 342 
PHE HD2  H  N N 343 
PHE HE1  H  N N 344 
PHE HE2  H  N N 345 
PHE HZ   H  N N 346 
PHE HXT  H  N N 347 
PRO N    N  N N 348 
PRO CA   C  N S 349 
PRO C    C  N N 350 
PRO O    O  N N 351 
PRO CB   C  N N 352 
PRO CG   C  N N 353 
PRO CD   C  N N 354 
PRO OXT  O  N N 355 
PRO H    H  N N 356 
PRO HA   H  N N 357 
PRO HB2  H  N N 358 
PRO HB3  H  N N 359 
PRO HG2  H  N N 360 
PRO HG3  H  N N 361 
PRO HD2  H  N N 362 
PRO HD3  H  N N 363 
PRO HXT  H  N N 364 
SER N    N  N N 365 
SER CA   C  N S 366 
SER C    C  N N 367 
SER O    O  N N 368 
SER CB   C  N N 369 
SER OG   O  N N 370 
SER OXT  O  N N 371 
SER H    H  N N 372 
SER H2   H  N N 373 
SER HA   H  N N 374 
SER HB2  H  N N 375 
SER HB3  H  N N 376 
SER HG   H  N N 377 
SER HXT  H  N N 378 
SO4 S    S  N N 379 
SO4 O1   O  N N 380 
SO4 O2   O  N N 381 
SO4 O3   O  N N 382 
SO4 O4   O  N N 383 
THR N    N  N N 384 
THR CA   C  N S 385 
THR C    C  N N 386 
THR O    O  N N 387 
THR CB   C  N R 388 
THR OG1  O  N N 389 
THR CG2  C  N N 390 
THR OXT  O  N N 391 
THR H    H  N N 392 
THR H2   H  N N 393 
THR HA   H  N N 394 
THR HB   H  N N 395 
THR HG1  H  N N 396 
THR HG21 H  N N 397 
THR HG22 H  N N 398 
THR HG23 H  N N 399 
THR HXT  H  N N 400 
TYR N    N  N N 401 
TYR CA   C  N S 402 
TYR C    C  N N 403 
TYR O    O  N N 404 
TYR CB   C  N N 405 
TYR CG   C  Y N 406 
TYR CD1  C  Y N 407 
TYR CD2  C  Y N 408 
TYR CE1  C  Y N 409 
TYR CE2  C  Y N 410 
TYR CZ   C  Y N 411 
TYR OH   O  N N 412 
TYR OXT  O  N N 413 
TYR H    H  N N 414 
TYR H2   H  N N 415 
TYR HA   H  N N 416 
TYR HB2  H  N N 417 
TYR HB3  H  N N 418 
TYR HD1  H  N N 419 
TYR HD2  H  N N 420 
TYR HE1  H  N N 421 
TYR HE2  H  N N 422 
TYR HH   H  N N 423 
TYR HXT  H  N N 424 
VAL N    N  N N 425 
VAL CA   C  N S 426 
VAL C    C  N N 427 
VAL O    O  N N 428 
VAL CB   C  N N 429 
VAL CG1  C  N N 430 
VAL CG2  C  N N 431 
VAL OXT  O  N N 432 
VAL H    H  N N 433 
VAL H2   H  N N 434 
VAL HA   H  N N 435 
VAL HB   H  N N 436 
VAL HG11 H  N N 437 
VAL HG12 H  N N 438 
VAL HG13 H  N N 439 
VAL HG21 H  N N 440 
VAL HG22 H  N N 441 
VAL HG23 H  N N 442 
VAL HXT  H  N N 443 
# 
loop_
_chem_comp_bond.comp_id 
_chem_comp_bond.atom_id_1 
_chem_comp_bond.atom_id_2 
_chem_comp_bond.value_order 
_chem_comp_bond.pdbx_aromatic_flag 
_chem_comp_bond.pdbx_stereo_config 
_chem_comp_bond.pdbx_ordinal 
ALA N   CA   sing N N 1   
ALA N   H    sing N N 2   
ALA N   H2   sing N N 3   
ALA CA  C    sing N N 4   
ALA CA  CB   sing N N 5   
ALA CA  HA   sing N N 6   
ALA C   O    doub N N 7   
ALA C   OXT  sing N N 8   
ALA CB  HB1  sing N N 9   
ALA CB  HB2  sing N N 10  
ALA CB  HB3  sing N N 11  
ALA OXT HXT  sing N N 12  
ARG N   CA   sing N N 13  
ARG N   H    sing N N 14  
ARG N   H2   sing N N 15  
ARG CA  C    sing N N 16  
ARG CA  CB   sing N N 17  
ARG CA  HA   sing N N 18  
ARG C   O    doub N N 19  
ARG C   OXT  sing N N 20  
ARG CB  CG   sing N N 21  
ARG CB  HB2  sing N N 22  
ARG CB  HB3  sing N N 23  
ARG CG  CD   sing N N 24  
ARG CG  HG2  sing N N 25  
ARG CG  HG3  sing N N 26  
ARG CD  NE   sing N N 27  
ARG CD  HD2  sing N N 28  
ARG CD  HD3  sing N N 29  
ARG NE  CZ   sing N N 30  
ARG NE  HE   sing N N 31  
ARG CZ  NH1  sing N N 32  
ARG CZ  NH2  doub N N 33  
ARG NH1 HH11 sing N N 34  
ARG NH1 HH12 sing N N 35  
ARG NH2 HH21 sing N N 36  
ARG NH2 HH22 sing N N 37  
ARG OXT HXT  sing N N 38  
ASN N   CA   sing N N 39  
ASN N   H    sing N N 40  
ASN N   H2   sing N N 41  
ASN CA  C    sing N N 42  
ASN CA  CB   sing N N 43  
ASN CA  HA   sing N N 44  
ASN C   O    doub N N 45  
ASN C   OXT  sing N N 46  
ASN CB  CG   sing N N 47  
ASN CB  HB2  sing N N 48  
ASN CB  HB3  sing N N 49  
ASN CG  OD1  doub N N 50  
ASN CG  ND2  sing N N 51  
ASN ND2 HD21 sing N N 52  
ASN ND2 HD22 sing N N 53  
ASN OXT HXT  sing N N 54  
ASP N   CA   sing N N 55  
ASP N   H    sing N N 56  
ASP N   H2   sing N N 57  
ASP CA  C    sing N N 58  
ASP CA  CB   sing N N 59  
ASP CA  HA   sing N N 60  
ASP C   O    doub N N 61  
ASP C   OXT  sing N N 62  
ASP CB  CG   sing N N 63  
ASP CB  HB2  sing N N 64  
ASP CB  HB3  sing N N 65  
ASP CG  OD1  doub N N 66  
ASP CG  OD2  sing N N 67  
ASP OD2 HD2  sing N N 68  
ASP OXT HXT  sing N N 69  
CYS N   CA   sing N N 70  
CYS N   H    sing N N 71  
CYS N   H2   sing N N 72  
CYS CA  C    sing N N 73  
CYS CA  CB   sing N N 74  
CYS CA  HA   sing N N 75  
CYS C   O    doub N N 76  
CYS C   OXT  sing N N 77  
CYS CB  SG   sing N N 78  
CYS CB  HB2  sing N N 79  
CYS CB  HB3  sing N N 80  
CYS SG  HG   sing N N 81  
CYS OXT HXT  sing N N 82  
GLN N   CA   sing N N 83  
GLN N   H    sing N N 84  
GLN N   H2   sing N N 85  
GLN CA  C    sing N N 86  
GLN CA  CB   sing N N 87  
GLN CA  HA   sing N N 88  
GLN C   O    doub N N 89  
GLN C   OXT  sing N N 90  
GLN CB  CG   sing N N 91  
GLN CB  HB2  sing N N 92  
GLN CB  HB3  sing N N 93  
GLN CG  CD   sing N N 94  
GLN CG  HG2  sing N N 95  
GLN CG  HG3  sing N N 96  
GLN CD  OE1  doub N N 97  
GLN CD  NE2  sing N N 98  
GLN NE2 HE21 sing N N 99  
GLN NE2 HE22 sing N N 100 
GLN OXT HXT  sing N N 101 
GLU N   CA   sing N N 102 
GLU N   H    sing N N 103 
GLU N   H2   sing N N 104 
GLU CA  C    sing N N 105 
GLU CA  CB   sing N N 106 
GLU CA  HA   sing N N 107 
GLU C   O    doub N N 108 
GLU C   OXT  sing N N 109 
GLU CB  CG   sing N N 110 
GLU CB  HB2  sing N N 111 
GLU CB  HB3  sing N N 112 
GLU CG  CD   sing N N 113 
GLU CG  HG2  sing N N 114 
GLU CG  HG3  sing N N 115 
GLU CD  OE1  doub N N 116 
GLU CD  OE2  sing N N 117 
GLU OE2 HE2  sing N N 118 
GLU OXT HXT  sing N N 119 
GLY N   CA   sing N N 120 
GLY N   H    sing N N 121 
GLY N   H2   sing N N 122 
GLY CA  C    sing N N 123 
GLY CA  HA2  sing N N 124 
GLY CA  HA3  sing N N 125 
GLY C   O    doub N N 126 
GLY C   OXT  sing N N 127 
GLY OXT HXT  sing N N 128 
HEM CHA C1A  sing N N 129 
HEM CHA C4D  doub N N 130 
HEM CHA HHA  sing N N 131 
HEM CHB C4A  sing N N 132 
HEM CHB C1B  doub N N 133 
HEM CHB HHB  sing N N 134 
HEM CHC C4B  sing N N 135 
HEM CHC C1C  doub N N 136 
HEM CHC HHC  sing N N 137 
HEM CHD C4C  doub N N 138 
HEM CHD C1D  sing N N 139 
HEM CHD HHD  sing N N 140 
HEM C1A C2A  doub Y N 141 
HEM C1A NA   sing Y N 142 
HEM C2A C3A  sing Y N 143 
HEM C2A CAA  sing N N 144 
HEM C3A C4A  doub Y N 145 
HEM C3A CMA  sing N N 146 
HEM C4A NA   sing Y N 147 
HEM CMA HMA  sing N N 148 
HEM CMA HMAA sing N N 149 
HEM CMA HMAB sing N N 150 
HEM CAA CBA  sing N N 151 
HEM CAA HAA  sing N N 152 
HEM CAA HAAA sing N N 153 
HEM CBA CGA  sing N N 154 
HEM CBA HBA  sing N N 155 
HEM CBA HBAA sing N N 156 
HEM CGA O1A  doub N N 157 
HEM CGA O2A  sing N N 158 
HEM C1B C2B  sing N N 159 
HEM C1B NB   sing N N 160 
HEM C2B C3B  doub N N 161 
HEM C2B CMB  sing N N 162 
HEM C3B C4B  sing N N 163 
HEM C3B CAB  sing N N 164 
HEM C4B NB   doub N N 165 
HEM CMB HMB  sing N N 166 
HEM CMB HMBA sing N N 167 
HEM CMB HMBB sing N N 168 
HEM CAB CBB  doub N N 169 
HEM CAB HAB  sing N N 170 
HEM CBB HBB  sing N N 171 
HEM CBB HBBA sing N N 172 
HEM C1C C2C  sing Y N 173 
HEM C1C NC   sing Y N 174 
HEM C2C C3C  doub Y N 175 
HEM C2C CMC  sing N N 176 
HEM C3C C4C  sing Y N 177 
HEM C3C CAC  sing N N 178 
HEM C4C NC   sing Y N 179 
HEM CMC HMC  sing N N 180 
HEM CMC HMCA sing N N 181 
HEM CMC HMCB sing N N 182 
HEM CAC CBC  doub N N 183 
HEM CAC HAC  sing N N 184 
HEM CBC HBC  sing N N 185 
HEM CBC HBCA sing N N 186 
HEM C1D C2D  sing N N 187 
HEM C1D ND   doub N N 188 
HEM C2D C3D  doub N N 189 
HEM C2D CMD  sing N N 190 
HEM C3D C4D  sing N N 191 
HEM C3D CAD  sing N N 192 
HEM C4D ND   sing N N 193 
HEM CMD HMD  sing N N 194 
HEM CMD HMDA sing N N 195 
HEM CMD HMDB sing N N 196 
HEM CAD CBD  sing N N 197 
HEM CAD HAD  sing N N 198 
HEM CAD HADA sing N N 199 
HEM CBD CGD  sing N N 200 
HEM CBD HBD  sing N N 201 
HEM CBD HBDA sing N N 202 
HEM CGD O1D  doub N N 203 
HEM CGD O2D  sing N N 204 
HEM O2A H2A  sing N N 205 
HEM O2D H2D  sing N N 206 
HEM FE  NA   sing N N 207 
HEM FE  NB   sing N N 208 
HEM FE  NC   sing N N 209 
HEM FE  ND   sing N N 210 
HIS N   CA   sing N N 211 
HIS N   H    sing N N 212 
HIS N   H2   sing N N 213 
HIS CA  C    sing N N 214 
HIS CA  CB   sing N N 215 
HIS CA  HA   sing N N 216 
HIS C   O    doub N N 217 
HIS C   OXT  sing N N 218 
HIS CB  CG   sing N N 219 
HIS CB  HB2  sing N N 220 
HIS CB  HB3  sing N N 221 
HIS CG  ND1  sing Y N 222 
HIS CG  CD2  doub Y N 223 
HIS ND1 CE1  doub Y N 224 
HIS ND1 HD1  sing N N 225 
HIS CD2 NE2  sing Y N 226 
HIS CD2 HD2  sing N N 227 
HIS CE1 NE2  sing Y N 228 
HIS CE1 HE1  sing N N 229 
HIS NE2 HE2  sing N N 230 
HIS OXT HXT  sing N N 231 
HOH O   H1   sing N N 232 
HOH O   H2   sing N N 233 
ILE N   CA   sing N N 234 
ILE N   H    sing N N 235 
ILE N   H2   sing N N 236 
ILE CA  C    sing N N 237 
ILE CA  CB   sing N N 238 
ILE CA  HA   sing N N 239 
ILE C   O    doub N N 240 
ILE C   OXT  sing N N 241 
ILE CB  CG1  sing N N 242 
ILE CB  CG2  sing N N 243 
ILE CB  HB   sing N N 244 
ILE CG1 CD1  sing N N 245 
ILE CG1 HG12 sing N N 246 
ILE CG1 HG13 sing N N 247 
ILE CG2 HG21 sing N N 248 
ILE CG2 HG22 sing N N 249 
ILE CG2 HG23 sing N N 250 
ILE CD1 HD11 sing N N 251 
ILE CD1 HD12 sing N N 252 
ILE CD1 HD13 sing N N 253 
ILE OXT HXT  sing N N 254 
LEU N   CA   sing N N 255 
LEU N   H    sing N N 256 
LEU N   H2   sing N N 257 
LEU CA  C    sing N N 258 
LEU CA  CB   sing N N 259 
LEU CA  HA   sing N N 260 
LEU C   O    doub N N 261 
LEU C   OXT  sing N N 262 
LEU CB  CG   sing N N 263 
LEU CB  HB2  sing N N 264 
LEU CB  HB3  sing N N 265 
LEU CG  CD1  sing N N 266 
LEU CG  CD2  sing N N 267 
LEU CG  HG   sing N N 268 
LEU CD1 HD11 sing N N 269 
LEU CD1 HD12 sing N N 270 
LEU CD1 HD13 sing N N 271 
LEU CD2 HD21 sing N N 272 
LEU CD2 HD22 sing N N 273 
LEU CD2 HD23 sing N N 274 
LEU OXT HXT  sing N N 275 
LYS N   CA   sing N N 276 
LYS N   H    sing N N 277 
LYS N   H2   sing N N 278 
LYS CA  C    sing N N 279 
LYS CA  CB   sing N N 280 
LYS CA  HA   sing N N 281 
LYS C   O    doub N N 282 
LYS C   OXT  sing N N 283 
LYS CB  CG   sing N N 284 
LYS CB  HB2  sing N N 285 
LYS CB  HB3  sing N N 286 
LYS CG  CD   sing N N 287 
LYS CG  HG2  sing N N 288 
LYS CG  HG3  sing N N 289 
LYS CD  CE   sing N N 290 
LYS CD  HD2  sing N N 291 
LYS CD  HD3  sing N N 292 
LYS CE  NZ   sing N N 293 
LYS CE  HE2  sing N N 294 
LYS CE  HE3  sing N N 295 
LYS NZ  HZ1  sing N N 296 
LYS NZ  HZ2  sing N N 297 
LYS NZ  HZ3  sing N N 298 
LYS OXT HXT  sing N N 299 
MET N   CA   sing N N 300 
MET N   H    sing N N 301 
MET N   H2   sing N N 302 
MET CA  C    sing N N 303 
MET CA  CB   sing N N 304 
MET CA  HA   sing N N 305 
MET C   O    doub N N 306 
MET C   OXT  sing N N 307 
MET CB  CG   sing N N 308 
MET CB  HB2  sing N N 309 
MET CB  HB3  sing N N 310 
MET CG  SD   sing N N 311 
MET CG  HG2  sing N N 312 
MET CG  HG3  sing N N 313 
MET SD  CE   sing N N 314 
MET CE  HE1  sing N N 315 
MET CE  HE2  sing N N 316 
MET CE  HE3  sing N N 317 
MET OXT HXT  sing N N 318 
PHE N   CA   sing N N 319 
PHE N   H    sing N N 320 
PHE N   H2   sing N N 321 
PHE CA  C    sing N N 322 
PHE CA  CB   sing N N 323 
PHE CA  HA   sing N N 324 
PHE C   O    doub N N 325 
PHE C   OXT  sing N N 326 
PHE CB  CG   sing N N 327 
PHE CB  HB2  sing N N 328 
PHE CB  HB3  sing N N 329 
PHE CG  CD1  doub Y N 330 
PHE CG  CD2  sing Y N 331 
PHE CD1 CE1  sing Y N 332 
PHE CD1 HD1  sing N N 333 
PHE CD2 CE2  doub Y N 334 
PHE CD2 HD2  sing N N 335 
PHE CE1 CZ   doub Y N 336 
PHE CE1 HE1  sing N N 337 
PHE CE2 CZ   sing Y N 338 
PHE CE2 HE2  sing N N 339 
PHE CZ  HZ   sing N N 340 
PHE OXT HXT  sing N N 341 
PRO N   CA   sing N N 342 
PRO N   CD   sing N N 343 
PRO N   H    sing N N 344 
PRO CA  C    sing N N 345 
PRO CA  CB   sing N N 346 
PRO CA  HA   sing N N 347 
PRO C   O    doub N N 348 
PRO C   OXT  sing N N 349 
PRO CB  CG   sing N N 350 
PRO CB  HB2  sing N N 351 
PRO CB  HB3  sing N N 352 
PRO CG  CD   sing N N 353 
PRO CG  HG2  sing N N 354 
PRO CG  HG3  sing N N 355 
PRO CD  HD2  sing N N 356 
PRO CD  HD3  sing N N 357 
PRO OXT HXT  sing N N 358 
SER N   CA   sing N N 359 
SER N   H    sing N N 360 
SER N   H2   sing N N 361 
SER CA  C    sing N N 362 
SER CA  CB   sing N N 363 
SER CA  HA   sing N N 364 
SER C   O    doub N N 365 
SER C   OXT  sing N N 366 
SER CB  OG   sing N N 367 
SER CB  HB2  sing N N 368 
SER CB  HB3  sing N N 369 
SER OG  HG   sing N N 370 
SER OXT HXT  sing N N 371 
SO4 S   O1   doub N N 372 
SO4 S   O2   doub N N 373 
SO4 S   O3   sing N N 374 
SO4 S   O4   sing N N 375 
THR N   CA   sing N N 376 
THR N   H    sing N N 377 
THR N   H2   sing N N 378 
THR CA  C    sing N N 379 
THR CA  CB   sing N N 380 
THR CA  HA   sing N N 381 
THR C   O    doub N N 382 
THR C   OXT  sing N N 383 
THR CB  OG1  sing N N 384 
THR CB  CG2  sing N N 385 
THR CB  HB   sing N N 386 
THR OG1 HG1  sing N N 387 
THR CG2 HG21 sing N N 388 
THR CG2 HG22 sing N N 389 
THR CG2 HG23 sing N N 390 
THR OXT HXT  sing N N 391 
TYR N   CA   sing N N 392 
TYR N   H    sing N N 393 
TYR N   H2   sing N N 394 
TYR CA  C    sing N N 395 
TYR CA  CB   sing N N 396 
TYR CA  HA   sing N N 397 
TYR C   O    doub N N 398 
TYR C   OXT  sing N N 399 
TYR CB  CG   sing N N 400 
TYR CB  HB2  sing N N 401 
TYR CB  HB3  sing N N 402 
TYR CG  CD1  doub Y N 403 
TYR CG  CD2  sing Y N 404 
TYR CD1 CE1  sing Y N 405 
TYR CD1 HD1  sing N N 406 
TYR CD2 CE2  doub Y N 407 
TYR CD2 HD2  sing N N 408 
TYR CE1 CZ   doub Y N 409 
TYR CE1 HE1  sing N N 410 
TYR CE2 CZ   sing Y N 411 
TYR CE2 HE2  sing N N 412 
TYR CZ  OH   sing N N 413 
TYR OH  HH   sing N N 414 
TYR OXT HXT  sing N N 415 
VAL N   CA   sing N N 416 
VAL N   H    sing N N 417 
VAL N   H2   sing N N 418 
VAL CA  C    sing N N 419 
VAL CA  CB   sing N N 420 
VAL CA  HA   sing N N 421 
VAL C   O    doub N N 422 
VAL C   OXT  sing N N 423 
VAL CB  CG1  sing N N 424 
VAL CB  CG2  sing N N 425 
VAL CB  HB   sing N N 426 
VAL CG1 HG11 sing N N 427 
VAL CG1 HG12 sing N N 428 
VAL CG1 HG13 sing N N 429 
VAL CG2 HG21 sing N N 430 
VAL CG2 HG22 sing N N 431 
VAL CG2 HG23 sing N N 432 
VAL OXT HXT  sing N N 433 
# 
_atom_sites.entry_id                    1CZJ 
_atom_sites.fract_transf_matrix[1][1]   0.01089278 
_atom_sites.fract_transf_matrix[1][2]   0.01112190 
_atom_sites.fract_transf_matrix[1][3]   -0.00175220 
_atom_sites.fract_transf_matrix[2][1]   -0.00417706 
_atom_sites.fract_transf_matrix[2][2]   0.01509687 
_atom_sites.fract_transf_matrix[2][3]   -0.00017002 
_atom_sites.fract_transf_matrix[3][1]   0.00201866 
_atom_sites.fract_transf_matrix[3][2]   0.00075374 
_atom_sites.fract_transf_matrix[3][3]   0.01733358 
_atom_sites.fract_transf_vector[1]      0.391422 
_atom_sites.fract_transf_vector[2]      0.536533 
_atom_sites.fract_transf_vector[3]      0.229316 
# 
loop_
_atom_type.symbol 
C  
FE 
N  
O  
S  
# 
loop_
_atom_site.group_PDB 
_atom_site.id 
_atom_site.type_symbol 
_atom_site.label_atom_id 
_atom_site.label_alt_id 
_atom_site.label_comp_id 
_atom_site.label_asym_id 
_atom_site.label_entity_id 
_atom_site.label_seq_id 
_atom_site.pdbx_PDB_ins_code 
_atom_site.Cartn_x 
_atom_site.Cartn_y 
_atom_site.Cartn_z 
_atom_site.occupancy 
_atom_site.B_iso_or_equiv 
_atom_site.pdbx_formal_charge 
_atom_site.auth_seq_id 
_atom_site.auth_comp_id 
_atom_site.auth_asym_id 
_atom_site.auth_atom_id 
_atom_site.pdbx_PDB_model_num 
ATOM   1    N  N   . THR A 1 2   ? 4.522   -14.950 -19.876 1.00 80.66 ? 2   THR A N   1 
ATOM   2    C  CA  . THR A 1 2   ? 3.464   -15.759 -19.183 1.00 78.13 ? 2   THR A CA  1 
ATOM   3    C  C   . THR A 1 2   ? 2.910   -15.051 -17.933 1.00 71.79 ? 2   THR A C   1 
ATOM   4    O  O   . THR A 1 2   ? 1.772   -15.293 -17.525 1.00 70.76 ? 2   THR A O   1 
ATOM   5    C  CB  . THR A 1 2   ? 4.018   -17.160 -18.787 1.00 79.77 ? 2   THR A CB  1 
ATOM   6    O  OG1 . THR A 1 2   ? 4.644   -17.767 -19.929 1.00 79.46 ? 2   THR A OG1 1 
ATOM   7    C  CG2 . THR A 1 2   ? 2.898   -18.070 -18.276 1.00 79.39 ? 2   THR A CG2 1 
ATOM   8    N  N   . PHE A 1 3   ? 3.717   -14.162 -17.357 1.00 62.78 ? 3   PHE A N   1 
ATOM   9    C  CA  . PHE A 1 3   ? 3.359   -13.410 -16.157 1.00 52.56 ? 3   PHE A CA  1 
ATOM   10   C  C   . PHE A 1 3   ? 2.078   -12.582 -16.282 1.00 45.31 ? 3   PHE A C   1 
ATOM   11   O  O   . PHE A 1 3   ? 2.026   -11.650 -17.084 1.00 42.60 ? 3   PHE A O   1 
ATOM   12   C  CB  . PHE A 1 3   ? 4.525   -12.490 -15.783 1.00 54.33 ? 3   PHE A CB  1 
ATOM   13   C  CG  . PHE A 1 3   ? 4.164   -11.411 -14.797 1.00 57.17 ? 3   PHE A CG  1 
ATOM   14   C  CD1 . PHE A 1 3   ? 3.453   -11.707 -13.637 1.00 60.22 ? 3   PHE A CD1 1 
ATOM   15   C  CD2 . PHE A 1 3   ? 4.548   -10.101 -15.026 1.00 57.26 ? 3   PHE A CD2 1 
ATOM   16   C  CE1 . PHE A 1 3   ? 3.135   -10.715 -12.728 1.00 60.16 ? 3   PHE A CE1 1 
ATOM   17   C  CE2 . PHE A 1 3   ? 4.235   -9.103  -14.122 1.00 59.04 ? 3   PHE A CE2 1 
ATOM   18   C  CZ  . PHE A 1 3   ? 3.529   -9.407  -12.970 1.00 60.94 ? 3   PHE A CZ  1 
ATOM   19   N  N   . GLU A 1 4   ? 1.084   -12.882 -15.445 1.00 36.13 ? 4   GLU A N   1 
ATOM   20   C  CA  . GLU A 1 4   ? -0.178  -12.147 -15.471 1.00 35.72 ? 4   GLU A CA  1 
ATOM   21   C  C   . GLU A 1 4   ? -0.334  -11.262 -14.236 1.00 31.85 ? 4   GLU A C   1 
ATOM   22   O  O   . GLU A 1 4   ? -0.043  -11.681 -13.112 1.00 27.95 ? 4   GLU A O   1 
ATOM   23   C  CB  . GLU A 1 4   ? -1.369  -13.099 -15.601 1.00 42.50 ? 4   GLU A CB  1 
ATOM   24   C  CG  . GLU A 1 4   ? -2.692  -12.389 -15.909 1.00 50.92 ? 4   GLU A CG  1 
ATOM   25   C  CD  . GLU A 1 4   ? -3.813  -13.351 -16.285 1.00 54.78 ? 4   GLU A CD  1 
ATOM   26   O  OE1 . GLU A 1 4   ? -3.792  -13.881 -17.419 1.00 54.94 ? 4   GLU A OE1 1 
ATOM   27   O  OE2 . GLU A 1 4   ? -4.723  -13.564 -15.451 1.00 56.49 ? 4   GLU A OE2 1 
ATOM   28   N  N   . ILE A 1 5   ? -0.756  -10.022 -14.463 1.00 23.76 ? 5   ILE A N   1 
ATOM   29   C  CA  . ILE A 1 5   ? -0.938  -9.056  -13.392 1.00 21.62 ? 5   ILE A CA  1 
ATOM   30   C  C   . ILE A 1 5   ? -2.394  -9.028  -12.938 1.00 20.84 ? 5   ILE A C   1 
ATOM   31   O  O   . ILE A 1 5   ? -3.310  -9.050  -13.763 1.00 16.53 ? 5   ILE A O   1 
ATOM   32   C  CB  . ILE A 1 5   ? -0.546  -7.604  -13.840 1.00 19.91 ? 5   ILE A CB  1 
ATOM   33   C  CG1 . ILE A 1 5   ? 0.946   -7.497  -14.150 1.00 17.87 ? 5   ILE A CG1 1 
ATOM   34   C  CG2 . ILE A 1 5   ? -0.899  -6.593  -12.758 1.00 19.75 ? 5   ILE A CG2 1 
ATOM   35   C  CD1 . ILE A 1 5   ? 1.323   -7.908  -15.546 1.00 23.60 ? 5   ILE A CD1 1 
ATOM   36   N  N   . PRO A 1 6   ? -2.623  -9.043  -11.616 1.00 19.91 ? 6   PRO A N   1 
ATOM   37   C  CA  . PRO A 1 6   ? -3.982  -9.000  -11.065 1.00 19.56 ? 6   PRO A CA  1 
ATOM   38   C  C   . PRO A 1 6   ? -4.445  -7.543  -11.052 1.00 18.51 ? 6   PRO A C   1 
ATOM   39   O  O   . PRO A 1 6   ? -3.796  -6.681  -10.453 1.00 22.96 ? 6   PRO A O   1 
ATOM   40   C  CB  . PRO A 1 6   ? -3.790  -9.531  -9.646  1.00 20.42 ? 6   PRO A CB  1 
ATOM   41   C  CG  . PRO A 1 6   ? -2.416  -9.048  -9.291  1.00 22.71 ? 6   PRO A CG  1 
ATOM   42   C  CD  . PRO A 1 6   ? -1.630  -9.314  -10.558 1.00 19.95 ? 6   PRO A CD  1 
ATOM   43   N  N   . GLU A 1 7   ? -5.526  -7.256  -11.762 1.00 16.50 ? 7   GLU A N   1 
ATOM   44   C  CA  . GLU A 1 7   ? -6.043  -5.900  -11.805 1.00 16.45 ? 7   GLU A CA  1 
ATOM   45   C  C   . GLU A 1 7   ? -6.412  -5.427  -10.405 1.00 18.33 ? 7   GLU A C   1 
ATOM   46   O  O   . GLU A 1 7   ? -5.801  -4.500  -9.878  1.00 22.10 ? 7   GLU A O   1 
ATOM   47   C  CB  . GLU A 1 7   ? -7.247  -5.824  -12.751 1.00 20.26 ? 7   GLU A CB  1 
ATOM   48   C  CG  . GLU A 1 7   ? -8.169  -4.601  -12.574 1.00 23.50 ? 7   GLU A CG  1 
ATOM   49   C  CD  . GLU A 1 7   ? -7.437  -3.268  -12.566 1.00 25.09 ? 7   GLU A CD  1 
ATOM   50   O  OE1 . GLU A 1 7   ? -6.338  -3.167  -13.153 1.00 30.03 ? 7   GLU A OE1 1 
ATOM   51   O  OE2 . GLU A 1 7   ? -7.967  -2.313  -11.963 1.00 29.19 ? 7   GLU A OE2 1 
ATOM   52   N  N   . SER A 1 8   ? -7.404  -6.077  -9.809  1.00 22.57 ? 8   SER A N   1 
ATOM   53   C  CA  . SER A 1 8   ? -7.868  -5.731  -8.473  1.00 26.73 ? 8   SER A CA  1 
ATOM   54   C  C   . SER A 1 8   ? -7.214  -6.633  -7.441  1.00 27.01 ? 8   SER A C   1 
ATOM   55   O  O   . SER A 1 8   ? -7.036  -7.830  -7.669  1.00 26.30 ? 8   SER A O   1 
ATOM   56   C  CB  . SER A 1 8   ? -9.388  -5.870  -8.392  1.00 29.47 ? 8   SER A CB  1 
ATOM   57   O  OG  . SER A 1 8   ? -9.832  -5.935  -7.044  1.00 41.81 ? 8   SER A OG  1 
ATOM   58   N  N   . VAL A 1 9   ? -6.869  -6.052  -6.301  1.00 27.34 ? 9   VAL A N   1 
ATOM   59   C  CA  . VAL A 1 9   ? -6.228  -6.776  -5.212  1.00 22.36 ? 9   VAL A CA  1 
ATOM   60   C  C   . VAL A 1 9   ? -6.821  -6.293  -3.890  1.00 23.98 ? 9   VAL A C   1 
ATOM   61   O  O   . VAL A 1 9   ? -6.748  -5.108  -3.569  1.00 24.00 ? 9   VAL A O   1 
ATOM   62   C  CB  . VAL A 1 9   ? -4.702  -6.515  -5.196  1.00 23.23 ? 9   VAL A CB  1 
ATOM   63   C  CG1 . VAL A 1 9   ? -4.061  -7.211  -4.014  1.00 24.72 ? 9   VAL A CG1 1 
ATOM   64   C  CG2 . VAL A 1 9   ? -4.060  -6.982  -6.507  1.00 25.27 ? 9   VAL A CG2 1 
ATOM   65   N  N   . THR A 1 10  ? -7.445  -7.187  -3.140  1.00 20.68 ? 10  THR A N   1 
ATOM   66   C  CA  . THR A 1 10  ? -8.005  -6.781  -1.871  1.00 26.50 ? 10  THR A CA  1 
ATOM   67   C  C   . THR A 1 10  ? -7.014  -7.038  -0.749  1.00 25.67 ? 10  THR A C   1 
ATOM   68   O  O   . THR A 1 10  ? -6.764  -8.182  -0.373  1.00 26.21 ? 10  THR A O   1 
ATOM   69   C  CB  . THR A 1 10  ? -9.334  -7.483  -1.575  1.00 29.44 ? 10  THR A CB  1 
ATOM   70   O  OG1 . THR A 1 10  ? -9.169  -8.896  -1.724  1.00 38.25 ? 10  THR A OG1 1 
ATOM   71   C  CG2 . THR A 1 10  ? -10.417 -6.989  -2.524  1.00 32.27 ? 10  THR A CG2 1 
ATOM   72   N  N   . MET A 1 11  ? -6.401  -5.963  -0.268  1.00 27.49 ? 11  MET A N   1 
ATOM   73   C  CA  . MET A 1 11  ? -5.439  -6.033  0.819   1.00 23.67 ? 11  MET A CA  1 
ATOM   74   C  C   . MET A 1 11  ? -6.227  -6.124  2.119   1.00 26.26 ? 11  MET A C   1 
ATOM   75   O  O   . MET A 1 11  ? -7.217  -5.409  2.297   1.00 26.38 ? 11  MET A O   1 
ATOM   76   C  CB  . MET A 1 11  ? -4.554  -4.793  0.794   1.00 18.68 ? 11  MET A CB  1 
ATOM   77   C  CG  . MET A 1 11  ? -3.806  -4.641  -0.516  1.00 13.95 ? 11  MET A CG  1 
ATOM   78   S  SD  . MET A 1 11  ? -2.817  -3.164  -0.598  1.00 16.87 ? 11  MET A SD  1 
ATOM   79   C  CE  . MET A 1 11  ? -1.361  -3.680  0.274   1.00 8.08  ? 11  MET A CE  1 
ATOM   80   N  N   . SER A 1 12  ? -5.796  -7.006  3.016   1.00 26.43 ? 12  SER A N   1 
ATOM   81   C  CA  . SER A 1 12  ? -6.497  -7.216  4.276   1.00 28.23 ? 12  SER A CA  1 
ATOM   82   C  C   . SER A 1 12  ? -5.597  -7.391  5.503   1.00 31.21 ? 12  SER A C   1 
ATOM   83   O  O   . SER A 1 12  ? -4.472  -7.883  5.404   1.00 30.18 ? 12  SER A O   1 
ATOM   84   C  CB  . SER A 1 12  ? -7.408  -8.436  4.140   1.00 26.36 ? 12  SER A CB  1 
ATOM   85   O  OG  . SER A 1 12  ? -8.016  -8.756  5.376   1.00 30.84 ? 12  SER A OG  1 
ATOM   86   N  N   . PRO A 1 13  ? -6.083  -6.956  6.678   1.00 32.71 ? 13  PRO A N   1 
ATOM   87   C  CA  . PRO A 1 13  ? -5.347  -7.061  7.939   1.00 34.92 ? 13  PRO A CA  1 
ATOM   88   C  C   . PRO A 1 13  ? -5.661  -8.386  8.633   1.00 40.32 ? 13  PRO A C   1 
ATOM   89   O  O   . PRO A 1 13  ? -4.970  -8.791  9.567   1.00 39.88 ? 13  PRO A O   1 
ATOM   90   C  CB  . PRO A 1 13  ? -5.884  -5.881  8.733   1.00 33.05 ? 13  PRO A CB  1 
ATOM   91   C  CG  . PRO A 1 13  ? -7.310  -5.850  8.319   1.00 34.61 ? 13  PRO A CG  1 
ATOM   92   C  CD  . PRO A 1 13  ? -7.246  -6.060  6.829   1.00 33.79 ? 13  PRO A CD  1 
ATOM   93   N  N   . LYS A 1 14  ? -6.700  -9.067  8.151   1.00 45.06 ? 14  LYS A N   1 
ATOM   94   C  CA  . LYS A 1 14  ? -7.116  -10.355 8.706   0.50 47.73 ? 14  LYS A CA  1 
ATOM   95   C  C   . LYS A 1 14  ? -6.059  -11.437 8.470   0.50 47.21 ? 14  LYS A C   1 
ATOM   96   O  O   . LYS A 1 14  ? -6.189  -12.573 8.923   0.50 47.09 ? 14  LYS A O   1 
ATOM   97   C  CB  . LYS A 1 14  ? -8.467  -10.778 8.119   0.50 46.88 ? 14  LYS A CB  1 
ATOM   98   C  CG  . LYS A 1 14  ? -9.624  -9.884  8.547   0.50 46.42 ? 14  LYS A CG  1 
ATOM   99   C  CD  . LYS A 1 14  ? -10.962 -10.441 8.087   0.50 47.49 ? 14  LYS A CD  1 
ATOM   100  C  CE  . LYS A 1 14  ? -11.052 -10.508 6.571   0.50 47.30 ? 14  LYS A CE  1 
ATOM   101  N  NZ  . LYS A 1 14  ? -10.946 -9.162  5.955   0.50 46.61 ? 14  LYS A NZ  1 
ATOM   102  N  N   . GLN A 1 15  ? -5.027  -11.069 7.724   0.50 48.12 ? 15  GLN A N   1 
ATOM   103  C  CA  . GLN A 1 15  ? -3.909  -11.944 7.423   0.50 48.65 ? 15  GLN A CA  1 
ATOM   104  C  C   . GLN A 1 15  ? -3.208  -12.269 8.745   0.50 49.33 ? 15  GLN A C   1 
ATOM   105  O  O   . GLN A 1 15  ? -2.718  -13.377 8.945   0.50 49.75 ? 15  GLN A O   1 
ATOM   106  C  CB  . GLN A 1 15  ? -2.955  -11.201 6.481   0.50 49.16 ? 15  GLN A CB  1 
ATOM   107  C  CG  . GLN A 1 15  ? -1.618  -11.863 6.217   0.50 49.37 ? 15  GLN A CG  1 
ATOM   108  C  CD  . GLN A 1 15  ? -0.669  -10.945 5.465   0.50 49.14 ? 15  GLN A CD  1 
ATOM   109  O  OE1 . GLN A 1 15  ? -1.031  -10.368 4.439   0.50 47.60 ? 15  GLN A OE1 1 
ATOM   110  N  NE2 . GLN A 1 15  ? 0.546   -10.797 5.978   0.50 49.08 ? 15  GLN A NE2 1 
ATOM   111  N  N   . PHE A 1 16  ? -3.185  -11.292 9.648   0.50 51.43 ? 16  PHE A N   1 
ATOM   112  C  CA  . PHE A 1 16  ? -2.547  -11.442 10.950  0.50 53.81 ? 16  PHE A CA  1 
ATOM   113  C  C   . PHE A 1 16  ? -3.509  -12.068 11.952  0.50 57.59 ? 16  PHE A C   1 
ATOM   114  O  O   . PHE A 1 16  ? -4.338  -11.383 12.549  0.50 57.67 ? 16  PHE A O   1 
ATOM   115  C  CB  . PHE A 1 16  ? -2.058  -10.083 11.451  0.50 52.69 ? 16  PHE A CB  1 
ATOM   116  C  CG  . PHE A 1 16  ? -1.157  -9.370  10.483  0.50 52.26 ? 16  PHE A CG  1 
ATOM   117  C  CD1 . PHE A 1 16  ? 0.092   -9.890  10.163  0.50 53.77 ? 16  PHE A CD1 1 
ATOM   118  C  CD2 . PHE A 1 16  ? -1.568  -8.197  9.866   0.50 52.57 ? 16  PHE A CD2 1 
ATOM   119  C  CE1 . PHE A 1 16  ? 0.921   -9.247  9.251   0.50 54.17 ? 16  PHE A CE1 1 
ATOM   120  C  CE2 . PHE A 1 16  ? -0.745  -7.546  8.953   0.50 53.29 ? 16  PHE A CE2 1 
ATOM   121  C  CZ  . PHE A 1 16  ? 0.501   -8.075  8.641   0.50 53.03 ? 16  PHE A CZ  1 
ATOM   122  N  N   . GLU A 1 17  ? -3.365  -13.375 12.142  0.50 62.11 ? 17  GLU A N   1 
ATOM   123  C  CA  . GLU A 1 17  ? -4.207  -14.154 13.046  0.50 65.49 ? 17  GLU A CA  1 
ATOM   124  C  C   . GLU A 1 17  ? -4.434  -13.557 14.436  0.50 65.79 ? 17  GLU A C   1 
ATOM   125  O  O   . GLU A 1 17  ? -5.577  -13.329 14.834  0.50 66.85 ? 17  GLU A O   1 
ATOM   126  C  CB  . GLU A 1 17  ? -3.654  -15.578 13.174  0.50 68.67 ? 17  GLU A CB  1 
ATOM   127  C  CG  . GLU A 1 17  ? -3.594  -16.358 11.860  0.50 71.31 ? 17  GLU A CG  1 
ATOM   128  C  CD  . GLU A 1 17  ? -4.967  -16.730 11.322  0.50 73.53 ? 17  GLU A CD  1 
ATOM   129  O  OE1 . GLU A 1 17  ? -5.618  -15.871 10.687  0.50 74.46 ? 17  GLU A OE1 1 
ATOM   130  O  OE2 . GLU A 1 17  ? -5.391  -17.888 11.523  0.50 74.22 ? 17  GLU A OE2 1 
ATOM   131  N  N   . GLY A 1 18  ? -3.358  -13.326 15.183  0.50 64.90 ? 18  GLY A N   1 
ATOM   132  C  CA  . GLY A 1 18  ? -3.500  -12.768 16.518  0.50 65.22 ? 18  GLY A CA  1 
ATOM   133  C  C   . GLY A 1 18  ? -3.688  -11.262 16.510  1.00 65.74 ? 18  GLY A C   1 
ATOM   134  O  O   . GLY A 1 18  ? -2.891  -10.533 17.104  1.00 67.13 ? 18  GLY A O   1 
ATOM   135  N  N   . TYR A 1 19  ? -4.756  -10.795 15.869  1.00 62.22 ? 19  TYR A N   1 
ATOM   136  C  CA  . TYR A 1 19  ? -5.028  -9.366  15.766  1.00 54.47 ? 19  TYR A CA  1 
ATOM   137  C  C   . TYR A 1 19  ? -6.475  -9.107  15.385  1.00 54.10 ? 19  TYR A C   1 
ATOM   138  O  O   . TYR A 1 19  ? -7.112  -9.936  14.738  1.00 53.12 ? 19  TYR A O   1 
ATOM   139  C  CB  . TYR A 1 19  ? -4.110  -8.752  14.712  1.00 49.92 ? 19  TYR A CB  1 
ATOM   140  C  CG  . TYR A 1 19  ? -4.419  -7.322  14.354  1.00 41.43 ? 19  TYR A CG  1 
ATOM   141  C  CD1 . TYR A 1 19  ? -3.940  -6.273  15.128  1.00 37.84 ? 19  TYR A CD1 1 
ATOM   142  C  CD2 . TYR A 1 19  ? -5.158  -7.017  13.217  1.00 37.02 ? 19  TYR A CD2 1 
ATOM   143  C  CE1 . TYR A 1 19  ? -4.186  -4.957  14.778  1.00 35.59 ? 19  TYR A CE1 1 
ATOM   144  C  CE2 . TYR A 1 19  ? -5.408  -5.705  12.861  1.00 35.20 ? 19  TYR A CE2 1 
ATOM   145  C  CZ  . TYR A 1 19  ? -4.918  -4.679  13.643  1.00 33.92 ? 19  TYR A CZ  1 
ATOM   146  O  OH  . TYR A 1 19  ? -5.134  -3.372  13.285  1.00 33.19 ? 19  TYR A OH  1 
ATOM   147  N  N   . THR A 1 20  ? -6.984  -7.950  15.792  1.00 54.29 ? 20  THR A N   1 
ATOM   148  C  CA  . THR A 1 20  ? -8.353  -7.562  15.484  1.00 57.65 ? 20  THR A CA  1 
ATOM   149  C  C   . THR A 1 20  ? -8.354  -6.258  14.679  1.00 54.40 ? 20  THR A C   1 
ATOM   150  O  O   . THR A 1 20  ? -8.012  -5.190  15.194  1.00 52.44 ? 20  THR A O   1 
ATOM   151  C  CB  . THR A 1 20  ? -9.216  -7.440  16.776  1.00 61.01 ? 20  THR A CB  1 
ATOM   152  O  OG1 . THR A 1 20  ? -10.534 -6.980  16.446  1.00 62.94 ? 20  THR A OG1 1 
ATOM   153  C  CG2 . THR A 1 20  ? -8.566  -6.494  17.785  1.00 63.06 ? 20  THR A CG2 1 
ATOM   154  N  N   . PRO A 1 21  ? -8.679  -6.348  13.377  1.00 53.17 ? 21  PRO A N   1 
ATOM   155  C  CA  . PRO A 1 21  ? -8.719  -5.189  12.480  1.00 49.18 ? 21  PRO A CA  1 
ATOM   156  C  C   . PRO A 1 21  ? -9.672  -4.097  12.936  1.00 47.68 ? 21  PRO A C   1 
ATOM   157  O  O   . PRO A 1 21  ? -10.801 -4.367  13.344  1.00 50.12 ? 21  PRO A O   1 
ATOM   158  C  CB  . PRO A 1 21  ? -9.146  -5.804  11.145  1.00 50.86 ? 21  PRO A CB  1 
ATOM   159  C  CG  . PRO A 1 21  ? -9.886  -7.044  11.537  1.00 52.48 ? 21  PRO A CG  1 
ATOM   160  C  CD  . PRO A 1 21  ? -9.043  -7.578  12.652  1.00 53.65 ? 21  PRO A CD  1 
ATOM   161  N  N   . LYS A 1 22  ? -9.198  -2.860  12.890  1.00 45.51 ? 22  LYS A N   1 
ATOM   162  C  CA  . LYS A 1 22  ? -10.005 -1.720  13.291  1.00 44.49 ? 22  LYS A CA  1 
ATOM   163  C  C   . LYS A 1 22  ? -10.690 -1.066  12.096  1.00 44.03 ? 22  LYS A C   1 
ATOM   164  O  O   . LYS A 1 22  ? -11.742 -0.431  12.235  1.00 43.84 ? 22  LYS A O   1 
ATOM   165  C  CB  . LYS A 1 22  ? -9.138  -0.706  14.040  1.00 46.57 ? 22  LYS A CB  1 
ATOM   166  C  CG  . LYS A 1 22  ? -8.686  -1.195  15.413  1.00 47.16 ? 22  LYS A CG  1 
ATOM   167  C  CD  . LYS A 1 22  ? -9.887  -1.476  16.317  1.00 46.68 ? 22  LYS A CD  1 
ATOM   168  C  CE  . LYS A 1 22  ? -9.468  -2.076  17.649  1.00 45.25 ? 22  LYS A CE  1 
ATOM   169  N  NZ  . LYS A 1 22  ? -8.796  -3.389  17.469  1.00 46.08 ? 22  LYS A NZ  1 
ATOM   170  N  N   . LYS A 1 23  ? -10.104 -1.247  10.919  1.00 40.76 ? 23  LYS A N   1 
ATOM   171  C  CA  . LYS A 1 23  ? -10.643 -0.678  9.696   1.00 35.13 ? 23  LYS A CA  1 
ATOM   172  C  C   . LYS A 1 23  ? -10.950 -1.784  8.688   1.00 32.42 ? 23  LYS A C   1 
ATOM   173  O  O   . LYS A 1 23  ? -10.452 -2.902  8.817   1.00 30.64 ? 23  LYS A O   1 
ATOM   174  C  CB  . LYS A 1 23  ? -9.631  0.299   9.107   1.00 37.22 ? 23  LYS A CB  1 
ATOM   175  C  CG  . LYS A 1 23  ? -10.214 1.644   8.739   1.00 38.86 ? 23  LYS A CG  1 
ATOM   176  C  CD  . LYS A 1 23  ? -10.563 2.448   9.967   1.00 38.20 ? 23  LYS A CD  1 
ATOM   177  C  CE  . LYS A 1 23  ? -11.315 3.699   9.582   1.00 41.05 ? 23  LYS A CE  1 
ATOM   178  N  NZ  . LYS A 1 23  ? -12.627 3.356   8.981   1.00 43.27 ? 23  LYS A NZ  1 
ATOM   179  N  N   . GLY A 1 24  ? -11.796 -1.480  7.709   1.00 29.45 ? 24  GLY A N   1 
ATOM   180  C  CA  . GLY A 1 24  ? -12.144 -2.464  6.694   1.00 31.93 ? 24  GLY A CA  1 
ATOM   181  C  C   . GLY A 1 24  ? -11.055 -2.703  5.654   1.00 32.80 ? 24  GLY A C   1 
ATOM   182  O  O   . GLY A 1 24  ? -10.087 -1.954  5.569   1.00 35.24 ? 24  GLY A O   1 
ATOM   183  N  N   . ASP A 1 25  ? -11.223 -3.739  4.843   1.00 30.88 ? 25  ASP A N   1 
ATOM   184  C  CA  . ASP A 1 25  ? -10.259 -4.078  3.803   1.00 26.46 ? 25  ASP A CA  1 
ATOM   185  C  C   . ASP A 1 25  ? -10.090 -2.982  2.758   1.00 24.31 ? 25  ASP A C   1 
ATOM   186  O  O   . ASP A 1 25  ? -10.972 -2.146  2.566   1.00 21.17 ? 25  ASP A O   1 
ATOM   187  C  CB  . ASP A 1 25  ? -10.664 -5.379  3.112   1.00 27.49 ? 25  ASP A CB  1 
ATOM   188  C  CG  . ASP A 1 25  ? -10.465 -6.596  3.986   1.00 27.88 ? 25  ASP A CG  1 
ATOM   189  O  OD1 . ASP A 1 25  ? -9.859  -6.474  5.071   1.00 29.94 ? 25  ASP A OD1 1 
ATOM   190  O  OD2 . ASP A 1 25  ? -10.902 -7.687  3.574   1.00 30.55 ? 25  ASP A OD2 1 
ATOM   191  N  N   . VAL A 1 26  ? -8.946  -3.010  2.086   1.00 23.95 ? 26  VAL A N   1 
ATOM   192  C  CA  . VAL A 1 26  ? -8.607  -2.045  1.048   1.00 22.95 ? 26  VAL A CA  1 
ATOM   193  C  C   . VAL A 1 26  ? -8.490  -2.749  -0.299  1.00 23.92 ? 26  VAL A C   1 
ATOM   194  O  O   . VAL A 1 26  ? -7.878  -3.811  -0.403  1.00 22.29 ? 26  VAL A O   1 
ATOM   195  C  CB  . VAL A 1 26  ? -7.254  -1.361  1.353   1.00 18.81 ? 26  VAL A CB  1 
ATOM   196  C  CG1 . VAL A 1 26  ? -6.856  -0.433  0.218   1.00 18.95 ? 26  VAL A CG1 1 
ATOM   197  C  CG2 . VAL A 1 26  ? -7.335  -0.598  2.662   1.00 19.60 ? 26  VAL A CG2 1 
ATOM   198  N  N   . THR A 1 27  ? -9.089  -2.163  -1.327  1.00 26.78 ? 27  THR A N   1 
ATOM   199  C  CA  . THR A 1 27  ? -9.026  -2.724  -2.669  1.00 28.53 ? 27  THR A CA  1 
ATOM   200  C  C   . THR A 1 27  ? -8.079  -1.878  -3.520  1.00 23.61 ? 27  THR A C   1 
ATOM   201  O  O   . THR A 1 27  ? -8.307  -0.681  -3.716  1.00 27.60 ? 27  THR A O   1 
ATOM   202  C  CB  . THR A 1 27  ? -10.424 -2.746  -3.337  1.00 30.40 ? 27  THR A CB  1 
ATOM   203  O  OG1 . THR A 1 27  ? -11.304 -3.600  -2.593  1.00 31.23 ? 27  THR A OG1 1 
ATOM   204  C  CG2 . THR A 1 27  ? -10.323 -3.257  -4.775  1.00 30.85 ? 27  THR A CG2 1 
ATOM   205  N  N   . PHE A 1 28  ? -6.987  -2.484  -3.968  1.00 16.12 ? 28  PHE A N   1 
ATOM   206  C  CA  . PHE A 1 28  ? -6.024  -1.784  -4.805  1.00 13.32 ? 28  PHE A CA  1 
ATOM   207  C  C   . PHE A 1 28  ? -6.265  -2.145  -6.267  1.00 15.88 ? 28  PHE A C   1 
ATOM   208  O  O   . PHE A 1 28  ? -6.486  -3.309  -6.601  1.00 16.70 ? 28  PHE A O   1 
ATOM   209  C  CB  . PHE A 1 28  ? -4.588  -2.130  -4.404  1.00 9.88  ? 28  PHE A CB  1 
ATOM   210  C  CG  . PHE A 1 28  ? -3.556  -1.479  -5.271  1.00 6.14  ? 28  PHE A CG  1 
ATOM   211  C  CD1 . PHE A 1 28  ? -3.327  -0.111  -5.192  1.00 8.11  ? 28  PHE A CD1 1 
ATOM   212  C  CD2 . PHE A 1 28  ? -2.868  -2.216  -6.216  1.00 4.81  ? 28  PHE A CD2 1 
ATOM   213  C  CE1 . PHE A 1 28  ? -2.434  0.519   -6.050  1.00 5.37  ? 28  PHE A CE1 1 
ATOM   214  C  CE2 . PHE A 1 28  ? -1.970  -1.598  -7.082  1.00 7.17  ? 28  PHE A CE2 1 
ATOM   215  C  CZ  . PHE A 1 28  ? -1.756  -0.225  -6.997  1.00 4.70  ? 28  PHE A CZ  1 
ATOM   216  N  N   . ASN A 1 29  ? -6.254  -1.139  -7.133  1.00 15.70 ? 29  ASN A N   1 
ATOM   217  C  CA  . ASN A 1 29  ? -6.465  -1.351  -8.554  1.00 10.29 ? 29  ASN A CA  1 
ATOM   218  C  C   . ASN A 1 29  ? -5.260  -0.852  -9.314  1.00 10.30 ? 29  ASN A C   1 
ATOM   219  O  O   . ASN A 1 29  ? -4.882  0.305   -9.180  1.00 17.45 ? 29  ASN A O   1 
ATOM   220  C  CB  . ASN A 1 29  ? -7.707  -0.594  -9.036  1.00 16.38 ? 29  ASN A CB  1 
ATOM   221  C  CG  . ASN A 1 29  ? -9.001  -1.145  -8.451  1.00 22.15 ? 29  ASN A CG  1 
ATOM   222  O  OD1 . ASN A 1 29  ? -9.523  -2.165  -8.914  1.00 22.92 ? 29  ASN A OD1 1 
ATOM   223  N  ND2 . ASN A 1 29  ? -9.536  -0.461  -7.443  1.00 25.01 ? 29  ASN A ND2 1 
ATOM   224  N  N   . HIS A 1 30  ? -4.658  -1.725  -10.114 1.00 8.65  ? 30  HIS A N   1 
ATOM   225  C  CA  . HIS A 1 30  ? -3.496  -1.364  -10.911 1.00 8.51  ? 30  HIS A CA  1 
ATOM   226  C  C   . HIS A 1 30  ? -3.819  -0.408  -12.071 1.00 10.70 ? 30  HIS A C   1 
ATOM   227  O  O   . HIS A 1 30  ? -3.020  0.467   -12.399 1.00 13.19 ? 30  HIS A O   1 
ATOM   228  C  CB  . HIS A 1 30  ? -2.819  -2.625  -11.465 1.00 8.73  ? 30  HIS A CB  1 
ATOM   229  C  CG  . HIS A 1 30  ? -1.899  -3.305  -10.498 1.00 7.81  ? 30  HIS A CG  1 
ATOM   230  N  ND1 . HIS A 1 30  ? -2.230  -4.433  -9.779  1.00 9.83  ? 30  HIS A ND1 1 
ATOM   231  C  CD2 . HIS A 1 30  ? -0.612  -3.028  -10.167 1.00 7.96  ? 30  HIS A CD2 1 
ATOM   232  C  CE1 . HIS A 1 30  ? -1.161  -4.795  -9.055  1.00 7.50  ? 30  HIS A CE1 1 
ATOM   233  N  NE2 . HIS A 1 30  ? -0.150  -3.972  -9.256  1.00 7.87  ? 30  HIS A NE2 1 
ATOM   234  N  N   . ALA A 1 31  ? -5.002  -0.556  -12.668 1.00 13.54 ? 31  ALA A N   1 
ATOM   235  C  CA  . ALA A 1 31  ? -5.410  0.271   -13.807 1.00 10.44 ? 31  ALA A CA  1 
ATOM   236  C  C   . ALA A 1 31  ? -5.238  1.760   -13.571 1.00 13.67 ? 31  ALA A C   1 
ATOM   237  O  O   . ALA A 1 31  ? -4.691  2.468   -14.417 1.00 12.98 ? 31  ALA A O   1 
ATOM   238  C  CB  . ALA A 1 31  ? -6.845  -0.034  -14.198 1.00 10.95 ? 31  ALA A CB  1 
ATOM   239  N  N   . SER A 1 32  ? -5.703  2.242   -12.423 1.00 14.51 ? 32  SER A N   1 
ATOM   240  C  CA  . SER A 1 32  ? -5.589  3.658   -12.101 1.00 17.04 ? 32  SER A CA  1 
ATOM   241  C  C   . SER A 1 32  ? -4.158  4.081   -11.775 1.00 16.26 ? 32  SER A C   1 
ATOM   242  O  O   . SER A 1 32  ? -3.839  5.267   -11.791 1.00 20.73 ? 32  SER A O   1 
ATOM   243  C  CB  . SER A 1 32  ? -6.529  4.004   -10.947 1.00 16.77 ? 32  SER A CB  1 
ATOM   244  O  OG  . SER A 1 32  ? -6.571  2.937   -10.016 1.00 23.13 ? 32  SER A OG  1 
ATOM   245  N  N   . HIS A 1 33  ? -3.286  3.104   -11.551 1.00 14.05 ? 33  HIS A N   1 
ATOM   246  C  CA  . HIS A 1 33  ? -1.891  3.370   -11.214 1.00 11.39 ? 33  HIS A CA  1 
ATOM   247  C  C   . HIS A 1 33  ? -0.935  2.930   -12.320 1.00 11.28 ? 33  HIS A C   1 
ATOM   248  O  O   . HIS A 1 33  ? 0.285   3.013   -12.165 1.00 14.04 ? 33  HIS A O   1 
ATOM   249  C  CB  . HIS A 1 33  ? -1.541  2.638   -9.910  1.00 9.75  ? 33  HIS A CB  1 
ATOM   250  C  CG  . HIS A 1 33  ? -2.381  3.056   -8.742  1.00 6.40  ? 33  HIS A CG  1 
ATOM   251  N  ND1 . HIS A 1 33  ? -3.593  2.493   -8.417  1.00 6.79  ? 33  HIS A ND1 1 
ATOM   252  C  CD2 . HIS A 1 33  ? -2.183  4.044   -7.834  1.00 6.32  ? 33  HIS A CD2 1 
ATOM   253  C  CE1 . HIS A 1 33  ? -4.084  3.147   -7.354  1.00 8.71  ? 33  HIS A CE1 1 
ATOM   254  N  NE2 . HIS A 1 33  ? -3.262  4.102   -6.961  1.00 10.61 ? 33  HIS A NE2 1 
ATOM   255  N  N   . MET A 1 34  ? -1.485  2.553   -13.467 1.00 8.91  ? 34  MET A N   1 
ATOM   256  C  CA  . MET A 1 34  ? -0.681  2.047   -14.575 1.00 13.15 ? 34  MET A CA  1 
ATOM   257  C  C   . MET A 1 34  ? 0.429   2.943   -15.128 1.00 12.07 ? 34  MET A C   1 
ATOM   258  O  O   . MET A 1 34  ? 1.358   2.450   -15.771 1.00 17.33 ? 34  MET A O   1 
ATOM   259  C  CB  . MET A 1 34  ? -1.593  1.554   -15.704 1.00 14.99 ? 34  MET A CB  1 
ATOM   260  C  CG  . MET A 1 34  ? -0.905  0.663   -16.742 1.00 18.98 ? 34  MET A CG  1 
ATOM   261  S  SD  . MET A 1 34  ? -0.119  -0.826  -16.059 1.00 23.34 ? 34  MET A SD  1 
ATOM   262  C  CE  . MET A 1 34  ? -1.549  -1.816  -15.636 1.00 18.34 ? 34  MET A CE  1 
ATOM   263  N  N   . ASP A 1 35  ? 0.361   4.242   -14.868 1.00 16.18 ? 35  ASP A N   1 
ATOM   264  C  CA  . ASP A 1 35  ? 1.385   5.154   -15.369 1.00 20.56 ? 35  ASP A CA  1 
ATOM   265  C  C   . ASP A 1 35  ? 2.622   5.218   -14.483 1.00 21.13 ? 35  ASP A C   1 
ATOM   266  O  O   . ASP A 1 35  ? 3.617   5.851   -14.845 1.00 25.71 ? 35  ASP A O   1 
ATOM   267  C  CB  . ASP A 1 35  ? 0.816   6.566   -15.547 1.00 32.04 ? 35  ASP A CB  1 
ATOM   268  C  CG  . ASP A 1 35  ? -0.300  6.622   -16.572 1.00 40.08 ? 35  ASP A CG  1 
ATOM   269  O  OD1 . ASP A 1 35  ? -0.068  6.224   -17.735 1.00 41.36 ? 35  ASP A OD1 1 
ATOM   270  O  OD2 . ASP A 1 35  ? -1.412  7.059   -16.206 1.00 46.13 ? 35  ASP A OD2 1 
ATOM   271  N  N   . ILE A 1 36  ? 2.567   4.576   -13.323 1.00 16.28 ? 36  ILE A N   1 
ATOM   272  C  CA  . ILE A 1 36  ? 3.701   4.601   -12.409 1.00 12.07 ? 36  ILE A CA  1 
ATOM   273  C  C   . ILE A 1 36  ? 4.536   3.355   -12.635 1.00 8.54  ? 36  ILE A C   1 
ATOM   274  O  O   . ILE A 1 36  ? 3.991   2.270   -12.841 1.00 10.39 ? 36  ILE A O   1 
ATOM   275  C  CB  . ILE A 1 36  ? 3.216   4.693   -10.932 1.00 11.41 ? 36  ILE A CB  1 
ATOM   276  C  CG1 . ILE A 1 36  ? 2.354   5.947   -10.754 1.00 5.79  ? 36  ILE A CG1 1 
ATOM   277  C  CG2 . ILE A 1 36  ? 4.396   4.734   -9.973  1.00 8.45  ? 36  ILE A CG2 1 
ATOM   278  C  CD1 . ILE A 1 36  ? 1.290   5.823   -9.697  1.00 5.05  ? 36  ILE A CD1 1 
ATOM   279  N  N   . ALA A 1 37  ? 5.857   3.523   -12.644 1.00 7.51  ? 37  ALA A N   1 
ATOM   280  C  CA  . ALA A 1 37  ? 6.790   2.415   -12.842 1.00 7.99  ? 37  ALA A CA  1 
ATOM   281  C  C   . ALA A 1 37  ? 6.518   1.290   -11.837 1.00 8.86  ? 37  ALA A C   1 
ATOM   282  O  O   . ALA A 1 37  ? 6.370   1.539   -10.641 1.00 9.38  ? 37  ALA A O   1 
ATOM   283  C  CB  . ALA A 1 37  ? 8.223   2.911   -12.700 1.00 8.97  ? 37  ALA A CB  1 
ATOM   284  N  N   . CYS A 1 38  ? 6.454   0.056   -12.327 1.00 7.85  ? 38  CYS A N   1 
ATOM   285  C  CA  . CYS A 1 38  ? 6.201   -1.083  -11.461 1.00 10.50 ? 38  CYS A CA  1 
ATOM   286  C  C   . CYS A 1 38  ? 7.150   -1.101  -10.264 1.00 16.04 ? 38  CYS A C   1 
ATOM   287  O  O   . CYS A 1 38  ? 6.698   -1.136  -9.122  1.00 21.35 ? 38  CYS A O   1 
ATOM   288  C  CB  . CYS A 1 38  ? 6.318   -2.404  -12.218 1.00 9.58  ? 38  CYS A CB  1 
ATOM   289  S  SG  . CYS A 1 38  ? 5.493   -2.486  -13.837 1.00 12.96 ? 38  CYS A SG  1 
ATOM   290  N  N   . GLN A 1 39  ? 8.455   -1.007  -10.513 1.00 12.25 ? 39  GLN A N   1 
ATOM   291  C  CA  . GLN A 1 39  ? 9.424   -1.043  -9.431  1.00 13.56 ? 39  GLN A CA  1 
ATOM   292  C  C   . GLN A 1 39  ? 9.389   0.151   -8.469  1.00 15.84 ? 39  GLN A C   1 
ATOM   293  O  O   . GLN A 1 39  ? 10.026  0.105   -7.418  1.00 21.62 ? 39  GLN A O   1 
ATOM   294  C  CB  . GLN A 1 39  ? 10.851  -1.311  -9.940  1.00 12.67 ? 39  GLN A CB  1 
ATOM   295  C  CG  . GLN A 1 39  ? 11.434  -0.277  -10.878 1.00 11.79 ? 39  GLN A CG  1 
ATOM   296  C  CD  . GLN A 1 39  ? 11.231  -0.621  -12.338 1.00 12.93 ? 39  GLN A CD  1 
ATOM   297  O  OE1 . GLN A 1 39  ? 10.113  -0.588  -12.844 1.00 15.13 ? 39  GLN A OE1 1 
ATOM   298  N  NE2 . GLN A 1 39  ? 12.309  -0.956  -13.024 1.00 13.46 ? 39  GLN A NE2 1 
ATOM   299  N  N   . GLN A 1 40  ? 8.632   1.199   -8.792  1.00 14.60 ? 40  GLN A N   1 
ATOM   300  C  CA  . GLN A 1 40  ? 8.537   2.340   -7.882  1.00 14.21 ? 40  GLN A CA  1 
ATOM   301  C  C   . GLN A 1 40  ? 7.795   1.907   -6.616  1.00 17.94 ? 40  GLN A C   1 
ATOM   302  O  O   . GLN A 1 40  ? 8.171   2.293   -5.504  1.00 17.91 ? 40  GLN A O   1 
ATOM   303  C  CB  . GLN A 1 40  ? 7.811   3.527   -8.515  1.00 11.75 ? 40  GLN A CB  1 
ATOM   304  C  CG  . GLN A 1 40  ? 7.721   4.727   -7.575  1.00 11.49 ? 40  GLN A CG  1 
ATOM   305  C  CD  . GLN A 1 40  ? 7.270   5.995   -8.268  1.00 10.29 ? 40  GLN A CD  1 
ATOM   306  O  OE1 . GLN A 1 40  ? 7.842   6.395   -9.280  1.00 13.47 ? 40  GLN A OE1 1 
ATOM   307  N  NE2 . GLN A 1 40  ? 6.248   6.640   -7.719  1.00 9.93  ? 40  GLN A NE2 1 
ATOM   308  N  N   . CYS A 1 41  ? 6.717   1.145   -6.795  1.00 14.48 ? 41  CYS A N   1 
ATOM   309  C  CA  . CYS A 1 41  ? 5.946   0.649   -5.660  1.00 12.70 ? 41  CYS A CA  1 
ATOM   310  C  C   . CYS A 1 41  ? 6.579   -0.649  -5.195  1.00 14.77 ? 41  CYS A C   1 
ATOM   311  O  O   . CYS A 1 41  ? 6.847   -0.820  -4.007  1.00 17.09 ? 41  CYS A O   1 
ATOM   312  C  CB  . CYS A 1 41  ? 4.483   0.400   -6.040  1.00 12.28 ? 41  CYS A CB  1 
ATOM   313  S  SG  . CYS A 1 41  ? 3.537   1.917   -6.393  1.00 12.33 ? 41  CYS A SG  1 
ATOM   314  N  N   . HIS A 1 42  ? 6.807   -1.563  -6.139  1.00 8.76  ? 42  HIS A N   1 
ATOM   315  C  CA  . HIS A 1 42  ? 7.419   -2.858  -5.863  1.00 7.69  ? 42  HIS A CA  1 
ATOM   316  C  C   . HIS A 1 42  ? 8.912   -2.614  -5.850  1.00 12.31 ? 42  HIS A C   1 
ATOM   317  O  O   . HIS A 1 42  ? 9.667   -3.162  -6.657  1.00 16.68 ? 42  HIS A O   1 
ATOM   318  C  CB  . HIS A 1 42  ? 7.015   -3.869  -6.943  1.00 7.11  ? 42  HIS A CB  1 
ATOM   319  C  CG  . HIS A 1 42  ? 5.547   -4.152  -6.965  1.00 8.19  ? 42  HIS A CG  1 
ATOM   320  N  ND1 . HIS A 1 42  ? 4.877   -4.825  -5.968  1.00 10.30 ? 42  HIS A ND1 1 
ATOM   321  C  CD2 . HIS A 1 42  ? 4.592   -3.770  -7.849  1.00 10.35 ? 42  HIS A CD2 1 
ATOM   322  C  CE1 . HIS A 1 42  ? 3.570   -4.823  -6.267  1.00 8.81  ? 42  HIS A CE1 1 
ATOM   323  N  NE2 . HIS A 1 42  ? 3.339   -4.196  -7.403  1.00 6.80  ? 42  HIS A NE2 1 
ATOM   324  N  N   . HIS A 1 43  ? 9.331   -1.807  -4.884  1.00 12.69 ? 43  HIS A N   1 
ATOM   325  C  CA  . HIS A 1 43  ? 10.712  -1.392  -4.751  1.00 8.18  ? 43  HIS A CA  1 
ATOM   326  C  C   . HIS A 1 43  ? 11.762  -2.442  -4.416  1.00 11.06 ? 43  HIS A C   1 
ATOM   327  O  O   . HIS A 1 43  ? 12.956  -2.151  -4.518  1.00 9.16  ? 43  HIS A O   1 
ATOM   328  C  CB  . HIS A 1 43  ? 10.801  -0.209  -3.779  1.00 11.46 ? 43  HIS A CB  1 
ATOM   329  C  CG  . HIS A 1 43  ? 10.668  -0.592  -2.341  1.00 14.70 ? 43  HIS A CG  1 
ATOM   330  N  ND1 . HIS A 1 43  ? 11.725  -0.606  -1.454  1.00 16.66 ? 43  HIS A ND1 1 
ATOM   331  C  CD2 . HIS A 1 43  ? 9.579   -0.975  -1.625  1.00 13.64 ? 43  HIS A CD2 1 
ATOM   332  C  CE1 . HIS A 1 43  ? 11.264  -0.982  -0.264  1.00 18.18 ? 43  HIS A CE1 1 
ATOM   333  N  NE2 . HIS A 1 43  ? 9.967   -1.219  -0.310  1.00 19.64 ? 43  HIS A NE2 1 
ATOM   334  N  N   . THR A 1 44  ? 11.357  -3.650  -4.033  1.00 10.65 ? 44  THR A N   1 
ATOM   335  C  CA  . THR A 1 44  ? 12.347  -4.676  -3.710  1.00 9.12  ? 44  THR A CA  1 
ATOM   336  C  C   . THR A 1 44  ? 12.576  -5.705  -4.820  1.00 14.40 ? 44  THR A C   1 
ATOM   337  O  O   . THR A 1 44  ? 13.171  -6.763  -4.583  1.00 18.04 ? 44  THR A O   1 
ATOM   338  C  CB  . THR A 1 44  ? 12.030  -5.406  -2.374  1.00 6.75  ? 44  THR A CB  1 
ATOM   339  O  OG1 . THR A 1 44  ? 10.728  -5.994  -2.428  1.00 11.69 ? 44  THR A OG1 1 
ATOM   340  C  CG2 . THR A 1 44  ? 12.094  -4.439  -1.221  1.00 4.01  ? 44  THR A CG2 1 
ATOM   341  N  N   . VAL A 1 45  ? 12.133  -5.391  -6.034  1.00 15.44 ? 45  VAL A N   1 
ATOM   342  C  CA  . VAL A 1 45  ? 12.316  -6.307  -7.159  1.00 14.64 ? 45  VAL A CA  1 
ATOM   343  C  C   . VAL A 1 45  ? 13.795  -6.633  -7.408  1.00 13.41 ? 45  VAL A C   1 
ATOM   344  O  O   . VAL A 1 45  ? 14.143  -7.780  -7.665  1.00 12.96 ? 45  VAL A O   1 
ATOM   345  C  CB  . VAL A 1 45  ? 11.670  -5.774  -8.462  1.00 18.08 ? 45  VAL A CB  1 
ATOM   346  C  CG1 . VAL A 1 45  ? 12.096  -6.634  -9.645  1.00 19.98 ? 45  VAL A CG1 1 
ATOM   347  C  CG2 . VAL A 1 45  ? 10.150  -5.800  -8.341  1.00 17.45 ? 45  VAL A CG2 1 
ATOM   348  N  N   . PRO A 1 46  ? 14.681  -5.633  -7.320  1.00 13.12 ? 46  PRO A N   1 
ATOM   349  C  CA  . PRO A 1 46  ? 16.095  -5.937  -7.554  1.00 15.46 ? 46  PRO A CA  1 
ATOM   350  C  C   . PRO A 1 46  ? 16.644  -6.908  -6.511  1.00 21.36 ? 46  PRO A C   1 
ATOM   351  O  O   . PRO A 1 46  ? 17.586  -7.652  -6.778  1.00 23.14 ? 46  PRO A O   1 
ATOM   352  C  CB  . PRO A 1 46  ? 16.760  -4.575  -7.403  1.00 15.23 ? 46  PRO A CB  1 
ATOM   353  C  CG  . PRO A 1 46  ? 15.677  -3.607  -7.769  1.00 14.59 ? 46  PRO A CG  1 
ATOM   354  C  CD  . PRO A 1 46  ? 14.492  -4.193  -7.082  1.00 11.81 ? 46  PRO A CD  1 
ATOM   355  N  N   . ASP A 1 47  ? 16.036  -6.915  -5.328  1.00 24.52 ? 47  ASP A N   1 
ATOM   356  C  CA  . ASP A 1 47  ? 16.489  -7.768  -4.233  1.00 26.20 ? 47  ASP A CA  1 
ATOM   357  C  C   . ASP A 1 47  ? 16.165  -9.248  -4.366  1.00 21.74 ? 47  ASP A C   1 
ATOM   358  O  O   . ASP A 1 47  ? 16.960  -10.093 -3.958  1.00 21.28 ? 47  ASP A O   1 
ATOM   359  C  CB  . ASP A 1 47  ? 15.921  -7.264  -2.901  1.00 30.19 ? 47  ASP A CB  1 
ATOM   360  C  CG  . ASP A 1 47  ? 16.518  -5.939  -2.472  1.00 35.03 ? 47  ASP A CG  1 
ATOM   361  O  OD1 . ASP A 1 47  ? 17.744  -5.893  -2.239  1.00 41.31 ? 47  ASP A OD1 1 
ATOM   362  O  OD2 . ASP A 1 47  ? 15.764  -4.946  -2.358  1.00 35.56 ? 47  ASP A OD2 1 
ATOM   363  N  N   . THR A 1 48  ? 14.998  -9.556  -4.918  1.00 17.15 ? 48  THR A N   1 
ATOM   364  C  CA  . THR A 1 48  ? 14.551  -10.936 -5.034  1.00 15.32 ? 48  THR A CA  1 
ATOM   365  C  C   . THR A 1 48  ? 14.174  -11.399 -6.434  1.00 16.59 ? 48  THR A C   1 
ATOM   366  O  O   . THR A 1 48  ? 13.921  -12.585 -6.648  1.00 18.15 ? 48  THR A O   1 
ATOM   367  C  CB  . THR A 1 48  ? 13.296  -11.121 -4.185  1.00 19.18 ? 48  THR A CB  1 
ATOM   368  O  OG1 . THR A 1 48  ? 12.284  -10.222 -4.664  1.00 20.34 ? 48  THR A OG1 1 
ATOM   369  C  CG2 . THR A 1 48  ? 13.580  -10.817 -2.723  1.00 20.06 ? 48  THR A CG2 1 
ATOM   370  N  N   . TYR A 1 49  ? 14.077  -10.464 -7.370  1.00 17.60 ? 49  TYR A N   1 
ATOM   371  C  CA  . TYR A 1 49  ? 13.663  -10.775 -8.740  1.00 17.27 ? 49  TYR A CA  1 
ATOM   372  C  C   . TYR A 1 49  ? 12.294  -11.460 -8.776  1.00 12.63 ? 49  TYR A C   1 
ATOM   373  O  O   . TYR A 1 49  ? 12.061  -12.414 -9.514  1.00 10.81 ? 49  TYR A O   1 
ATOM   374  C  CB  . TYR A 1 49  ? 14.731  -11.573 -9.499  1.00 19.74 ? 49  TYR A CB  1 
ATOM   375  C  CG  . TYR A 1 49  ? 15.797  -10.689 -10.123 1.00 20.12 ? 49  TYR A CG  1 
ATOM   376  C  CD1 . TYR A 1 49  ? 16.509  -9.772  -9.353  1.00 19.68 ? 49  TYR A CD1 1 
ATOM   377  C  CD2 . TYR A 1 49  ? 16.070  -10.748 -11.488 1.00 20.29 ? 49  TYR A CD2 1 
ATOM   378  C  CE1 . TYR A 1 49  ? 17.464  -8.938  -9.926  1.00 19.91 ? 49  TYR A CE1 1 
ATOM   379  C  CE2 . TYR A 1 49  ? 17.025  -9.914  -12.065 1.00 17.36 ? 49  TYR A CE2 1 
ATOM   380  C  CZ  . TYR A 1 49  ? 17.715  -9.017  -11.278 1.00 16.69 ? 49  TYR A CZ  1 
ATOM   381  O  OH  . TYR A 1 49  ? 18.680  -8.219  -11.832 1.00 18.90 ? 49  TYR A OH  1 
ATOM   382  N  N   . THR A 1 50  ? 11.402  -10.961 -7.927  1.00 12.37 ? 50  THR A N   1 
ATOM   383  C  CA  . THR A 1 50  ? 10.030  -11.437 -7.833  1.00 12.14 ? 50  THR A CA  1 
ATOM   384  C  C   . THR A 1 50  ? 9.207   -10.239 -7.418  1.00 16.07 ? 50  THR A C   1 
ATOM   385  O  O   . THR A 1 50  ? 9.753   -9.230  -6.954  1.00 14.36 ? 50  THR A O   1 
ATOM   386  C  CB  . THR A 1 50  ? 9.811   -12.504 -6.719  1.00 9.93  ? 50  THR A CB  1 
ATOM   387  O  OG1 . THR A 1 50  ? 10.236  -11.976 -5.456  1.00 10.60 ? 50  THR A OG1 1 
ATOM   388  C  CG2 . THR A 1 50  ? 10.549  -13.790 -7.019  1.00 8.97  ? 50  THR A CG2 1 
ATOM   389  N  N   . ILE A 1 51  ? 7.906   -10.311 -7.661  1.00 14.64 ? 51  ILE A N   1 
ATOM   390  C  CA  . ILE A 1 51  ? 7.007   -9.262  -7.219  1.00 17.28 ? 51  ILE A CA  1 
ATOM   391  C  C   . ILE A 1 51  ? 6.168   -9.981  -6.174  1.00 17.80 ? 51  ILE A C   1 
ATOM   392  O  O   . ILE A 1 51  ? 5.552   -11.021 -6.457  1.00 18.68 ? 51  ILE A O   1 
ATOM   393  C  CB  . ILE A 1 51  ? 6.128   -8.692  -8.357  1.00 17.27 ? 51  ILE A CB  1 
ATOM   394  C  CG1 . ILE A 1 51  ? 6.989   -7.825  -9.288  1.00 15.99 ? 51  ILE A CG1 1 
ATOM   395  C  CG2 . ILE A 1 51  ? 4.983   -7.862  -7.765  1.00 14.01 ? 51  ILE A CG2 1 
ATOM   396  C  CD1 . ILE A 1 51  ? 6.234   -7.208  -10.443 1.00 16.23 ? 51  ILE A CD1 1 
ATOM   397  N  N   . GLU A 1 52  ? 6.211   -9.475  -4.949  1.00 18.44 ? 52  GLU A N   1 
ATOM   398  C  CA  . GLU A 1 52  ? 5.479   -10.090 -3.854  1.00 18.46 ? 52  GLU A CA  1 
ATOM   399  C  C   . GLU A 1 52  ? 4.687   -9.101  -2.998  1.00 19.92 ? 52  GLU A C   1 
ATOM   400  O  O   . GLU A 1 52  ? 4.856   -7.877  -3.102  1.00 16.01 ? 52  GLU A O   1 
ATOM   401  C  CB  . GLU A 1 52  ? 6.457   -10.887 -2.980  1.00 16.62 ? 52  GLU A CB  1 
ATOM   402  C  CG  . GLU A 1 52  ? 7.634   -10.066 -2.438  1.00 18.81 ? 52  GLU A CG  1 
ATOM   403  C  CD  . GLU A 1 52  ? 8.665   -10.900 -1.680  1.00 20.38 ? 52  GLU A CD  1 
ATOM   404  O  OE1 . GLU A 1 52  ? 8.462   -12.119 -1.503  1.00 25.83 ? 52  GLU A OE1 1 
ATOM   405  O  OE2 . GLU A 1 52  ? 9.692   -10.332 -1.259  1.00 22.25 ? 52  GLU A OE2 1 
ATOM   406  N  N   . SER A 1 53  ? 3.827   -9.651  -2.148  1.00 19.79 ? 53  SER A N   1 
ATOM   407  C  CA  . SER A 1 53  ? 2.992   -8.871  -1.238  1.00 19.28 ? 53  SER A CA  1 
ATOM   408  C  C   . SER A 1 53  ? 3.844   -7.927  -0.381  1.00 16.84 ? 53  SER A C   1 
ATOM   409  O  O   . SER A 1 53  ? 4.937   -8.301  0.042   1.00 18.44 ? 53  SER A O   1 
ATOM   410  C  CB  . SER A 1 53  ? 2.220   -9.841  -0.343  1.00 19.39 ? 53  SER A CB  1 
ATOM   411  O  OG  . SER A 1 53  ? 1.455   -9.162  0.633   1.00 25.84 ? 53  SER A OG  1 
ATOM   412  N  N   . CYS A 1 54  ? 3.362   -6.711  -0.125  1.00 18.47 ? 54  CYS A N   1 
ATOM   413  C  CA  . CYS A 1 54  ? 4.128   -5.767  0.700   1.00 18.18 ? 54  CYS A CA  1 
ATOM   414  C  C   . CYS A 1 54  ? 4.203   -6.277  2.131   1.00 19.32 ? 54  CYS A C   1 
ATOM   415  O  O   . CYS A 1 54  ? 5.182   -6.052  2.841   1.00 20.25 ? 54  CYS A O   1 
ATOM   416  C  CB  . CYS A 1 54  ? 3.471   -4.388  0.751   1.00 15.00 ? 54  CYS A CB  1 
ATOM   417  S  SG  . CYS A 1 54  ? 2.853   -3.692  -0.804  1.00 13.64 ? 54  CYS A SG  1 
ATOM   418  N  N   . MET A 1 55  ? 3.160   -6.988  2.536   1.00 25.72 ? 55  MET A N   1 
ATOM   419  C  CA  . MET A 1 55  ? 3.048   -7.510  3.890   1.00 30.28 ? 55  MET A CA  1 
ATOM   420  C  C   . MET A 1 55  ? 3.599   -8.923  4.078   1.00 30.47 ? 55  MET A C   1 
ATOM   421  O  O   . MET A 1 55  ? 3.079   -9.696  4.886   1.00 25.56 ? 55  MET A O   1 
ATOM   422  C  CB  . MET A 1 55  ? 1.582   -7.427  4.327   1.00 33.10 ? 55  MET A CB  1 
ATOM   423  C  CG  . MET A 1 55  ? 0.969   -6.048  4.086   1.00 35.79 ? 55  MET A CG  1 
ATOM   424  S  SD  . MET A 1 55  ? -0.739  -5.887  4.597   1.00 38.70 ? 55  MET A SD  1 
ATOM   425  C  CE  . MET A 1 55  ? -1.573  -6.801  3.306   1.00 41.09 ? 55  MET A CE  1 
ATOM   426  N  N   . THR A 1 56  ? 4.651   -9.258  3.331   1.00 35.06 ? 56  THR A N   1 
ATOM   427  C  CA  . THR A 1 56  ? 5.266   -10.579 3.450   1.00 36.58 ? 56  THR A CA  1 
ATOM   428  C  C   . THR A 1 56  ? 6.180   -10.630 4.669   1.00 36.54 ? 56  THR A C   1 
ATOM   429  O  O   . THR A 1 56  ? 6.650   -9.596  5.157   1.00 35.67 ? 56  THR A O   1 
ATOM   430  C  CB  . THR A 1 56  ? 6.073   -11.011 2.178   1.00 34.95 ? 56  THR A CB  1 
ATOM   431  O  OG1 . THR A 1 56  ? 6.847   -9.913  1.681   1.00 38.42 ? 56  THR A OG1 1 
ATOM   432  C  CG2 . THR A 1 56  ? 5.146   -11.524 1.090   1.00 33.52 ? 56  THR A CG2 1 
ATOM   433  N  N   . GLU A 1 57  ? 6.394   -11.842 5.164   1.00 40.34 ? 57  GLU A N   1 
ATOM   434  C  CA  . GLU A 1 57  ? 7.235   -12.097 6.320   1.00 39.66 ? 57  GLU A CA  1 
ATOM   435  C  C   . GLU A 1 57  ? 8.603   -11.495 6.044   1.00 36.29 ? 57  GLU A C   1 
ATOM   436  O  O   . GLU A 1 57  ? 9.233   -11.799 5.025   1.00 36.74 ? 57  GLU A O   1 
ATOM   437  C  CB  . GLU A 1 57  ? 7.346   -13.610 6.528   1.00 48.13 ? 57  GLU A CB  1 
ATOM   438  C  CG  . GLU A 1 57  ? 7.734   -14.067 7.927   1.00 57.94 ? 57  GLU A CG  1 
ATOM   439  C  CD  . GLU A 1 57  ? 7.694   -15.593 8.069   1.00 64.20 ? 57  GLU A CD  1 
ATOM   440  O  OE1 . GLU A 1 57  ? 8.669   -16.262 7.651   1.00 65.57 ? 57  GLU A OE1 1 
ATOM   441  O  OE2 . GLU A 1 57  ? 6.682   -16.122 8.589   1.00 65.30 ? 57  GLU A OE2 1 
ATOM   442  N  N   . GLY A 1 58  ? 9.029   -10.592 6.918   1.00 32.03 ? 58  GLY A N   1 
ATOM   443  C  CA  . GLY A 1 58  ? 10.324  -9.956  6.749   1.00 32.81 ? 58  GLY A CA  1 
ATOM   444  C  C   . GLY A 1 58  ? 10.260  -8.580  6.108   1.00 34.14 ? 58  GLY A C   1 
ATOM   445  O  O   . GLY A 1 58  ? 11.249  -7.838  6.106   1.00 29.79 ? 58  GLY A O   1 
ATOM   446  N  N   . CYS A 1 59  ? 9.099   -8.239  5.555   1.00 33.44 ? 59  CYS A N   1 
ATOM   447  C  CA  . CYS A 1 59  ? 8.909   -6.945  4.914   1.00 31.00 ? 59  CYS A CA  1 
ATOM   448  C  C   . CYS A 1 59  ? 8.068   -6.032  5.817   1.00 31.67 ? 59  CYS A C   1 
ATOM   449  O  O   . CYS A 1 59  ? 8.475   -5.735  6.943   1.00 34.10 ? 59  CYS A O   1 
ATOM   450  C  CB  . CYS A 1 59  ? 8.278   -7.146  3.536   1.00 26.21 ? 59  CYS A CB  1 
ATOM   451  S  SG  . CYS A 1 59  ? 9.254   -8.267  2.479   1.00 23.33 ? 59  CYS A SG  1 
ATOM   452  N  N   . HIS A 1 60  ? 6.899   -5.604  5.355   1.00 27.91 ? 60  HIS A N   1 
ATOM   453  C  CA  . HIS A 1 60  ? 6.052   -4.735  6.162   1.00 24.36 ? 60  HIS A CA  1 
ATOM   454  C  C   . HIS A 1 60  ? 4.945   -5.569  6.789   1.00 26.09 ? 60  HIS A C   1 
ATOM   455  O  O   . HIS A 1 60  ? 3.761   -5.394  6.484   1.00 20.41 ? 60  HIS A O   1 
ATOM   456  C  CB  . HIS A 1 60  ? 5.477   -3.623  5.290   1.00 21.78 ? 60  HIS A CB  1 
ATOM   457  C  CG  . HIS A 1 60  ? 6.523   -2.836  4.566   1.00 21.57 ? 60  HIS A CG  1 
ATOM   458  N  ND1 . HIS A 1 60  ? 7.247   -1.811  5.134   1.00 20.35 ? 60  HIS A ND1 1 
ATOM   459  C  CD2 . HIS A 1 60  ? 6.992   -2.958  3.299   1.00 20.77 ? 60  HIS A CD2 1 
ATOM   460  C  CE1 . HIS A 1 60  ? 8.110   -1.361  4.214   1.00 22.74 ? 60  HIS A CE1 1 
ATOM   461  N  NE2 . HIS A 1 60  ? 7.993   -2.026  3.079   1.00 19.75 ? 60  HIS A NE2 1 
ATOM   462  N  N   . ASP A 1 61  ? 5.347   -6.498  7.655   1.00 28.44 ? 61  ASP A N   1 
ATOM   463  C  CA  . ASP A 1 61  ? 4.398   -7.394  8.313   1.00 31.39 ? 61  ASP A CA  1 
ATOM   464  C  C   . ASP A 1 61  ? 4.175   -7.128  9.807   1.00 34.97 ? 61  ASP A C   1 
ATOM   465  O  O   . ASP A 1 61  ? 3.469   -7.889  10.475  1.00 37.34 ? 61  ASP A O   1 
ATOM   466  C  CB  . ASP A 1 61  ? 4.799   -8.861  8.083   1.00 28.72 ? 61  ASP A CB  1 
ATOM   467  C  CG  . ASP A 1 61  ? 6.153   -9.218  8.693   1.00 30.73 ? 61  ASP A CG  1 
ATOM   468  O  OD1 . ASP A 1 61  ? 6.948   -8.311  9.035   1.00 31.05 ? 61  ASP A OD1 1 
ATOM   469  O  OD2 . ASP A 1 61  ? 6.427   -10.428 8.826   1.00 32.82 ? 61  ASP A OD2 1 
ATOM   470  N  N   . ASN A 1 62  ? 4.749   -6.047  10.328  1.00 35.57 ? 62  ASN A N   1 
ATOM   471  C  CA  . ASN A 1 62  ? 4.594   -5.718  11.743  1.00 38.07 ? 62  ASN A CA  1 
ATOM   472  C  C   . ASN A 1 62  ? 3.277   -5.015  12.038  1.00 37.77 ? 62  ASN A C   1 
ATOM   473  O  O   . ASN A 1 62  ? 3.079   -3.858  11.665  1.00 33.34 ? 62  ASN A O   1 
ATOM   474  C  CB  . ASN A 1 62  ? 5.759   -4.857  12.233  1.00 38.95 ? 62  ASN A CB  1 
ATOM   475  C  CG  . ASN A 1 62  ? 5.681   -4.553  13.721  1.00 38.88 ? 62  ASN A CG  1 
ATOM   476  O  OD1 . ASN A 1 62  ? 4.834   -5.080  14.445  1.00 35.14 ? 62  ASN A OD1 1 
ATOM   477  N  ND2 . ASN A 1 62  ? 6.576   -3.699  14.183  1.00 39.21 ? 62  ASN A ND2 1 
ATOM   478  N  N   . ILE A 1 63  ? 2.397   -5.715  12.743  1.00 43.89 ? 63  ILE A N   1 
ATOM   479  C  CA  . ILE A 1 63  ? 1.094   -5.172  13.100  1.00 49.77 ? 63  ILE A CA  1 
ATOM   480  C  C   . ILE A 1 63  ? 1.035   -4.690  14.555  1.00 54.53 ? 63  ILE A C   1 
ATOM   481  O  O   . ILE A 1 63  ? 0.188   -3.867  14.894  1.00 55.82 ? 63  ILE A O   1 
ATOM   482  C  CB  . ILE A 1 63  ? -0.039  -6.206  12.828  1.00 47.63 ? 63  ILE A CB  1 
ATOM   483  C  CG1 . ILE A 1 63  ? -1.401  -5.514  12.779  1.00 46.40 ? 63  ILE A CG1 1 
ATOM   484  C  CG2 . ILE A 1 63  ? -0.035  -7.304  13.883  1.00 47.36 ? 63  ILE A CG2 1 
ATOM   485  C  CD1 . ILE A 1 63  ? -1.579  -4.579  11.607  1.00 46.78 ? 63  ILE A CD1 1 
ATOM   486  N  N   . LYS A 1 64  ? 1.935   -5.184  15.406  1.00 62.16 ? 64  LYS A N   1 
ATOM   487  C  CA  . LYS A 1 64  ? 1.943   -4.780  16.815  1.00 66.73 ? 64  LYS A CA  1 
ATOM   488  C  C   . LYS A 1 64  ? 2.553   -3.400  17.060  1.00 66.28 ? 64  LYS A C   1 
ATOM   489  O  O   . LYS A 1 64  ? 2.049   -2.641  17.887  1.00 68.45 ? 64  LYS A O   1 
ATOM   490  C  CB  . LYS A 1 64  ? 2.582   -5.854  17.710  1.00 70.31 ? 64  LYS A CB  1 
ATOM   491  C  CG  . LYS A 1 64  ? 3.989   -6.291  17.330  1.00 75.95 ? 64  LYS A CG  1 
ATOM   492  C  CD  . LYS A 1 64  ? 5.076   -5.513  18.074  1.00 79.63 ? 64  LYS A CD  1 
ATOM   493  C  CE  . LYS A 1 64  ? 5.089   -5.792  19.576  1.00 81.09 ? 64  LYS A CE  1 
ATOM   494  N  NZ  . LYS A 1 64  ? 6.272   -5.161  20.240  1.00 80.40 ? 64  LYS A NZ  1 
ATOM   495  N  N   . GLU A 1 65  ? 3.654   -3.089  16.382  1.00 66.35 ? 65  GLU A N   1 
ATOM   496  C  CA  . GLU A 1 65  ? 4.275   -1.774  16.523  1.00 67.65 ? 65  GLU A CA  1 
ATOM   497  C  C   . GLU A 1 65  ? 3.703   -0.903  15.409  1.00 65.89 ? 65  GLU A C   1 
ATOM   498  O  O   . GLU A 1 65  ? 3.249   -1.417  14.384  1.00 65.69 ? 65  GLU A O   1 
ATOM   499  C  CB  . GLU A 1 65  ? 5.800   -1.844  16.415  1.00 72.81 ? 65  GLU A CB  1 
ATOM   500  C  CG  . GLU A 1 65  ? 6.500   -2.601  17.546  1.00 79.81 ? 65  GLU A CG  1 
ATOM   501  C  CD  . GLU A 1 65  ? 6.384   -1.912  18.902  1.00 85.04 ? 65  GLU A CD  1 
ATOM   502  O  OE1 . GLU A 1 65  ? 5.389   -2.163  19.622  1.00 88.00 ? 65  GLU A OE1 1 
ATOM   503  O  OE2 . GLU A 1 65  ? 7.297   -1.132  19.255  1.00 87.19 ? 65  GLU A OE2 1 
ATOM   504  N  N   . ARG A 1 66  ? 3.785   0.411   15.573  1.00 62.91 ? 66  ARG A N   1 
ATOM   505  C  CA  . ARG A 1 66  ? 3.216   1.316   14.588  1.00 60.24 ? 66  ARG A CA  1 
ATOM   506  C  C   . ARG A 1 66  ? 4.169   2.318   13.945  1.00 58.50 ? 66  ARG A C   1 
ATOM   507  O  O   . ARG A 1 66  ? 3.998   2.682   12.779  1.00 56.72 ? 66  ARG A O   1 
ATOM   508  C  CB  . ARG A 1 66  ? 2.037   2.042   15.235  1.00 62.90 ? 66  ARG A CB  1 
ATOM   509  C  CG  . ARG A 1 66  ? 1.304   3.030   14.361  1.00 65.35 ? 66  ARG A CG  1 
ATOM   510  C  CD  . ARG A 1 66  ? -0.070  3.258   14.937  1.00 65.55 ? 66  ARG A CD  1 
ATOM   511  N  NE  . ARG A 1 66  ? -0.694  4.472   14.433  1.00 68.23 ? 66  ARG A NE  1 
ATOM   512  C  CZ  . ARG A 1 66  ? -1.993  4.593   14.186  1.00 69.75 ? 66  ARG A CZ  1 
ATOM   513  N  NH1 . ARG A 1 66  ? -2.809  3.563   14.385  1.00 65.31 ? 66  ARG A NH1 1 
ATOM   514  N  NH2 . ARG A 1 66  ? -2.482  5.762   13.787  1.00 71.96 ? 66  ARG A NH2 1 
ATOM   515  N  N   . THR A 1 67  ? 5.166   2.760   14.699  1.00 56.73 ? 67  THR A N   1 
ATOM   516  C  CA  . THR A 1 67  ? 6.120   3.741   14.199  1.00 55.42 ? 67  THR A CA  1 
ATOM   517  C  C   . THR A 1 67  ? 7.258   3.133   13.379  1.00 54.74 ? 67  THR A C   1 
ATOM   518  O  O   . THR A 1 67  ? 7.996   3.850   12.702  1.00 56.37 ? 67  THR A O   1 
ATOM   519  C  CB  . THR A 1 67  ? 6.733   4.524   15.371  1.00 55.93 ? 67  THR A CB  1 
ATOM   520  O  OG1 . THR A 1 67  ? 5.816   4.522   16.472  1.00 57.28 ? 67  THR A OG1 1 
ATOM   521  C  CG2 . THR A 1 67  ? 7.016   5.961   14.960  1.00 57.15 ? 67  THR A CG2 1 
ATOM   522  N  N   . GLU A 1 68  ? 7.387   1.812   13.424  1.00 53.86 ? 68  GLU A N   1 
ATOM   523  C  CA  . GLU A 1 68  ? 8.458   1.117   12.717  1.00 52.00 ? 68  GLU A CA  1 
ATOM   524  C  C   . GLU A 1 68  ? 8.263   0.986   11.204  1.00 47.71 ? 68  GLU A C   1 
ATOM   525  O  O   . GLU A 1 68  ? 7.144   0.900   10.712  1.00 44.97 ? 68  GLU A O   1 
ATOM   526  C  CB  . GLU A 1 68  ? 8.694   -0.253  13.362  1.00 54.62 ? 68  GLU A CB  1 
ATOM   527  C  CG  . GLU A 1 68  ? 9.081   -0.157  14.843  1.00 58.77 ? 68  GLU A CG  1 
ATOM   528  C  CD  . GLU A 1 68  ? 9.325   -1.504  15.520  1.00 62.50 ? 68  GLU A CD  1 
ATOM   529  O  OE1 . GLU A 1 68  ? 9.101   -2.569  14.897  1.00 62.90 ? 68  GLU A OE1 1 
ATOM   530  O  OE2 . GLU A 1 68  ? 9.747   -1.489  16.697  1.00 62.17 ? 68  GLU A OE2 1 
ATOM   531  N  N   . ILE A 1 69  ? 9.373   0.979   10.471  1.00 45.36 ? 69  ILE A N   1 
ATOM   532  C  CA  . ILE A 1 69  ? 9.355   0.851   9.014   1.00 43.14 ? 69  ILE A CA  1 
ATOM   533  C  C   . ILE A 1 69  ? 8.659   -0.443  8.595   1.00 40.10 ? 69  ILE A C   1 
ATOM   534  O  O   . ILE A 1 69  ? 8.058   -0.528  7.519   1.00 40.50 ? 69  ILE A O   1 
ATOM   535  C  CB  . ILE A 1 69  ? 10.799  0.912   8.446   1.00 41.79 ? 69  ILE A CB  1 
ATOM   536  C  CG1 . ILE A 1 69  ? 11.304  2.351   8.507   1.00 42.74 ? 69  ILE A CG1 1 
ATOM   537  C  CG2 . ILE A 1 69  ? 10.867  0.378   7.018   1.00 41.90 ? 69  ILE A CG2 1 
ATOM   538  C  CD1 . ILE A 1 69  ? 12.703  2.530   8.004   1.00 46.22 ? 69  ILE A CD1 1 
ATOM   539  N  N   . SER A 1 70  ? 8.721   -1.437  9.469   1.00 35.57 ? 70  SER A N   1 
ATOM   540  C  CA  . SER A 1 70  ? 8.105   -2.729  9.222   1.00 31.36 ? 70  SER A CA  1 
ATOM   541  C  C   . SER A 1 70  ? 6.613   -2.706  9.536   1.00 27.76 ? 70  SER A C   1 
ATOM   542  O  O   . SER A 1 70  ? 5.903   -3.681  9.285   1.00 30.45 ? 70  SER A O   1 
ATOM   543  C  CB  . SER A 1 70  ? 8.784   -3.775  10.097  1.00 32.15 ? 70  SER A CB  1 
ATOM   544  O  OG  . SER A 1 70  ? 8.874   -3.302  11.433  1.00 38.90 ? 70  SER A OG  1 
ATOM   545  N  N   . SER A 1 71  ? 6.153   -1.600  10.106  1.00 25.77 ? 71  SER A N   1 
ATOM   546  C  CA  . SER A 1 71  ? 4.760   -1.447  10.497  1.00 26.97 ? 71  SER A CA  1 
ATOM   547  C  C   . SER A 1 71  ? 3.808   -1.274  9.330   1.00 24.94 ? 71  SER A C   1 
ATOM   548  O  O   . SER A 1 71  ? 4.049   -0.465  8.429   1.00 23.50 ? 71  SER A O   1 
ATOM   549  C  CB  . SER A 1 71  ? 4.610   -0.250  11.441  1.00 28.84 ? 71  SER A CB  1 
ATOM   550  O  OG  . SER A 1 71  ? 5.456   -0.380  12.572  1.00 35.11 ? 71  SER A OG  1 
ATOM   551  N  N   . VAL A 1 72  ? 2.700   -2.002  9.386   1.00 20.96 ? 72  VAL A N   1 
ATOM   552  C  CA  . VAL A 1 72  ? 1.677   -1.917  8.358   1.00 22.80 ? 72  VAL A CA  1 
ATOM   553  C  C   . VAL A 1 72  ? 1.134   -0.481  8.308   1.00 23.66 ? 72  VAL A C   1 
ATOM   554  O  O   . VAL A 1 72  ? 0.904   0.055   7.226   1.00 23.76 ? 72  VAL A O   1 
ATOM   555  C  CB  . VAL A 1 72  ? 0.509   -2.909  8.637   1.00 21.08 ? 72  VAL A CB  1 
ATOM   556  C  CG1 . VAL A 1 72  ? -0.615  -2.715  7.629   1.00 24.71 ? 72  VAL A CG1 1 
ATOM   557  C  CG2 . VAL A 1 72  ? 1.002   -4.336  8.577   1.00 16.82 ? 72  VAL A CG2 1 
ATOM   558  N  N   . TYR A 1 73  ? 0.992   0.162   9.466   1.00 22.09 ? 73  TYR A N   1 
ATOM   559  C  CA  . TYR A 1 73  ? 0.458   1.523   9.502   1.00 21.84 ? 73  TYR A CA  1 
ATOM   560  C  C   . TYR A 1 73  ? 1.356   2.585   8.894   1.00 19.89 ? 73  TYR A C   1 
ATOM   561  O  O   . TYR A 1 73  ? 0.927   3.333   8.018   1.00 22.43 ? 73  TYR A O   1 
ATOM   562  C  CB  . TYR A 1 73  ? 0.046   1.947   10.922  1.00 23.26 ? 73  TYR A CB  1 
ATOM   563  C  CG  . TYR A 1 73  ? -0.865  3.156   10.911  1.00 21.23 ? 73  TYR A CG  1 
ATOM   564  C  CD1 . TYR A 1 73  ? -2.246  3.007   10.769  1.00 16.64 ? 73  TYR A CD1 1 
ATOM   565  C  CD2 . TYR A 1 73  ? -0.342  4.451   10.930  1.00 21.36 ? 73  TYR A CD2 1 
ATOM   566  C  CE1 . TYR A 1 73  ? -3.080  4.113   10.634  1.00 19.31 ? 73  TYR A CE1 1 
ATOM   567  C  CE2 . TYR A 1 73  ? -1.166  5.565   10.793  1.00 19.22 ? 73  TYR A CE2 1 
ATOM   568  C  CZ  . TYR A 1 73  ? -2.534  5.389   10.643  1.00 21.21 ? 73  TYR A CZ  1 
ATOM   569  O  OH  . TYR A 1 73  ? -3.352  6.489   10.487  1.00 26.84 ? 73  TYR A OH  1 
ATOM   570  N  N   . ARG A 1 74  ? 2.588   2.684   9.368   1.00 21.76 ? 74  ARG A N   1 
ATOM   571  C  CA  . ARG A 1 74  ? 3.497   3.689   8.836   1.00 24.68 ? 74  ARG A CA  1 
ATOM   572  C  C   . ARG A 1 74  ? 3.600   3.579   7.316   1.00 25.04 ? 74  ARG A C   1 
ATOM   573  O  O   . ARG A 1 74  ? 3.321   4.541   6.601   1.00 24.36 ? 74  ARG A O   1 
ATOM   574  C  CB  . ARG A 1 74  ? 4.892   3.558   9.461   1.00 21.48 ? 74  ARG A CB  1 
ATOM   575  C  CG  . ARG A 1 74  ? 5.846   4.650   9.009   1.00 25.97 ? 74  ARG A CG  1 
ATOM   576  C  CD  . ARG A 1 74  ? 7.270   4.393   9.459   1.00 31.87 ? 74  ARG A CD  1 
ATOM   577  N  NE  . ARG A 1 74  ? 8.166   5.462   9.024   1.00 37.51 ? 74  ARG A NE  1 
ATOM   578  C  CZ  . ARG A 1 74  ? 8.686   5.560   7.802   1.00 41.68 ? 74  ARG A CZ  1 
ATOM   579  N  NH1 . ARG A 1 74  ? 8.412   4.650   6.877   1.00 42.07 ? 74  ARG A NH1 1 
ATOM   580  N  NH2 . ARG A 1 74  ? 9.464   6.589   7.495   1.00 43.52 ? 74  ARG A NH2 1 
ATOM   581  N  N   . THR A 1 75  ? 3.910   2.369   6.849   1.00 26.29 ? 75  THR A N   1 
ATOM   582  C  CA  . THR A 1 75  ? 4.095   2.047   5.432   1.00 25.00 ? 75  THR A CA  1 
ATOM   583  C  C   . THR A 1 75  ? 3.043   2.583   4.456   1.00 21.10 ? 75  THR A C   1 
ATOM   584  O  O   . THR A 1 75  ? 3.383   3.171   3.432   1.00 21.97 ? 75  THR A O   1 
ATOM   585  C  CB  . THR A 1 75  ? 4.221   0.505   5.232   1.00 26.49 ? 75  THR A CB  1 
ATOM   586  O  OG1 . THR A 1 75  ? 5.303   0.001   6.027   1.00 31.99 ? 75  THR A OG1 1 
ATOM   587  C  CG2 . THR A 1 75  ? 4.487   0.161   3.773   1.00 27.95 ? 75  THR A CG2 1 
ATOM   588  N  N   . PHE A 1 76  ? 1.772   2.405   4.788   1.00 18.21 ? 76  PHE A N   1 
ATOM   589  C  CA  . PHE A 1 76  ? 0.696   2.833   3.909   1.00 13.28 ? 76  PHE A CA  1 
ATOM   590  C  C   . PHE A 1 76  ? 0.057   4.197   4.173   1.00 16.74 ? 76  PHE A C   1 
ATOM   591  O  O   . PHE A 1 76  ? -0.738  4.678   3.353   1.00 12.71 ? 76  PHE A O   1 
ATOM   592  C  CB  . PHE A 1 76  ? -0.360  1.738   3.876   1.00 11.80 ? 76  PHE A CB  1 
ATOM   593  C  CG  . PHE A 1 76  ? 0.188   0.393   3.470   1.00 16.95 ? 76  PHE A CG  1 
ATOM   594  C  CD1 . PHE A 1 76  ? 0.860   0.237   2.252   1.00 19.23 ? 76  PHE A CD1 1 
ATOM   595  C  CD2 . PHE A 1 76  ? 0.020   -0.720  4.287   1.00 14.17 ? 76  PHE A CD2 1 
ATOM   596  C  CE1 . PHE A 1 76  ? 1.347   -1.003  1.854   1.00 14.48 ? 76  PHE A CE1 1 
ATOM   597  C  CE2 . PHE A 1 76  ? 0.502   -1.964  3.900   1.00 19.09 ? 76  PHE A CE2 1 
ATOM   598  C  CZ  . PHE A 1 76  ? 1.167   -2.108  2.678   1.00 19.53 ? 76  PHE A CZ  1 
ATOM   599  N  N   . HIS A 1 77  ? 0.437   4.848   5.270   1.00 18.48 ? 77  HIS A N   1 
ATOM   600  C  CA  . HIS A 1 77  ? -0.138  6.149   5.602   1.00 17.95 ? 77  HIS A CA  1 
ATOM   601  C  C   . HIS A 1 77  ? 0.872   7.272   5.805   1.00 21.19 ? 77  HIS A C   1 
ATOM   602  O  O   . HIS A 1 77  ? 0.488   8.426   5.969   1.00 27.65 ? 77  HIS A O   1 
ATOM   603  C  CB  . HIS A 1 77  ? -1.016  6.043   6.849   1.00 14.71 ? 77  HIS A CB  1 
ATOM   604  C  CG  . HIS A 1 77  ? -1.952  4.880   6.832   1.00 9.76  ? 77  HIS A CG  1 
ATOM   605  N  ND1 . HIS A 1 77  ? -1.651  3.643   7.350   1.00 15.92 ? 77  HIS A ND1 1 
ATOM   606  C  CD2 . HIS A 1 77  ? -3.211  4.774   6.341   1.00 13.98 ? 77  HIS A CD2 1 
ATOM   607  C  CE1 . HIS A 1 77  ? -2.702  2.841   7.164   1.00 13.03 ? 77  HIS A CE1 1 
ATOM   608  N  NE2 . HIS A 1 77  ? -3.678  3.480   6.554   1.00 15.99 ? 77  HIS A NE2 1 
ATOM   609  N  N   . THR A 1 78  ? 2.157   6.953   5.815   1.00 27.26 ? 78  THR A N   1 
ATOM   610  C  CA  . THR A 1 78  ? 3.166   7.991   6.020   1.00 28.98 ? 78  THR A CA  1 
ATOM   611  C  C   . THR A 1 78  ? 3.180   9.022   4.890   1.00 29.67 ? 78  THR A C   1 
ATOM   612  O  O   . THR A 1 78  ? 2.956   8.686   3.731   1.00 28.09 ? 78  THR A O   1 
ATOM   613  C  CB  . THR A 1 78  ? 4.595   7.387   6.189   1.00 30.17 ? 78  THR A CB  1 
ATOM   614  O  OG1 . THR A 1 78  ? 5.537   8.447   6.399   1.00 32.54 ? 78  THR A OG1 1 
ATOM   615  C  CG2 . THR A 1 78  ? 5.025   6.596   4.949   1.00 31.27 ? 78  THR A CG2 1 
ATOM   616  N  N   . THR A 1 79  ? 3.384   10.287  5.238   1.00 33.91 ? 79  THR A N   1 
ATOM   617  C  CA  . THR A 1 79  ? 3.473   11.340  4.231   1.00 37.32 ? 79  THR A CA  1 
ATOM   618  C  C   . THR A 1 79  ? 4.951   11.681  4.031   1.00 37.99 ? 79  THR A C   1 
ATOM   619  O  O   . THR A 1 79  ? 5.295   12.574  3.250   1.00 36.71 ? 79  THR A O   1 
ATOM   620  C  CB  . THR A 1 79  ? 2.675   12.615  4.616   1.00 37.26 ? 79  THR A CB  1 
ATOM   621  O  OG1 . THR A 1 79  ? 2.793   12.857  6.022   1.00 41.17 ? 79  THR A OG1 1 
ATOM   622  C  CG2 . THR A 1 79  ? 1.213   12.459  4.247   1.00 36.49 ? 79  THR A CG2 1 
ATOM   623  N  N   . LYS A 1 80  ? 5.817   10.939  4.725   1.00 39.33 ? 80  LYS A N   1 
ATOM   624  C  CA  . LYS A 1 80  ? 7.262   11.129  4.639   1.00 42.17 ? 80  LYS A CA  1 
ATOM   625  C  C   . LYS A 1 80  ? 7.843   10.464  3.396   1.00 40.18 ? 80  LYS A C   1 
ATOM   626  O  O   . LYS A 1 80  ? 9.028   10.585  3.111   1.00 42.29 ? 80  LYS A O   1 
ATOM   627  C  CB  . LYS A 1 80  ? 7.957   10.623  5.910   1.00 44.91 ? 80  LYS A CB  1 
ATOM   628  C  CG  . LYS A 1 80  ? 7.657   11.478  7.139   1.00 52.07 ? 80  LYS A CG  1 
ATOM   629  C  CD  . LYS A 1 80  ? 8.048   12.936  6.885   1.00 57.97 ? 80  LYS A CD  1 
ATOM   630  C  CE  . LYS A 1 80  ? 7.382   13.907  7.861   1.00 62.20 ? 80  LYS A CE  1 
ATOM   631  N  NZ  . LYS A 1 80  ? 7.796   13.703  9.278   1.00 64.68 ? 80  LYS A NZ  1 
ATOM   632  N  N   . ASP A 1 81  ? 6.994   9.758   2.662   1.00 35.87 ? 81  ASP A N   1 
ATOM   633  C  CA  . ASP A 1 81  ? 7.393   9.108   1.429   1.00 30.34 ? 81  ASP A CA  1 
ATOM   634  C  C   . ASP A 1 81  ? 6.273   9.366   0.430   1.00 31.25 ? 81  ASP A C   1 
ATOM   635  O  O   . ASP A 1 81  ? 5.113   9.041   0.702   1.00 31.71 ? 81  ASP A O   1 
ATOM   636  C  CB  . ASP A 1 81  ? 7.559   7.608   1.637   1.00 30.23 ? 81  ASP A CB  1 
ATOM   637  C  CG  . ASP A 1 81  ? 7.784   6.870   0.335   1.00 26.02 ? 81  ASP A CG  1 
ATOM   638  O  OD1 . ASP A 1 81  ? 6.795   6.623   -0.380  1.00 28.60 ? 81  ASP A OD1 1 
ATOM   639  O  OD2 . ASP A 1 81  ? 8.947   6.559   0.016   1.00 28.88 ? 81  ASP A OD2 1 
ATOM   640  N  N   . SER A 1 82  ? 6.610   9.927   -0.726  1.00 28.78 ? 82  SER A N   1 
ATOM   641  C  CA  . SER A 1 82  ? 5.602   10.219  -1.740  1.00 27.39 ? 82  SER A CA  1 
ATOM   642  C  C   . SER A 1 82  ? 5.674   9.312   -2.964  1.00 26.68 ? 82  SER A C   1 
ATOM   643  O  O   . SER A 1 82  ? 4.894   9.477   -3.902  1.00 25.08 ? 82  SER A O   1 
ATOM   644  C  CB  . SER A 1 82  ? 5.688   11.682  -2.163  1.00 23.61 ? 82  SER A CB  1 
ATOM   645  O  OG  . SER A 1 82  ? 7.016   12.015  -2.525  1.00 29.22 ? 82  SER A OG  1 
ATOM   646  N  N   . GLU A 1 83  ? 6.588   8.342   -2.941  1.00 27.18 ? 83  GLU A N   1 
ATOM   647  C  CA  . GLU A 1 83  ? 6.744   7.423   -4.063  1.00 23.27 ? 83  GLU A CA  1 
ATOM   648  C  C   . GLU A 1 83  ? 5.921   6.157   -3.958  1.00 19.35 ? 83  GLU A C   1 
ATOM   649  O  O   . GLU A 1 83  ? 5.267   5.768   -4.919  1.00 17.87 ? 83  GLU A O   1 
ATOM   650  C  CB  . GLU A 1 83  ? 8.203   7.041   -4.251  1.00 26.67 ? 83  GLU A CB  1 
ATOM   651  C  CG  . GLU A 1 83  ? 9.075   8.199   -4.644  1.00 41.15 ? 83  GLU A CG  1 
ATOM   652  C  CD  . GLU A 1 83  ? 10.345  7.760   -5.349  1.00 49.45 ? 83  GLU A CD  1 
ATOM   653  O  OE1 . GLU A 1 83  ? 10.941  6.728   -4.950  1.00 52.22 ? 83  GLU A OE1 1 
ATOM   654  O  OE2 . GLU A 1 83  ? 10.741  8.456   -6.314  1.00 54.56 ? 83  GLU A OE2 1 
ATOM   655  N  N   . LYS A 1 84  ? 5.983   5.501   -2.801  1.00 15.17 ? 84  LYS A N   1 
ATOM   656  C  CA  . LYS A 1 84  ? 5.265   4.254   -2.585  1.00 10.02 ? 84  LYS A CA  1 
ATOM   657  C  C   . LYS A 1 84  ? 4.294   4.189   -1.402  1.00 15.02 ? 84  LYS A C   1 
ATOM   658  O  O   . LYS A 1 84  ? 3.691   3.141   -1.148  1.00 15.39 ? 84  LYS A O   1 
ATOM   659  C  CB  . LYS A 1 84  ? 6.250   3.084   -2.548  1.00 14.94 ? 84  LYS A CB  1 
ATOM   660  C  CG  . LYS A 1 84  ? 7.445   3.320   -1.642  1.00 17.68 ? 84  LYS A CG  1 
ATOM   661  C  CD  . LYS A 1 84  ? 8.536   2.284   -1.864  1.00 14.34 ? 84  LYS A CD  1 
ATOM   662  C  CE  . LYS A 1 84  ? 9.725   2.560   -0.974  1.00 8.10  ? 84  LYS A CE  1 
ATOM   663  N  NZ  . LYS A 1 84  ? 10.215  3.956   -1.135  1.00 10.71 ? 84  LYS A NZ  1 
ATOM   664  N  N   . SER A 1 85  ? 4.131   5.293   -0.681  1.00 13.69 ? 85  SER A N   1 
ATOM   665  C  CA  . SER A 1 85  ? 3.179   5.319   0.427   1.00 10.14 ? 85  SER A CA  1 
ATOM   666  C  C   . SER A 1 85  ? 1.833   5.716   -0.185  1.00 8.62  ? 85  SER A C   1 
ATOM   667  O  O   . SER A 1 85  ? 1.756   6.698   -0.934  1.00 10.41 ? 85  SER A O   1 
ATOM   668  C  CB  . SER A 1 85  ? 3.588   6.348   1.477   1.00 13.61 ? 85  SER A CB  1 
ATOM   669  O  OG  . SER A 1 85  ? 2.548   6.540   2.420   1.00 9.24  ? 85  SER A OG  1 
ATOM   670  N  N   . CYS A 1 86  ? 0.776   4.971   0.120   1.00 11.10 ? 86  CYS A N   1 
ATOM   671  C  CA  . CYS A 1 86  ? -0.535  5.275   -0.444  1.00 13.94 ? 86  CYS A CA  1 
ATOM   672  C  C   . CYS A 1 86  ? -0.958  6.721   -0.180  1.00 16.84 ? 86  CYS A C   1 
ATOM   673  O  O   . CYS A 1 86  ? -1.057  7.518   -1.120  1.00 16.47 ? 86  CYS A O   1 
ATOM   674  C  CB  . CYS A 1 86  ? -1.608  4.319   0.085   1.00 13.48 ? 86  CYS A CB  1 
ATOM   675  S  SG  . CYS A 1 86  ? -1.162  2.557   0.138   1.00 15.34 ? 86  CYS A SG  1 
ATOM   676  N  N   . VAL A 1 87  ? -1.155  7.084   1.088   1.00 16.97 ? 87  VAL A N   1 
ATOM   677  C  CA  . VAL A 1 87  ? -1.566  8.457   1.380   1.00 16.32 ? 87  VAL A CA  1 
ATOM   678  C  C   . VAL A 1 87  ? -0.420  9.417   1.097   1.00 10.80 ? 87  VAL A C   1 
ATOM   679  O  O   . VAL A 1 87  ? -0.650  10.558  0.704   1.00 13.41 ? 87  VAL A O   1 
ATOM   680  C  CB  . VAL A 1 87  ? -2.151  8.657   2.833   1.00 19.51 ? 87  VAL A CB  1 
ATOM   681  C  CG1 . VAL A 1 87  ? -2.648  7.345   3.424   1.00 17.59 ? 87  VAL A CG1 1 
ATOM   682  C  CG2 . VAL A 1 87  ? -1.171  9.360   3.744   1.00 18.74 ? 87  VAL A CG2 1 
ATOM   683  N  N   . GLY A 1 88  ? 0.812   8.939   1.235   1.00 11.78 ? 88  GLY A N   1 
ATOM   684  C  CA  . GLY A 1 88  ? 1.965   9.777   0.956   1.00 11.11 ? 88  GLY A CA  1 
ATOM   685  C  C   . GLY A 1 88  ? 1.942   10.333  -0.459  1.00 14.76 ? 88  GLY A C   1 
ATOM   686  O  O   . GLY A 1 88  ? 2.190   11.525  -0.671  1.00 17.44 ? 88  GLY A O   1 
ATOM   687  N  N   . CYS A 1 89  ? 1.649   9.479   -1.439  1.00 17.54 ? 89  CYS A N   1 
ATOM   688  C  CA  . CYS A 1 89  ? 1.594   9.934   -2.825  1.00 17.81 ? 89  CYS A CA  1 
ATOM   689  C  C   . CYS A 1 89  ? 0.320   10.714  -3.105  1.00 14.57 ? 89  CYS A C   1 
ATOM   690  O  O   . CYS A 1 89  ? 0.369   11.782  -3.706  1.00 17.51 ? 89  CYS A O   1 
ATOM   691  C  CB  . CYS A 1 89  ? 1.702   8.774   -3.822  1.00 19.01 ? 89  CYS A CB  1 
ATOM   692  S  SG  . CYS A 1 89  ? 1.487   9.321   -5.564  1.00 13.89 ? 89  CYS A SG  1 
ATOM   693  N  N   . HIS A 1 90  ? -0.814  10.190  -2.655  1.00 12.14 ? 90  HIS A N   1 
ATOM   694  C  CA  . HIS A 1 90  ? -2.097  10.852  -2.874  1.00 12.08 ? 90  HIS A CA  1 
ATOM   695  C  C   . HIS A 1 90  ? -2.087  12.300  -2.389  1.00 15.21 ? 90  HIS A C   1 
ATOM   696  O  O   . HIS A 1 90  ? -2.649  13.180  -3.041  1.00 18.17 ? 90  HIS A O   1 
ATOM   697  C  CB  . HIS A 1 90  ? -3.217  10.082  -2.185  1.00 10.46 ? 90  HIS A CB  1 
ATOM   698  C  CG  . HIS A 1 90  ? -3.560  8.785   -2.848  1.00 10.80 ? 90  HIS A CG  1 
ATOM   699  N  ND1 . HIS A 1 90  ? -4.570  7.956   -2.422  1.00 7.31  ? 90  HIS A ND1 1 
ATOM   700  C  CD2 . HIS A 1 90  ? -3.029  8.185   -3.946  1.00 8.65  ? 90  HIS A CD2 1 
ATOM   701  C  CE1 . HIS A 1 90  ? -4.628  6.908   -3.250  1.00 10.41 ? 90  HIS A CE1 1 
ATOM   702  N  NE2 . HIS A 1 90  ? -3.715  6.993   -4.197  1.00 7.80  ? 90  HIS A NE2 1 
ATOM   703  N  N   . ARG A 1 91  ? -1.423  12.544  -1.264  1.00 13.38 ? 91  ARG A N   1 
ATOM   704  C  CA  . ARG A 1 91  ? -1.323  13.885  -0.699  1.00 12.12 ? 91  ARG A CA  1 
ATOM   705  C  C   . ARG A 1 91  ? -0.453  14.777  -1.581  1.00 13.83 ? 91  ARG A C   1 
ATOM   706  O  O   . ARG A 1 91  ? -0.782  15.940  -1.825  1.00 12.80 ? 91  ARG A O   1 
ATOM   707  C  CB  . ARG A 1 91  ? -0.740  13.824  0.717   1.00 13.62 ? 91  ARG A CB  1 
ATOM   708  C  CG  . ARG A 1 91  ? -0.578  15.179  1.392   1.00 11.72 ? 91  ARG A CG  1 
ATOM   709  C  CD  . ARG A 1 91  ? -1.917  15.896  1.522   1.00 15.37 ? 91  ARG A CD  1 
ATOM   710  N  NE  . ARG A 1 91  ? -1.763  17.260  2.014   1.00 15.87 ? 91  ARG A NE  1 
ATOM   711  C  CZ  . ARG A 1 91  ? -1.531  18.316  1.242   1.00 15.77 ? 91  ARG A CZ  1 
ATOM   712  N  NH1 . ARG A 1 91  ? -1.431  18.172  -0.071  1.00 12.84 ? 91  ARG A NH1 1 
ATOM   713  N  NH2 . ARG A 1 91  ? -1.392  19.515  1.787   1.00 15.88 ? 91  ARG A NH2 1 
ATOM   714  N  N   . GLU A 1 92  ? 0.645   14.208  -2.080  1.00 16.88 ? 92  GLU A N   1 
ATOM   715  C  CA  . GLU A 1 92  ? 1.586   14.923  -2.941  1.00 11.93 ? 92  GLU A CA  1 
ATOM   716  C  C   . GLU A 1 92  ? 0.936   15.352  -4.258  1.00 13.37 ? 92  GLU A C   1 
ATOM   717  O  O   . GLU A 1 92  ? 1.232   16.418  -4.793  1.00 17.71 ? 92  GLU A O   1 
ATOM   718  C  CB  . GLU A 1 92  ? 2.813   14.041  -3.201  1.00 16.85 ? 92  GLU A CB  1 
ATOM   719  C  CG  . GLU A 1 92  ? 3.881   14.659  -4.096  1.00 24.66 ? 92  GLU A CG  1 
ATOM   720  C  CD  . GLU A 1 92  ? 4.396   16.005  -3.593  1.00 31.72 ? 92  GLU A CD  1 
ATOM   721  O  OE1 . GLU A 1 92  ? 4.519   16.184  -2.357  1.00 35.26 ? 92  GLU A OE1 1 
ATOM   722  O  OE2 . GLU A 1 92  ? 4.683   16.886  -4.440  1.00 31.65 ? 92  GLU A OE2 1 
ATOM   723  N  N   . LEU A 1 93  ? 0.024   14.538  -4.766  1.00 15.27 ? 93  LEU A N   1 
ATOM   724  C  CA  . LEU A 1 93  ? -0.657  14.864  -6.013  1.00 20.06 ? 93  LEU A CA  1 
ATOM   725  C  C   . LEU A 1 93  ? -1.459  16.161  -5.889  1.00 21.75 ? 93  LEU A C   1 
ATOM   726  O  O   . LEU A 1 93  ? -1.501  16.960  -6.820  1.00 25.60 ? 93  LEU A O   1 
ATOM   727  C  CB  . LEU A 1 93  ? -1.580  13.718  -6.435  1.00 16.96 ? 93  LEU A CB  1 
ATOM   728  C  CG  . LEU A 1 93  ? -0.928  12.363  -6.721  1.00 16.10 ? 93  LEU A CG  1 
ATOM   729  C  CD1 . LEU A 1 93  ? -1.999  11.348  -7.043  1.00 18.97 ? 93  LEU A CD1 1 
ATOM   730  C  CD2 . LEU A 1 93  ? 0.066   12.476  -7.861  1.00 17.11 ? 93  LEU A CD2 1 
ATOM   731  N  N   . LYS A 1 94  ? -2.064  16.379  -4.725  1.00 24.24 ? 94  LYS A N   1 
ATOM   732  C  CA  . LYS A 1 94  ? -2.860  17.572  -4.491  1.00 21.63 ? 94  LYS A CA  1 
ATOM   733  C  C   . LYS A 1 94  ? -2.037  18.853  -4.558  1.00 25.91 ? 94  LYS A C   1 
ATOM   734  O  O   . LYS A 1 94  ? -2.547  19.902  -4.959  1.00 29.48 ? 94  LYS A O   1 
ATOM   735  C  CB  . LYS A 1 94  ? -3.610  17.458  -3.170  1.00 21.68 ? 94  LYS A CB  1 
ATOM   736  C  CG  . LYS A 1 94  ? -4.641  16.339  -3.189  1.00 22.44 ? 94  LYS A CG  1 
ATOM   737  C  CD  . LYS A 1 94  ? -5.489  16.317  -1.930  1.00 22.86 ? 94  LYS A CD  1 
ATOM   738  C  CE  . LYS A 1 94  ? -6.451  15.135  -1.934  1.00 21.10 ? 94  LYS A CE  1 
ATOM   739  N  NZ  . LYS A 1 94  ? -7.437  15.189  -3.048  1.00 22.42 ? 94  LYS A NZ  1 
ATOM   740  N  N   . ARG A 1 95  ? -0.757  18.768  -4.208  1.00 26.78 ? 95  ARG A N   1 
ATOM   741  C  CA  . ARG A 1 95  ? 0.116   19.936  -4.281  1.00 26.67 ? 95  ARG A CA  1 
ATOM   742  C  C   . ARG A 1 95  ? 0.433   20.235  -5.743  1.00 28.96 ? 95  ARG A C   1 
ATOM   743  O  O   . ARG A 1 95  ? 0.741   21.366  -6.102  1.00 30.93 ? 95  ARG A O   1 
ATOM   744  C  CB  . ARG A 1 95  ? 1.416   19.711  -3.503  1.00 22.46 ? 95  ARG A CB  1 
ATOM   745  C  CG  . ARG A 1 95  ? 1.209   19.565  -2.016  1.00 24.43 ? 95  ARG A CG  1 
ATOM   746  C  CD  . ARG A 1 95  ? 2.524   19.566  -1.261  1.00 30.96 ? 95  ARG A CD  1 
ATOM   747  N  NE  . ARG A 1 95  ? 2.328   19.277  0.159   1.00 28.48 ? 95  ARG A NE  1 
ATOM   748  C  CZ  . ARG A 1 95  ? 2.570   18.098  0.724   1.00 27.65 ? 95  ARG A CZ  1 
ATOM   749  N  NH1 . ARG A 1 95  ? 3.031   17.082  -0.001  1.00 21.85 ? 95  ARG A NH1 1 
ATOM   750  N  NH2 . ARG A 1 95  ? 2.317   17.924  2.014   1.00 31.35 ? 95  ARG A NH2 1 
ATOM   751  N  N   . GLN A 1 96  ? 0.324   19.217  -6.589  1.00 36.48 ? 96  GLN A N   1 
ATOM   752  C  CA  . GLN A 1 96  ? 0.604   19.362  -8.011  1.00 39.23 ? 96  GLN A CA  1 
ATOM   753  C  C   . GLN A 1 96  ? -0.609  19.820  -8.829  1.00 37.38 ? 96  GLN A C   1 
ATOM   754  O  O   . GLN A 1 96  ? -0.494  20.051  -10.030 1.00 40.76 ? 96  GLN A O   1 
ATOM   755  C  CB  . GLN A 1 96  ? 1.157   18.043  -8.560  1.00 42.68 ? 96  GLN A CB  1 
ATOM   756  C  CG  . GLN A 1 96  ? 2.438   17.582  -7.869  1.00 47.51 ? 96  GLN A CG  1 
ATOM   757  C  CD  . GLN A 1 96  ? 2.809   16.136  -8.196  1.00 54.93 ? 96  GLN A CD  1 
ATOM   758  O  OE1 . GLN A 1 96  ? 2.163   15.480  -9.017  1.00 54.70 ? 96  GLN A OE1 1 
ATOM   759  N  NE2 . GLN A 1 96  ? 3.855   15.635  -7.547  1.00 56.93 ? 96  GLN A NE2 1 
ATOM   760  N  N   . GLY A 1 97  ? -1.760  19.961  -8.177  1.00 35.31 ? 97  GLY A N   1 
ATOM   761  C  CA  . GLY A 1 97  ? -2.969  20.391  -8.861  1.00 30.84 ? 97  GLY A CA  1 
ATOM   762  C  C   . GLY A 1 97  ? -4.150  19.592  -8.351  1.00 32.32 ? 97  GLY A C   1 
ATOM   763  O  O   . GLY A 1 97  ? -3.941  18.632  -7.609  1.00 37.35 ? 97  GLY A O   1 
ATOM   764  N  N   . PRO A 1 98  ? -5.396  19.936  -8.731  1.00 28.38 ? 98  PRO A N   1 
ATOM   765  C  CA  . PRO A 1 98  ? -6.603  19.227  -8.292  1.00 25.89 ? 98  PRO A CA  1 
ATOM   766  C  C   . PRO A 1 98  ? -6.474  17.726  -8.486  1.00 27.57 ? 98  PRO A C   1 
ATOM   767  O  O   . PRO A 1 98  ? -6.225  17.268  -9.599  1.00 31.50 ? 98  PRO A O   1 
ATOM   768  C  CB  . PRO A 1 98  ? -7.677  19.785  -9.226  1.00 24.73 ? 98  PRO A CB  1 
ATOM   769  C  CG  . PRO A 1 98  ? -7.232  21.171  -9.449  1.00 25.36 ? 98  PRO A CG  1 
ATOM   770  C  CD  . PRO A 1 98  ? -5.747  20.998  -9.689  1.00 28.56 ? 98  PRO A CD  1 
ATOM   771  N  N   . SER A 1 99  ? -6.645  16.960  -7.413  1.00 29.51 ? 99  SER A N   1 
ATOM   772  C  CA  . SER A 1 99  ? -6.553  15.507  -7.500  1.00 27.29 ? 99  SER A CA  1 
ATOM   773  C  C   . SER A 1 99  ? -7.673  14.815  -6.732  1.00 25.84 ? 99  SER A C   1 
ATOM   774  O  O   . SER A 1 99  ? -8.177  15.329  -5.731  1.00 27.33 ? 99  SER A O   1 
ATOM   775  C  CB  . SER A 1 99  ? -5.193  15.018  -6.997  1.00 23.46 ? 99  SER A CB  1 
ATOM   776  O  OG  . SER A 1 99  ? -5.062  13.616  -7.190  1.00 26.49 ? 99  SER A OG  1 
ATOM   777  N  N   . ASP A 1 100 ? -8.075  13.652  -7.230  1.00 27.16 ? 100 ASP A N   1 
ATOM   778  C  CA  . ASP A 1 100 ? -9.128  12.871  -6.606  1.00 28.95 ? 100 ASP A CA  1 
ATOM   779  C  C   . ASP A 1 100 ? -8.591  11.651  -5.874  1.00 28.14 ? 100 ASP A C   1 
ATOM   780  O  O   . ASP A 1 100 ? -9.363  10.841  -5.359  1.00 31.32 ? 100 ASP A O   1 
ATOM   781  C  CB  . ASP A 1 100 ? -10.174 12.459  -7.639  1.00 32.71 ? 100 ASP A CB  1 
ATOM   782  C  CG  . ASP A 1 100 ? -11.129 13.582  -7.960  1.00 35.39 ? 100 ASP A CG  1 
ATOM   783  O  OD1 . ASP A 1 100 ? -10.704 14.554  -8.621  1.00 36.64 ? 100 ASP A OD1 1 
ATOM   784  O  OD2 . ASP A 1 100 ? -12.297 13.505  -7.524  1.00 37.47 ? 100 ASP A OD2 1 
ATOM   785  N  N   . ALA A 1 101 ? -7.270  11.522  -5.831  1.00 24.98 ? 101 ALA A N   1 
ATOM   786  C  CA  . ALA A 1 101 ? -6.647  10.411  -5.130  1.00 22.75 ? 101 ALA A CA  1 
ATOM   787  C  C   . ALA A 1 101 ? -7.086  10.530  -3.654  1.00 22.00 ? 101 ALA A C   1 
ATOM   788  O  O   . ALA A 1 101 ? -6.769  11.509  -2.965  1.00 21.38 ? 101 ALA A O   1 
ATOM   789  C  CB  . ALA A 1 101 ? -5.145  10.496  -5.274  1.00 19.52 ? 101 ALA A CB  1 
ATOM   790  N  N   . PRO A 1 102 ? -7.830  9.531   -3.160  1.00 17.77 ? 102 PRO A N   1 
ATOM   791  C  CA  . PRO A 1 102 ? -8.366  9.451   -1.795  1.00 20.29 ? 102 PRO A CA  1 
ATOM   792  C  C   . PRO A 1 102 ? -7.430  9.626   -0.595  1.00 21.62 ? 102 PRO A C   1 
ATOM   793  O  O   . PRO A 1 102 ? -6.332  9.067   -0.543  1.00 22.28 ? 102 PRO A O   1 
ATOM   794  C  CB  . PRO A 1 102 ? -9.058  8.082   -1.780  1.00 18.49 ? 102 PRO A CB  1 
ATOM   795  C  CG  . PRO A 1 102 ? -8.272  7.288   -2.754  1.00 14.90 ? 102 PRO A CG  1 
ATOM   796  C  CD  . PRO A 1 102 ? -8.062  8.267   -3.880  1.00 17.04 ? 102 PRO A CD  1 
ATOM   797  N  N   . LEU A 1 103 ? -7.898  10.411  0.372   1.00 19.68 ? 103 LEU A N   1 
ATOM   798  C  CA  . LEU A 1 103 ? -7.171  10.654  1.608   1.00 18.82 ? 103 LEU A CA  1 
ATOM   799  C  C   . LEU A 1 103 ? -8.055  10.206  2.780   1.00 22.94 ? 103 LEU A C   1 
ATOM   800  O  O   . LEU A 1 103 ? -7.553  9.736   3.808   1.00 20.65 ? 103 LEU A O   1 
ATOM   801  C  CB  . LEU A 1 103 ? -6.796  12.132  1.754   1.00 13.93 ? 103 LEU A CB  1 
ATOM   802  C  CG  . LEU A 1 103 ? -5.669  12.682  0.875   1.00 15.10 ? 103 LEU A CG  1 
ATOM   803  C  CD1 . LEU A 1 103 ? -5.321  14.087  1.328   1.00 16.18 ? 103 LEU A CD1 1 
ATOM   804  C  CD2 . LEU A 1 103 ? -4.442  11.810  0.975   1.00 13.35 ? 103 LEU A CD2 1 
ATOM   805  N  N   . ALA A 1 104 ? -9.370  10.335  2.609   1.00 21.97 ? 104 ALA A N   1 
ATOM   806  C  CA  . ALA A 1 104 ? -10.325 9.939   3.638   1.00 23.79 ? 104 ALA A CA  1 
ATOM   807  C  C   . ALA A 1 104 ? -10.190 8.452   3.941   1.00 22.29 ? 104 ALA A C   1 
ATOM   808  O  O   . ALA A 1 104 ? -10.130 7.628   3.029   1.00 20.66 ? 104 ALA A O   1 
ATOM   809  C  CB  . ALA A 1 104 ? -11.735 10.251  3.182   1.00 28.69 ? 104 ALA A CB  1 
ATOM   810  N  N   . CYS A 1 105 ? -10.196 8.109   5.224   1.00 20.94 ? 105 CYS A N   1 
ATOM   811  C  CA  . CYS A 1 105 ? -10.053 6.719   5.640   1.00 24.60 ? 105 CYS A CA  1 
ATOM   812  C  C   . CYS A 1 105 ? -11.024 5.788   4.922   1.00 23.22 ? 105 CYS A C   1 
ATOM   813  O  O   . CYS A 1 105 ? -10.618 4.817   4.290   1.00 23.47 ? 105 CYS A O   1 
ATOM   814  C  CB  . CYS A 1 105 ? -10.245 6.574   7.160   1.00 27.94 ? 105 CYS A CB  1 
ATOM   815  S  SG  . CYS A 1 105 ? -9.457  7.832   8.223   1.00 28.46 ? 105 CYS A SG  1 
ATOM   816  N  N   . ASN A 1 106 ? -12.301 6.139   4.963   1.00 30.97 ? 106 ASN A N   1 
ATOM   817  C  CA  . ASN A 1 106 ? -13.339 5.325   4.355   1.00 31.00 ? 106 ASN A CA  1 
ATOM   818  C  C   . ASN A 1 106 ? -13.470 5.399   2.844   1.00 33.16 ? 106 ASN A C   1 
ATOM   819  O  O   . ASN A 1 106 ? -14.418 4.865   2.267   1.00 35.71 ? 106 ASN A O   1 
ATOM   820  C  CB  . ASN A 1 106 ? -14.676 5.557   5.057   1.00 32.55 ? 106 ASN A CB  1 
ATOM   821  C  CG  . ASN A 1 106 ? -14.709 4.926   6.437   1.00 35.10 ? 106 ASN A CG  1 
ATOM   822  O  OD1 . ASN A 1 106 ? -13.686 4.450   6.932   1.00 33.00 ? 106 ASN A OD1 1 
ATOM   823  N  ND2 . ASN A 1 106 ? -15.878 4.907   7.060   1.00 38.13 ? 106 ASN A ND2 1 
ATOM   824  N  N   . SER A 1 107 ? -12.520 6.068   2.202   1.00 34.51 ? 107 SER A N   1 
ATOM   825  C  CA  . SER A 1 107 ? -12.508 6.155   0.749   1.00 35.41 ? 107 SER A CA  1 
ATOM   826  C  C   . SER A 1 107 ? -11.513 5.098   0.264   1.00 33.69 ? 107 SER A C   1 
ATOM   827  O  O   . SER A 1 107 ? -11.440 4.794   -0.924  1.00 37.18 ? 107 SER A O   1 
ATOM   828  C  CB  . SER A 1 107 ? -12.095 7.553   0.289   1.00 39.10 ? 107 SER A CB  1 
ATOM   829  O  OG  . SER A 1 107 ? -12.981 8.535   0.811   1.00 42.91 ? 107 SER A OG  1 
ATOM   830  N  N   . CYS A 1 108 ? -10.730 4.566   1.199   1.00 32.29 ? 108 CYS A N   1 
ATOM   831  C  CA  . CYS A 1 108 ? -9.761  3.525   0.898   1.00 30.49 ? 108 CYS A CA  1 
ATOM   832  C  C   . CYS A 1 108 ? -10.218 2.229   1.555   1.00 31.12 ? 108 CYS A C   1 
ATOM   833  O  O   . CYS A 1 108 ? -10.266 1.185   0.912   1.00 31.65 ? 108 CYS A O   1 
ATOM   834  C  CB  . CYS A 1 108 ? -8.370  3.910   1.387   1.00 29.43 ? 108 CYS A CB  1 
ATOM   835  S  SG  . CYS A 1 108 ? -7.202  4.167   0.015   1.00 33.48 ? 108 CYS A SG  1 
ATOM   836  N  N   . HIS A 1 109 ? -10.545 2.295   2.841   1.00 29.69 ? 109 HIS A N   1 
ATOM   837  C  CA  . HIS A 1 109 ? -11.020 1.127   3.563   1.00 28.07 ? 109 HIS A CA  1 
ATOM   838  C  C   . HIS A 1 109 ? -12.494 1.058   3.249   1.00 33.30 ? 109 HIS A C   1 
ATOM   839  O  O   . HIS A 1 109 ? -13.244 1.968   3.588   1.00 36.96 ? 109 HIS A O   1 
ATOM   840  C  CB  . HIS A 1 109 ? -10.793 1.302   5.061   1.00 21.63 ? 109 HIS A CB  1 
ATOM   841  C  CG  . HIS A 1 109 ? -9.347  1.353   5.441   1.00 16.43 ? 109 HIS A CG  1 
ATOM   842  N  ND1 . HIS A 1 109 ? -8.584  0.242   5.717   1.00 11.82 ? 109 HIS A ND1 1 
ATOM   843  C  CD2 . HIS A 1 109 ? -8.507  2.412   5.549   1.00 17.99 ? 109 HIS A CD2 1 
ATOM   844  C  CE1 . HIS A 1 109 ? -7.343  0.645   5.969   1.00 14.24 ? 109 HIS A CE1 1 
ATOM   845  N  NE2 . HIS A 1 109 ? -7.240  1.954   5.881   1.00 16.69 ? 109 HIS A NE2 1 
ATOM   846  N  N   . VAL A 1 110 ? -12.909 -0.006  2.577   1.00 41.89 ? 110 VAL A N   1 
ATOM   847  C  CA  . VAL A 1 110 ? -14.303 -0.130  2.198   1.00 48.28 ? 110 VAL A CA  1 
ATOM   848  C  C   . VAL A 1 110 ? -15.066 -1.363  2.683   1.00 48.77 ? 110 VAL A C   1 
ATOM   849  O  O   . VAL A 1 110 ? -15.901 -1.255  3.581   1.00 49.58 ? 110 VAL A O   1 
ATOM   850  C  CB  . VAL A 1 110 ? -14.472 0.054   0.666   1.00 52.04 ? 110 VAL A CB  1 
ATOM   851  C  CG1 . VAL A 1 110 ? -13.444 -0.773  -0.103  1.00 52.56 ? 110 VAL A CG1 1 
ATOM   852  C  CG2 . VAL A 1 110 ? -15.885 -0.311  0.248   1.00 56.08 ? 110 VAL A CG2 1 
ATOM   853  N  N   . GLN A 1 111 ? -14.801 -2.515  2.074   0.50 49.57 ? 111 GLN A N   1 
ATOM   854  C  CA  . GLN A 1 111 ? -15.493 -3.748  2.430   0.50 53.77 ? 111 GLN A CA  1 
ATOM   855  C  C   . GLN A 1 111 ? -14.701 -4.592  3.420   0.50 53.21 ? 111 GLN A C   1 
ATOM   856  O  O   . GLN A 1 111 ? -15.229 -5.621  3.888   0.50 52.09 ? 111 GLN A O   1 
ATOM   857  C  CB  . GLN A 1 111 ? -15.802 -4.551  1.163   0.50 56.56 ? 111 GLN A CB  1 
ATOM   858  C  CG  . GLN A 1 111 ? -16.707 -3.814  0.191   0.50 59.92 ? 111 GLN A CG  1 
ATOM   859  C  CD  . GLN A 1 111 ? -16.925 -4.565  -1.103  0.50 61.87 ? 111 GLN A CD  1 
ATOM   860  O  OE1 . GLN A 1 111 ? -17.919 -5.278  -1.261  0.50 63.29 ? 111 GLN A OE1 1 
ATOM   861  N  NE2 . GLN A 1 111 ? -16.009 -4.397  -2.046  0.50 62.75 ? 111 GLN A NE2 1 
ATOM   862  O  OXT . GLN A 1 111 ? -13.560 -4.203  3.723   0.50 53.45 ? 111 GLN A OXT 1 
HETATM 863  S  S   . SO4 B 2 .   ? 0.576   17.171  5.344   1.00 35.20 ? 200 SO4 A S   1 
HETATM 864  O  O1  . SO4 B 2 .   ? -0.016  16.012  6.075   1.00 35.45 ? 200 SO4 A O1  1 
HETATM 865  O  O2  . SO4 B 2 .   ? 1.032   18.256  6.264   1.00 38.11 ? 200 SO4 A O2  1 
HETATM 866  O  O3  . SO4 B 2 .   ? 1.743   16.750  4.523   1.00 38.17 ? 200 SO4 A O3  1 
HETATM 867  O  O4  . SO4 B 2 .   ? -0.478  17.649  4.418   1.00 36.20 ? 200 SO4 A O4  1 
HETATM 868  C  CHA . HEM C 3 .   ? 0.224   -6.440  -6.311  1.00 12.69 ? 119 HEM A CHA 1 
HETATM 869  C  CHB . HEM C 3 .   ? 2.720   -6.556  -10.468 1.00 11.02 ? 119 HEM A CHB 1 
HETATM 870  C  CHC . HEM C 3 .   ? 2.631   -1.741  -10.644 1.00 11.54 ? 119 HEM A CHC 1 
HETATM 871  C  CHD . HEM C 3 .   ? 1.151   -1.769  -6.044  1.00 7.94  ? 119 HEM A CHD 1 
HETATM 872  C  C1A . HEM C 3 .   ? 0.852   -6.892  -7.448  1.00 14.42 ? 119 HEM A C1A 1 
HETATM 873  C  C2A . HEM C 3 .   ? 1.029   -8.301  -7.802  1.00 14.42 ? 119 HEM A C2A 1 
HETATM 874  C  C3A . HEM C 3 .   ? 1.756   -8.277  -8.952  1.00 9.90  ? 119 HEM A C3A 1 
HETATM 875  C  C4A . HEM C 3 .   ? 2.022   -6.932  -9.314  1.00 10.23 ? 119 HEM A C4A 1 
HETATM 876  C  CMA . HEM C 3 .   ? 2.229   -9.479  -9.741  1.00 7.59  ? 119 HEM A CMA 1 
HETATM 877  C  CAA . HEM C 3 .   ? 0.664   -9.559  -7.000  1.00 17.88 ? 119 HEM A CAA 1 
HETATM 878  C  CBA . HEM C 3 .   ? 1.898   -9.948  -6.189  1.00 27.29 ? 119 HEM A CBA 1 
HETATM 879  C  CGA . HEM C 3 .   ? 1.738   -11.257 -5.439  1.00 32.08 ? 119 HEM A CGA 1 
HETATM 880  O  O1A . HEM C 3 .   ? 1.250   -11.222 -4.294  1.00 30.67 ? 119 HEM A O1A 1 
HETATM 881  O  O2A . HEM C 3 .   ? 2.133   -12.319 -5.984  1.00 40.81 ? 119 HEM A O2A 1 
HETATM 882  C  C1B . HEM C 3 .   ? 2.928   -5.251  -10.899 1.00 12.17 ? 119 HEM A C1B 1 
HETATM 883  C  C2B . HEM C 3 .   ? 3.497   -4.865  -12.174 1.00 11.85 ? 119 HEM A C2B 1 
HETATM 884  C  C3B . HEM C 3 .   ? 3.366   -3.521  -12.268 1.00 13.77 ? 119 HEM A C3B 1 
HETATM 885  C  C4B . HEM C 3 .   ? 2.770   -3.073  -11.023 1.00 11.84 ? 119 HEM A C4B 1 
HETATM 886  C  CMB . HEM C 3 .   ? 4.150   -5.762  -13.208 1.00 13.18 ? 119 HEM A CMB 1 
HETATM 887  C  CAB . HEM C 3 .   ? 3.721   -2.576  -13.424 1.00 13.06 ? 119 HEM A CAB 1 
HETATM 888  C  CBB . HEM C 3 .   ? 2.857   -2.689  -14.682 1.00 11.45 ? 119 HEM A CBB 1 
HETATM 889  C  C1C . HEM C 3 .   ? 2.165   -1.317  -9.398  1.00 9.05  ? 119 HEM A C1C 1 
HETATM 890  C  C2C . HEM C 3 .   ? 2.244   0.035   -8.937  1.00 5.29  ? 119 HEM A C2C 1 
HETATM 891  C  C3C . HEM C 3 .   ? 1.887   0.034   -7.633  1.00 9.13  ? 119 HEM A C3C 1 
HETATM 892  C  C4C . HEM C 3 .   ? 1.563   -1.339  -7.300  1.00 9.23  ? 119 HEM A C4C 1 
HETATM 893  C  CMC . HEM C 3 .   ? 2.712   1.253   -9.718  1.00 7.16  ? 119 HEM A CMC 1 
HETATM 894  C  CAC . HEM C 3 .   ? 1.865   1.230   -6.675  1.00 11.46 ? 119 HEM A CAC 1 
HETATM 895  C  CBC . HEM C 3 .   ? 0.827   2.326   -6.926  1.00 6.59  ? 119 HEM A CBC 1 
HETATM 896  C  C1D . HEM C 3 .   ? 0.751   -3.055  -5.729  1.00 9.96  ? 119 HEM A C1D 1 
HETATM 897  C  C2D . HEM C 3 .   ? 0.074   -3.404  -4.508  1.00 13.27 ? 119 HEM A C2D 1 
HETATM 898  C  C3D . HEM C 3 .   ? -0.253  -4.715  -4.623  1.00 15.15 ? 119 HEM A C3D 1 
HETATM 899  C  C4D . HEM C 3 .   ? 0.209   -5.158  -5.912  1.00 10.49 ? 119 HEM A C4D 1 
HETATM 900  C  CMD . HEM C 3 .   ? -0.191  -2.513  -3.303  1.00 13.15 ? 119 HEM A CMD 1 
HETATM 901  C  CAD . HEM C 3 .   ? -0.862  -5.537  -3.509  1.00 16.50 ? 119 HEM A CAD 1 
HETATM 902  C  CBD . HEM C 3 .   ? 0.272   -6.075  -2.639  1.00 22.50 ? 119 HEM A CBD 1 
HETATM 903  C  CGD . HEM C 3 .   ? -0.212  -6.926  -1.474  1.00 21.92 ? 119 HEM A CGD 1 
HETATM 904  O  O1D . HEM C 3 .   ? 0.428   -6.855  -0.404  1.00 23.19 ? 119 HEM A O1D 1 
HETATM 905  O  O2D . HEM C 3 .   ? -1.215  -7.664  -1.618  1.00 24.45 ? 119 HEM A O2D 1 
HETATM 906  N  NA  . HEM C 3 .   ? 1.478   -6.063  -8.375  1.00 10.87 ? 119 HEM A NA  1 
HETATM 907  N  NB  . HEM C 3 .   ? 2.483   -4.145  -10.187 1.00 12.23 ? 119 HEM A NB  1 
HETATM 908  N  NC  . HEM C 3 .   ? 1.757   -2.176  -8.386  1.00 7.95  ? 119 HEM A NC  1 
HETATM 909  N  ND  . HEM C 3 .   ? 0.812   -4.138  -6.598  1.00 9.74  ? 119 HEM A ND  1 
HETATM 910  FE FE  . HEM C 3 .   ? 1.594   -4.128  -8.395  1.00 10.80 ? 119 HEM A FE  1 
HETATM 911  C  CHA . HEM D 3 .   ? 10.817  0.768   2.767   1.00 18.73 ? 120 HEM A CHA 1 
HETATM 912  C  CHB . HEM D 3 .   ? 6.381   0.745   0.923   1.00 14.75 ? 120 HEM A CHB 1 
HETATM 913  C  CHC . HEM D 3 .   ? 7.151   -3.859  -0.391  1.00 16.21 ? 120 HEM A CHC 1 
HETATM 914  C  CHD . HEM D 3 .   ? 11.078  -4.000  2.346   1.00 17.39 ? 120 HEM A CHD 1 
HETATM 915  C  C1A . HEM D 3 .   ? 9.550   1.135   2.392   1.00 19.18 ? 120 HEM A C1A 1 
HETATM 916  C  C2A . HEM D 3 .   ? 8.935   2.402   2.724   1.00 21.80 ? 120 HEM A C2A 1 
HETATM 917  C  C3A . HEM D 3 .   ? 7.682   2.407   2.229   1.00 16.55 ? 120 HEM A C3A 1 
HETATM 918  C  C4A . HEM D 3 .   ? 7.509   1.112   1.616   1.00 16.79 ? 120 HEM A C4A 1 
HETATM 919  C  CMA . HEM D 3 .   ? 6.676   3.558   2.379   1.00 14.95 ? 120 HEM A CMA 1 
HETATM 920  C  CAA . HEM D 3 .   ? 9.488   3.527   3.595   1.00 27.39 ? 120 HEM A CAA 1 
HETATM 921  C  CBA . HEM D 3 .   ? 10.645  4.327   3.018   1.00 36.17 ? 120 HEM A CBA 1 
HETATM 922  C  CGA . HEM D 3 .   ? 10.980  5.559   3.845   1.00 42.69 ? 120 HEM A CGA 1 
HETATM 923  O  O1A . HEM D 3 .   ? 10.773  5.524   5.082   1.00 44.77 ? 120 HEM A O1A 1 
HETATM 924  O  O2A . HEM D 3 .   ? 11.447  6.562   3.252   1.00 44.09 ? 120 HEM A O2A 1 
HETATM 925  C  C1B . HEM D 3 .   ? 6.193   -0.512  0.406   1.00 16.10 ? 120 HEM A C1B 1 
HETATM 926  C  C2B . HEM D 3 .   ? 5.012   -0.924  -0.313  1.00 16.15 ? 120 HEM A C2B 1 
HETATM 927  C  C3B . HEM D 3 .   ? 5.240   -2.189  -0.730  1.00 16.10 ? 120 HEM A C3B 1 
HETATM 928  C  C4B . HEM D 3 .   ? 6.554   -2.589  -0.213  1.00 18.04 ? 120 HEM A C4B 1 
HETATM 929  C  CMB . HEM D 3 .   ? 3.757   -0.093  -0.548  1.00 21.04 ? 120 HEM A CMB 1 
HETATM 930  C  CAB . HEM D 3 .   ? 4.375   -3.084  -1.603  1.00 14.13 ? 120 HEM A CAB 1 
HETATM 931  C  CBB . HEM D 3 .   ? 4.123   -2.522  -3.005  1.00 15.76 ? 120 HEM A CBB 1 
HETATM 932  C  C1C . HEM D 3 .   ? 8.309   -4.326  0.200   1.00 15.77 ? 120 HEM A C1C 1 
HETATM 933  C  C2C . HEM D 3 .   ? 8.694   -5.748  0.264   1.00 13.00 ? 120 HEM A C2C 1 
HETATM 934  C  C3C . HEM D 3 .   ? 9.728   -5.816  1.173   1.00 17.47 ? 120 HEM A C3C 1 
HETATM 935  C  C4C . HEM D 3 .   ? 10.021  -4.413  1.557   1.00 18.46 ? 120 HEM A C4C 1 
HETATM 936  C  CMC . HEM D 3 .   ? 8.015   -6.913  -0.458  1.00 5.41  ? 120 HEM A CMC 1 
HETATM 937  C  CAC . HEM D 3 .   ? 10.419  -7.093  1.709   1.00 16.48 ? 120 HEM A CAC 1 
HETATM 938  C  CBC . HEM D 3 .   ? 11.320  -7.803  0.696   1.00 15.78 ? 120 HEM A CBC 1 
HETATM 939  C  C1D . HEM D 3 .   ? 11.361  -2.697  2.713   1.00 18.32 ? 120 HEM A C1D 1 
HETATM 940  C  C2D . HEM D 3 .   ? 12.534  -2.264  3.435   1.00 18.17 ? 120 HEM A C2D 1 
HETATM 941  C  C3D . HEM D 3 .   ? 12.509  -0.920  3.504   1.00 19.42 ? 120 HEM A C3D 1 
HETATM 942  C  C4D . HEM D 3 .   ? 11.294  -0.521  2.834   1.00 18.59 ? 120 HEM A C4D 1 
HETATM 943  C  CMD . HEM D 3 .   ? 13.609  -3.182  3.965   1.00 23.98 ? 120 HEM A CMD 1 
HETATM 944  C  CAD . HEM D 3 .   ? 13.535  0.059   4.062   1.00 22.96 ? 120 HEM A CAD 1 
HETATM 945  C  CBD . HEM D 3 .   ? 14.918  -0.037  3.433   1.00 34.73 ? 120 HEM A CBD 1 
HETATM 946  C  CGD . HEM D 3 .   ? 14.895  0.036   1.910   1.00 42.40 ? 120 HEM A CGD 1 
HETATM 947  O  O1D . HEM D 3 .   ? 14.401  1.051   1.364   1.00 44.99 ? 120 HEM A O1D 1 
HETATM 948  O  O2D . HEM D 3 .   ? 15.374  -0.926  1.256   1.00 45.37 ? 120 HEM A O2D 1 
HETATM 949  N  NA  . HEM D 3 .   ? 8.649   0.308   1.781   1.00 17.43 ? 120 HEM A NA  1 
HETATM 950  N  NB  . HEM D 3 .   ? 7.131   -1.554  0.490   1.00 19.04 ? 120 HEM A NB  1 
HETATM 951  N  NC  . HEM D 3 .   ? 9.109   -3.521  1.001   1.00 15.17 ? 120 HEM A NC  1 
HETATM 952  N  ND  . HEM D 3 .   ? 10.595  -1.611  2.352   1.00 21.00 ? 120 HEM A ND  1 
HETATM 953  FE FE  . HEM D 3 .   ? 8.905   -1.584  1.351   1.00 19.15 ? 120 HEM A FE  1 
HETATM 954  C  CHA . HEM E 3 .   ? -6.071  6.571   -7.289  1.00 8.07  ? 121 HEM A CHA 1 
HETATM 955  C  CHB . HEM E 3 .   ? -5.472  3.427   -3.671  1.00 9.74  ? 121 HEM A CHB 1 
HETATM 956  C  CHC . HEM E 3 .   ? -0.712  4.066   -3.926  1.00 2.38  ? 121 HEM A CHC 1 
HETATM 957  C  CHD . HEM E 3 .   ? -1.365  7.567   -7.186  1.00 12.46 ? 121 HEM A CHD 1 
HETATM 958  C  C1A . HEM E 3 .   ? -6.316  5.718   -6.213  1.00 8.64  ? 121 HEM A C1A 1 
HETATM 959  C  C2A . HEM E 3 .   ? -7.619  5.270   -5.784  1.00 10.83 ? 121 HEM A C2A 1 
HETATM 960  C  C3A . HEM E 3 .   ? -7.437  4.426   -4.735  1.00 9.74  ? 121 HEM A C3A 1 
HETATM 961  C  C4A . HEM E 3 .   ? -6.033  4.331   -4.542  1.00 8.63  ? 121 HEM A C4A 1 
HETATM 962  C  CMA . HEM E 3 .   ? -8.508  3.761   -3.855  1.00 15.46 ? 121 HEM A CMA 1 
HETATM 963  C  CAA . HEM E 3 .   ? -8.974  5.631   -6.385  1.00 18.63 ? 121 HEM A CAA 1 
HETATM 964  C  CBA . HEM E 3 .   ? -9.308  4.863   -7.656  1.00 26.09 ? 121 HEM A CBA 1 
HETATM 965  C  CGA . HEM E 3 .   ? -9.200  3.363   -7.466  1.00 37.31 ? 121 HEM A CGA 1 
HETATM 966  O  O1A . HEM E 3 .   ? -8.476  2.713   -8.253  1.00 41.37 ? 121 HEM A O1A 1 
HETATM 967  O  O2A . HEM E 3 .   ? -9.815  2.828   -6.515  1.00 42.92 ? 121 HEM A O2A 1 
HETATM 968  C  C1B . HEM E 3 .   ? -4.132  3.288   -3.461  1.00 9.43  ? 121 HEM A C1B 1 
HETATM 969  C  C2B . HEM E 3 .   ? -3.580  2.368   -2.471  1.00 9.91  ? 121 HEM A C2B 1 
HETATM 970  C  C3B . HEM E 3 .   ? -2.230  2.653   -2.493  1.00 11.88 ? 121 HEM A C3B 1 
HETATM 971  C  C4B . HEM E 3 .   ? -1.964  3.653   -3.536  1.00 6.75  ? 121 HEM A C4B 1 
HETATM 972  C  CMB . HEM E 3 .   ? -4.340  1.365   -1.602  1.00 2.00  ? 121 HEM A CMB 1 
HETATM 973  C  CAB . HEM E 3 .   ? -1.109  2.071   -1.626  1.00 15.53 ? 121 HEM A CAB 1 
HETATM 974  C  CBB . HEM E 3 .   ? -0.876  0.565   -1.809  1.00 11.69 ? 121 HEM A CBB 1 
HETATM 975  C  C1C . HEM E 3 .   ? -0.473  5.084   -4.821  1.00 7.12  ? 121 HEM A C1C 1 
HETATM 976  C  C2C . HEM E 3 .   ? 0.835   5.690   -5.035  1.00 8.86  ? 121 HEM A C2C 1 
HETATM 977  C  C3C . HEM E 3 .   ? 0.647   6.701   -5.912  1.00 9.56  ? 121 HEM A C3C 1 
HETATM 978  C  C4C . HEM E 3 .   ? -0.770  6.703   -6.261  1.00 12.41 ? 121 HEM A C4C 1 
HETATM 979  C  CMC . HEM E 3 .   ? 2.114   5.356   -4.281  1.00 8.33  ? 121 HEM A CMC 1 
HETATM 980  C  CAC . HEM E 3 .   ? 1.628   7.726   -6.439  1.00 11.06 ? 121 HEM A CAC 1 
HETATM 981  C  CBC . HEM E 3 .   ? 3.065   7.378   -6.831  1.00 10.21 ? 121 HEM A CBC 1 
HETATM 982  C  C1D . HEM E 3 .   ? -2.692  7.528   -7.561  1.00 13.70 ? 121 HEM A C1D 1 
HETATM 983  C  C2D . HEM E 3 .   ? -3.238  8.239   -8.691  1.00 10.86 ? 121 HEM A C2D 1 
HETATM 984  C  C3D . HEM E 3 .   ? -4.590  7.980   -8.730  1.00 11.62 ? 121 HEM A C3D 1 
HETATM 985  C  C4D . HEM E 3 .   ? -4.853  7.047   -7.651  1.00 3.31  ? 121 HEM A C4D 1 
HETATM 986  C  CMD . HEM E 3 .   ? -2.427  9.054   -9.685  1.00 7.76  ? 121 HEM A CMD 1 
HETATM 987  C  CAD . HEM E 3 .   ? -5.506  8.593   -9.800  1.00 18.61 ? 121 HEM A CAD 1 
HETATM 988  C  CBD . HEM E 3 .   ? -6.677  9.452   -9.288  1.00 31.14 ? 121 HEM A CBD 1 
HETATM 989  C  CGD . HEM E 3 .   ? -7.161  10.485  -10.303 1.00 37.73 ? 121 HEM A CGD 1 
HETATM 990  O  O1D . HEM E 3 .   ? -7.367  11.661  -9.917  1.00 43.14 ? 121 HEM A O1D 1 
HETATM 991  O  O2D . HEM E 3 .   ? -7.329  10.132  -11.490 1.00 38.80 ? 121 HEM A O2D 1 
HETATM 992  N  NA  . HEM E 3 .   ? -5.331  5.155   -5.408  1.00 8.40  ? 121 HEM A NA  1 
HETATM 993  N  NB  . HEM E 3 .   ? -3.142  4.077   -4.103  1.00 10.31 ? 121 HEM A NB  1 
HETATM 994  N  NC  . HEM E 3 .   ? -1.458  5.743   -5.539  1.00 6.59  ? 121 HEM A NC  1 
HETATM 995  N  ND  . HEM E 3 .   ? -3.677  6.739   -6.952  1.00 9.22  ? 121 HEM A ND  1 
HETATM 996  FE FE  . HEM E 3 .   ? -3.398  5.482   -5.483  1.00 12.99 ? 121 HEM A FE  1 
HETATM 997  C  CHA . HEM F 3 .   ? -4.039  -0.294  7.003   1.00 27.27 ? 122 HEM A CHA 1 
HETATM 998  C  CHB . HEM F 3 .   ? -6.506  3.047   9.448   1.00 25.99 ? 122 HEM A CHB 1 
HETATM 999  C  CHC . HEM F 3 .   ? -6.694  5.837   5.538   1.00 21.66 ? 122 HEM A CHC 1 
HETATM 1000 C  CHD . HEM F 3 .   ? -4.701  2.302   2.957   1.00 19.02 ? 122 HEM A CHD 1 
HETATM 1001 C  C1A . HEM F 3 .   ? -4.672  0.397   8.031   1.00 28.74 ? 122 HEM A C1A 1 
HETATM 1002 C  C2A . HEM F 3 .   ? -4.811  -0.070  9.413   1.00 30.90 ? 122 HEM A C2A 1 
HETATM 1003 C  C3A . HEM F 3 .   ? -5.384  0.941   10.097  1.00 29.84 ? 122 HEM A C3A 1 
HETATM 1004 C  C4A . HEM F 3 .   ? -5.733  1.950   9.142   1.00 28.13 ? 122 HEM A C4A 1 
HETATM 1005 C  CMA . HEM F 3 .   ? -5.502  1.050   11.605  1.00 27.21 ? 122 HEM A CMA 1 
HETATM 1006 C  CAA . HEM F 3 .   ? -4.455  -1.428  10.020  1.00 31.12 ? 122 HEM A CAA 1 
HETATM 1007 C  CBA . HEM F 3 .   ? -5.443  -2.583  9.842   1.00 34.98 ? 122 HEM A CBA 1 
HETATM 1008 C  CGA . HEM F 3 .   ? -6.785  -2.360  10.530  1.00 38.06 ? 122 HEM A CGA 1 
HETATM 1009 O  O1A . HEM F 3 .   ? -7.815  -2.788  9.980   1.00 37.75 ? 122 HEM A O1A 1 
HETATM 1010 O  O2A . HEM F 3 .   ? -6.825  -1.784  11.633  1.00 39.99 ? 122 HEM A O2A 1 
HETATM 1011 C  C1B . HEM F 3 .   ? -6.817  4.072   8.577   1.00 25.57 ? 122 HEM A C1B 1 
HETATM 1012 C  C2B . HEM F 3 .   ? -7.303  5.325   9.039   1.00 28.04 ? 122 HEM A C2B 1 
HETATM 1013 C  C3B . HEM F 3 .   ? -7.298  6.121   7.934   1.00 25.91 ? 122 HEM A C3B 1 
HETATM 1014 C  C4B . HEM F 3 .   ? -6.835  5.360   6.818   1.00 22.47 ? 122 HEM A C4B 1 
HETATM 1015 C  CMB . HEM F 3 .   ? -7.629  5.673   10.504  1.00 29.97 ? 122 HEM A CMB 1 
HETATM 1016 C  CAB . HEM F 3 .   ? -7.693  7.572   7.858   1.00 25.05 ? 122 HEM A CAB 1 
HETATM 1017 C  CBB . HEM F 3 .   ? -6.781  8.483   8.675   1.00 23.31 ? 122 HEM A CBB 1 
HETATM 1018 C  C1C . HEM F 3 .   ? -6.157  5.134   4.483   1.00 22.76 ? 122 HEM A C1C 1 
HETATM 1019 C  C2C . HEM F 3 .   ? -6.146  5.590   3.098   1.00 21.41 ? 122 HEM A C2C 1 
HETATM 1020 C  C3C . HEM F 3 .   ? -5.689  4.549   2.377   1.00 23.74 ? 122 HEM A C3C 1 
HETATM 1021 C  C4C . HEM F 3 .   ? -5.329  3.494   3.303   1.00 20.82 ? 122 HEM A C4C 1 
HETATM 1022 C  CMC . HEM F 3 .   ? -6.637  6.918   2.533   1.00 17.86 ? 122 HEM A CMC 1 
HETATM 1023 C  CAC . HEM F 3 .   ? -5.604  4.506   0.858   1.00 26.48 ? 122 HEM A CAC 1 
HETATM 1024 C  CBC . HEM F 3 .   ? -4.786  5.598   0.161   1.00 26.36 ? 122 HEM A CBC 1 
HETATM 1025 C  C1D . HEM F 3 .   ? -4.338  1.275   3.819   1.00 21.29 ? 122 HEM A C1D 1 
HETATM 1026 C  C2D . HEM F 3 .   ? -3.685  0.038   3.421   1.00 24.44 ? 122 HEM A C2D 1 
HETATM 1027 C  C3D . HEM F 3 .   ? -3.523  -0.708  4.562   1.00 25.12 ? 122 HEM A C3D 1 
HETATM 1028 C  C4D . HEM F 3 .   ? -4.032  0.102   5.658   1.00 25.21 ? 122 HEM A C4D 1 
HETATM 1029 C  CMD . HEM F 3 .   ? -3.228  -0.329  2.002   1.00 20.99 ? 122 HEM A CMD 1 
HETATM 1030 C  CAD . HEM F 3 .   ? -2.930  -2.119  4.680   1.00 24.09 ? 122 HEM A CAD 1 
HETATM 1031 C  CBD . HEM F 3 .   ? -3.866  -3.277  4.364   1.00 25.52 ? 122 HEM A CBD 1 
HETATM 1032 C  CGD . HEM F 3 .   ? -5.012  -3.388  5.347   1.00 27.31 ? 122 HEM A CGD 1 
HETATM 1033 O  O1D . HEM F 3 .   ? -6.167  -3.123  4.956   1.00 28.89 ? 122 HEM A O1D 1 
HETATM 1034 O  O2D . HEM F 3 .   ? -4.763  -3.742  6.513   1.00 26.26 ? 122 HEM A O2D 1 
HETATM 1035 N  NA  . HEM F 3 .   ? -5.274  1.642   7.868   1.00 24.78 ? 122 HEM A NA  1 
HETATM 1036 N  NB  . HEM F 3 .   ? -6.477  4.115   7.224   1.00 24.48 ? 122 HEM A NB  1 
HETATM 1037 N  NC  . HEM F 3 .   ? -5.661  3.854   4.601   1.00 20.37 ? 122 HEM A NC  1 
HETATM 1038 N  ND  . HEM F 3 .   ? -4.563  1.310   5.192   1.00 22.31 ? 122 HEM A ND  1 
HETATM 1039 FE FE  . HEM F 3 .   ? -5.484  2.766   6.227   1.00 21.24 ? 122 HEM A FE  1 
HETATM 1040 O  O   . HOH G 4 .   ? -7.256  1.407   -5.940  1.00 23.40 ? 201 HOH A O   1 
HETATM 1041 O  O   . HOH G 4 .   ? 2.196   1.528   -3.131  1.00 14.51 ? 202 HOH A O   1 
HETATM 1042 O  O   . HOH G 4 .   ? 6.052   -5.529  -3.360  1.00 16.45 ? 203 HOH A O   1 
HETATM 1043 O  O   . HOH G 4 .   ? -11.153 11.736  -0.112  1.00 3.22  ? 204 HOH A O   1 
HETATM 1044 O  O   . HOH G 4 .   ? 8.642   -5.130  -3.861  1.00 9.57  ? 205 HOH A O   1 
HETATM 1045 O  O   . HOH G 4 .   ? 5.036   8.847   -9.679  0.83 34.78 ? 206 HOH A O   1 
HETATM 1046 O  O   . HOH G 4 .   ? 10.628  5.769   -9.290  1.00 46.07 ? 207 HOH A O   1 
HETATM 1047 O  O   . HOH G 4 .   ? 2.238   9.587   -9.336  0.84 29.29 ? 208 HOH A O   1 
HETATM 1048 O  O   . HOH G 4 .   ? 10.524  3.610   -4.795  1.00 29.54 ? 209 HOH A O   1 
HETATM 1049 O  O   . HOH G 4 .   ? -1.500  6.152   -13.192 0.94 26.40 ? 210 HOH A O   1 
HETATM 1050 O  O   . HOH G 4 .   ? 8.801   -7.810  -4.839  1.00 12.93 ? 211 HOH A O   1 
HETATM 1051 O  O   . HOH G 4 .   ? 10.769  -8.504  -2.873  1.00 19.75 ? 212 HOH A O   1 
HETATM 1052 O  O   . HOH G 4 .   ? -8.639  11.046  7.746   1.00 57.06 ? 213 HOH A O   1 
HETATM 1053 O  O   . HOH G 4 .   ? 7.654   1.893   6.418   0.80 25.73 ? 214 HOH A O   1 
HETATM 1054 O  O   . HOH G 4 .   ? 3.310   13.593  1.338   1.00 33.19 ? 215 HOH A O   1 
HETATM 1055 O  O   . HOH G 4 .   ? -7.756  -2.517  7.183   1.00 21.38 ? 216 HOH A O   1 
HETATM 1056 O  O   . HOH G 4 .   ? 3.958   11.547  -5.807  1.00 37.00 ? 217 HOH A O   1 
HETATM 1057 O  O   . HOH G 4 .   ? 8.309   6.354   -14.513 0.97 30.28 ? 218 HOH A O   1 
HETATM 1058 O  O   . HOH G 4 .   ? 3.674   19.070  -10.774 0.51 20.28 ? 219 HOH A O   1 
HETATM 1059 O  O   . HOH G 4 .   ? -4.443  13.113  -10.059 0.76 34.75 ? 220 HOH A O   1 
HETATM 1060 O  O   . HOH G 4 .   ? 1.902   0.800   -12.679 1.00 31.67 ? 221 HOH A O   1 
HETATM 1061 O  O   . HOH G 4 .   ? 6.763   6.244   -11.923 1.00 34.80 ? 222 HOH A O   1 
HETATM 1062 O  O   . HOH G 4 .   ? 19.915  -6.007  -4.220  0.80 44.22 ? 223 HOH A O   1 
HETATM 1063 O  O   . HOH G 4 .   ? 14.201  -14.973 -8.131  0.98 14.48 ? 224 HOH A O   1 
HETATM 1064 O  O   . HOH G 4 .   ? 0.884   -1.070  12.443  0.93 24.17 ? 225 HOH A O   1 
HETATM 1065 O  O   . HOH G 4 .   ? 11.034  -11.260 2.682   0.80 45.95 ? 226 HOH A O   1 
HETATM 1066 O  O   . HOH G 4 .   ? -8.663  12.454  -12.662 0.68 45.47 ? 227 HOH A O   1 
HETATM 1067 O  O   . HOH G 4 .   ? 1.074   -12.245 1.828   0.60 34.53 ? 228 HOH A O   1 
HETATM 1068 O  O   . HOH G 4 .   ? -7.284  -10.611 -3.335  0.80 21.72 ? 229 HOH A O   1 
HETATM 1069 O  O   . HOH G 4 .   ? -1.445  16.253  -9.766  0.67 22.99 ? 230 HOH A O   1 
HETATM 1070 O  O   . HOH G 4 .   ? 2.088   10.435  -16.509 0.87 46.12 ? 231 HOH A O   1 
HETATM 1071 O  O   . HOH G 4 .   ? 6.664   4.149   -18.204 1.00 53.29 ? 232 HOH A O   1 
HETATM 1072 O  O   . HOH G 4 .   ? -3.881  4.473   -16.177 1.00 43.18 ? 233 HOH A O   1 
HETATM 1073 O  O   . HOH G 4 .   ? 9.379   10.404  -0.910  0.56 31.80 ? 234 HOH A O   1 
HETATM 1074 O  O   . HOH G 4 .   ? -2.137  8.907   9.525   0.57 55.07 ? 235 HOH A O   1 
HETATM 1075 O  O   . HOH G 4 .   ? 5.707   9.888   -7.301  0.50 9.96  ? 236 HOH A O   1 
HETATM 1076 O  O   . HOH G 4 .   ? -9.329  13.771  -0.507  0.80 45.27 ? 237 HOH A O   1 
HETATM 1077 O  O   . HOH G 4 .   ? 9.672   -13.910 -3.499  0.82 30.63 ? 238 HOH A O   1 
HETATM 1078 O  O   . HOH G 4 .   ? -0.594  -9.880  16.325  0.69 38.23 ? 239 HOH A O   1 
HETATM 1079 O  O   . HOH G 4 .   ? -10.364 -5.320  7.829   0.87 30.99 ? 240 HOH A O   1 
HETATM 1080 O  O   . HOH G 4 .   ? -3.670  9.651   7.133   0.83 44.29 ? 241 HOH A O   1 
HETATM 1081 O  O   . HOH G 4 .   ? -0.464  -0.367  -11.476 0.99 43.98 ? 242 HOH A O   1 
HETATM 1082 O  O   . HOH G 4 .   ? -3.727  16.449  -10.857 0.81 49.20 ? 243 HOH A O   1 
HETATM 1083 O  O   . HOH G 4 .   ? -2.963  19.558  -18.466 0.79 61.41 ? 244 HOH A O   1 
HETATM 1084 O  O   . HOH G 4 .   ? 15.055  -4.029  0.814   0.57 21.07 ? 245 HOH A O   1 
HETATM 1085 O  O   . HOH G 4 .   ? -18.578 -4.975  -4.133  0.80 44.78 ? 246 HOH A O   1 
HETATM 1086 O  O   . HOH G 4 .   ? -13.881 0.657   11.171  0.76 42.88 ? 247 HOH A O   1 
HETATM 1087 O  O   . HOH G 4 .   ? -5.879  -8.964  18.860  0.67 30.77 ? 248 HOH A O   1 
HETATM 1088 O  O   . HOH G 4 .   ? 14.742  -0.029  -1.879  0.98 62.86 ? 249 HOH A O   1 
HETATM 1089 O  O   . HOH G 4 .   ? 14.269  2.704   -2.307  0.68 42.45 ? 250 HOH A O   1 
HETATM 1090 O  O   . HOH G 4 .   ? -5.354  13.274  -4.187  0.85 43.49 ? 251 HOH A O   1 
HETATM 1091 O  O   . HOH G 4 .   ? -0.603  11.382  -16.271 0.73 39.00 ? 252 HOH A O   1 
HETATM 1092 O  O   . HOH G 4 .   ? 3.786   5.238   -18.494 0.58 21.36 ? 253 HOH A O   1 
HETATM 1093 O  O   . HOH G 4 .   ? -13.744 1.080   6.835   0.88 29.46 ? 254 HOH A O   1 
HETATM 1094 O  O   . HOH G 4 .   ? -19.667 -0.830  2.108   0.87 37.59 ? 255 HOH A O   1 
HETATM 1095 O  O   . HOH G 4 .   ? 2.417   -3.867  20.416  0.77 42.58 ? 256 HOH A O   1 
HETATM 1096 O  O   . HOH G 4 .   ? -5.082  4.930   13.264  0.54 17.06 ? 257 HOH A O   1 
HETATM 1097 O  O   . HOH G 4 .   ? 11.406  -12.147 -0.036  0.78 36.18 ? 258 HOH A O   1 
HETATM 1098 O  O   . HOH G 4 .   ? -7.095  -10.599 12.006  0.56 26.03 ? 259 HOH A O   1 
HETATM 1099 O  O   . HOH G 4 .   ? 0.569   9.440   11.550  0.68 26.49 ? 260 HOH A O   1 
HETATM 1100 O  O   . HOH G 4 .   ? -10.742 0.137   -1.700  0.77 26.27 ? 261 HOH A O   1 
HETATM 1101 O  O   . HOH G 4 .   ? 0.765   14.886  -11.278 0.77 27.08 ? 262 HOH A O   1 
HETATM 1102 O  O   . HOH G 4 .   ? 15.385  -5.768  5.750   0.56 19.66 ? 263 HOH A O   1 
HETATM 1103 O  O   . HOH G 4 .   ? 3.918   -12.133 8.630   0.71 33.92 ? 264 HOH A O   1 
HETATM 1104 O  O   . HOH G 4 .   ? -5.093  21.364  -18.718 0.64 32.49 ? 265 HOH A O   1 
HETATM 1105 O  O   . HOH G 4 .   ? -6.888  19.320  -17.688 0.51 31.89 ? 266 HOH A O   1 
# 
